data_4BIL
#
_entry.id   4BIL
#
_cell.length_a   1.000
_cell.length_b   1.000
_cell.length_c   1.000
_cell.angle_alpha   90.00
_cell.angle_beta   90.00
_cell.angle_gamma   90.00
#
_symmetry.space_group_name_H-M   'P 1'
#
_entity_poly.entity_id   1
_entity_poly.type   'polypeptide(L)'
_entity_poly.pdbx_seq_one_letter_code
;MSTQSNRNALVVAQLKGDFVAFLFVLWKALNLPVPTKCQIDMAKVLANGDNKKFILQAFRGIGKSFITCAFVVWSLWRDP
QLKILIVSASKERADANSIFIKNIIDLLPFLSELKPRPGQRDSVISFDVGPANPDHSPSVKSVGITGQLTGSRADIIIAD
DVEIPSNSATMGAREKLWTLVQEFAALLKPLPSSRVIYLGTPQTEMTLYKELEDNRGYTTIIWPALYPRTREENLYYSQR
LAPMLRAEYDENPEALAGTPTDPVRFDRDDLRERELEYGKAGFTLQFMLNPNLSDAEKYPLRLRDAIVAALDLEKAPMHY
QWLPNRQNIIEDLPNVGLKGDDLHTYHDCSNNSGQYQQKILVIDPSGRGKDETGYAVLYTLNGYIYLMEAGGFRDGYSDK
TLELLAKKAKQWGVQTVVYESNFGDGMFGKVFSPILLKHHNCAMEEIRARGMKEMRICDTLEPVMQTHRLVIRDEV
;
_entity_poly.pdbx_strand_id   A,B,C,D,E
#
# COMPACT_ATOMS: atom_id res chain seq x y z
N MET A 1 -44.32 42.79 42.56
CA MET A 1 -43.60 42.08 43.63
C MET A 1 -43.65 40.56 43.45
N SER A 2 -44.86 40.07 43.17
CA SER A 2 -45.10 38.63 43.03
C SER A 2 -44.25 37.99 41.94
N THR A 3 -44.13 38.69 40.82
CA THR A 3 -43.35 38.20 39.67
C THR A 3 -41.86 38.05 40.04
N GLN A 4 -41.34 39.05 40.75
CA GLN A 4 -39.94 39.04 41.19
C GLN A 4 -39.67 37.91 42.18
N SER A 5 -40.60 37.73 43.11
CA SER A 5 -40.47 36.70 44.16
C SER A 5 -40.59 35.28 43.57
N ASN A 6 -41.53 35.12 42.63
CA ASN A 6 -41.73 33.85 41.94
C ASN A 6 -40.47 33.48 41.15
N ARG A 7 -39.97 34.46 40.41
CA ARG A 7 -38.73 34.29 39.62
C ARG A 7 -37.53 34.02 40.53
N ASN A 8 -37.54 34.67 41.70
CA ASN A 8 -36.48 34.51 42.70
C ASN A 8 -36.44 33.05 43.14
N ALA A 9 -37.59 32.51 43.50
CA ALA A 9 -37.71 31.10 43.89
C ALA A 9 -37.36 30.18 42.73
N LEU A 10 -37.70 30.62 41.52
CA LEU A 10 -37.51 29.84 40.31
C LEU A 10 -36.03 29.54 40.08
N VAL A 11 -35.12 30.47 40.32
CA VAL A 11 -33.68 30.24 40.06
C VAL A 11 -32.80 30.39 41.33
N VAL A 12 -33.41 30.18 42.48
CA VAL A 12 -32.67 30.11 43.75
C VAL A 12 -33.37 29.07 44.63
N ALA A 13 -33.03 27.82 44.39
CA ALA A 13 -33.69 26.69 45.06
C ALA A 13 -33.53 26.73 46.58
N GLN A 14 -32.33 27.13 47.03
CA GLN A 14 -32.04 27.20 48.47
C GLN A 14 -32.96 28.20 49.17
N LEU A 15 -33.18 29.32 48.50
CA LEU A 15 -34.06 30.36 49.04
C LEU A 15 -35.52 29.89 49.08
N LYS A 16 -35.93 29.22 48.01
CA LYS A 16 -37.28 28.66 47.92
C LYS A 16 -37.51 27.61 49.02
N GLY A 17 -36.48 26.79 49.20
CA GLY A 17 -36.50 25.67 50.17
C GLY A 17 -36.53 26.18 51.62
N ASP A 18 -35.81 27.27 51.86
CA ASP A 18 -35.69 27.84 53.22
C ASP A 18 -36.90 28.69 53.61
N PHE A 19 -37.65 29.14 52.61
CA PHE A 19 -38.68 30.18 52.83
C PHE A 19 -40.08 29.64 52.72
N VAL A 20 -40.27 28.65 51.84
CA VAL A 20 -41.63 28.25 51.45
C VAL A 20 -41.98 26.78 51.75
N ALA A 21 -40.97 25.90 51.73
CA ALA A 21 -41.17 24.47 52.08
C ALA A 21 -41.38 24.34 53.56
N PHE A 22 -42.51 23.71 53.99
CA PHE A 22 -43.03 23.63 55.37
C PHE A 22 -43.38 22.20 55.77
N LEU A 23 -43.69 21.98 57.04
CA LEU A 23 -43.99 20.63 57.54
C LEU A 23 -45.29 20.49 58.34
N PHE A 24 -45.77 21.61 58.91
CA PHE A 24 -46.96 21.59 59.77
C PHE A 24 -46.69 20.78 61.05
N VAL A 25 -46.31 21.50 62.10
CA VAL A 25 -46.05 20.89 63.41
C VAL A 25 -47.31 21.00 64.29
N LEU A 26 -47.44 20.05 65.20
CA LEU A 26 -48.60 19.99 66.10
C LEU A 26 -48.58 21.08 67.18
N TRP A 27 -47.38 21.56 67.53
CA TRP A 27 -47.24 22.55 68.61
C TRP A 27 -47.07 23.98 68.11
N LYS A 28 -46.48 24.11 66.94
CA LYS A 28 -46.18 25.45 66.39
C LYS A 28 -46.86 25.71 65.05
N ALA A 29 -47.75 24.80 64.64
CA ALA A 29 -48.48 24.90 63.37
C ALA A 29 -47.51 24.79 62.18
N LEU A 30 -47.87 25.42 61.07
CA LEU A 30 -47.05 25.46 59.87
C LEU A 30 -45.74 26.20 60.11
N ASN A 31 -44.65 25.44 60.10
CA ASN A 31 -43.29 26.00 60.30
C ASN A 31 -42.41 25.69 59.08
N LEU A 32 -41.40 26.53 58.91
CA LEU A 32 -40.38 26.31 57.87
C LEU A 32 -39.54 25.06 58.22
N PRO A 33 -39.26 24.21 57.26
CA PRO A 33 -38.33 23.08 57.29
C PRO A 33 -36.99 23.72 57.48
N VAL A 34 -36.29 23.15 58.45
CA VAL A 34 -34.94 23.59 58.80
C VAL A 34 -33.93 22.73 58.01
N PRO A 35 -33.49 23.23 56.87
CA PRO A 35 -32.55 22.53 55.99
C PRO A 35 -31.23 22.30 56.72
N THR A 36 -30.57 21.22 56.34
CA THR A 36 -29.24 20.89 56.89
C THR A 36 -28.20 21.16 55.80
N LYS A 37 -26.97 21.35 56.24
CA LYS A 37 -25.86 21.69 55.34
C LYS A 37 -25.70 20.67 54.19
N CYS A 38 -25.94 19.41 54.50
CA CYS A 38 -25.84 18.37 53.47
C CYS A 38 -26.99 18.46 52.46
N GLN A 39 -28.17 18.77 52.97
CA GLN A 39 -29.36 18.95 52.14
C GLN A 39 -29.24 20.18 51.23
N ILE A 40 -28.69 21.24 51.80
CA ILE A 40 -28.45 22.49 51.06
C ILE A 40 -27.45 22.24 49.92
N ASP A 41 -26.40 21.49 50.23
CA ASP A 41 -25.37 21.12 49.24
C ASP A 41 -25.98 20.31 48.11
N MET A 42 -26.90 19.42 48.51
CA MET A 42 -27.56 18.52 47.56
C MET A 42 -28.52 19.30 46.65
N ALA A 43 -29.21 20.26 47.20
CA ALA A 43 -30.13 21.09 46.40
C ALA A 43 -29.37 21.87 45.31
N LYS A 44 -28.27 22.48 45.70
CA LYS A 44 -27.41 23.22 44.77
C LYS A 44 -26.93 22.32 43.65
N VAL A 45 -26.50 21.13 44.02
CA VAL A 45 -25.97 20.17 43.05
C VAL A 45 -27.06 19.75 42.08
N LEU A 46 -28.30 19.68 42.44
CA LEU A 46 -29.37 19.33 41.50
C LEU A 46 -30.04 20.60 41.03
N ALA A 47 -29.51 21.16 39.94
CA ALA A 47 -30.10 22.34 39.30
C ALA A 47 -29.62 22.45 37.86
N ASN A 48 -30.44 23.05 37.01
CA ASN A 48 -30.13 23.19 35.57
C ASN A 48 -28.82 23.96 35.36
N GLY A 49 -28.55 24.87 36.29
CA GLY A 49 -27.41 25.79 36.21
C GLY A 49 -26.14 24.95 36.40
N ASP A 50 -26.28 23.95 37.25
CA ASP A 50 -25.18 23.02 37.54
C ASP A 50 -25.53 21.62 37.04
N ASN A 51 -24.72 21.17 36.11
CA ASN A 51 -24.82 19.84 35.51
C ASN A 51 -26.24 19.61 34.97
N LYS A 52 -26.93 18.58 35.51
CA LYS A 52 -27.97 17.81 34.81
C LYS A 52 -28.12 16.36 35.33
N LYS A 53 -26.98 15.73 35.58
CA LYS A 53 -26.87 14.36 36.08
C LYS A 53 -26.12 14.35 37.41
N PHE A 54 -26.78 13.89 38.45
CA PHE A 54 -26.17 13.84 39.78
C PHE A 54 -26.43 12.50 40.45
N ILE A 55 -25.43 12.05 41.19
CA ILE A 55 -25.51 10.78 41.95
C ILE A 55 -25.02 11.01 43.37
N LEU A 56 -25.85 10.62 44.32
CA LEU A 56 -25.52 10.75 45.74
C LEU A 56 -25.31 9.39 46.36
N GLN A 57 -24.18 9.29 47.04
CA GLN A 57 -23.88 8.11 47.82
C GLN A 57 -24.06 8.49 49.29
N ALA A 58 -25.26 8.35 49.79
CA ALA A 58 -25.57 8.77 51.16
C ALA A 58 -25.71 7.56 52.08
N PHE A 59 -25.62 7.80 53.37
CA PHE A 59 -25.87 6.75 54.37
C PHE A 59 -27.38 6.69 54.64
N ARG A 60 -27.77 5.76 55.47
CA ARG A 60 -29.18 5.57 55.85
C ARG A 60 -29.50 6.37 57.11
N GLY A 61 -30.74 6.56 57.48
CA GLY A 61 -31.08 7.42 58.64
C GLY A 61 -30.66 8.88 58.44
N ILE A 62 -30.53 9.30 57.18
CA ILE A 62 -30.45 10.72 56.84
C ILE A 62 -31.77 11.05 56.13
N GLY A 63 -32.41 12.12 56.60
CA GLY A 63 -33.73 12.54 56.09
C GLY A 63 -33.65 13.04 54.64
N LYS A 64 -32.98 12.27 53.78
CA LYS A 64 -32.76 12.61 52.37
C LYS A 64 -34.10 12.92 51.69
N SER A 65 -35.14 12.16 52.00
CA SER A 65 -36.42 12.29 51.31
C SER A 65 -36.96 13.73 51.44
N PHE A 66 -36.61 14.36 52.55
CA PHE A 66 -37.03 15.74 52.85
C PHE A 66 -36.46 16.69 51.80
N ILE A 67 -35.26 16.42 51.38
CA ILE A 67 -34.61 17.27 50.35
C ILE A 67 -35.03 16.89 48.96
N THR A 68 -35.11 15.58 48.74
CA THR A 68 -35.48 15.05 47.42
C THR A 68 -36.89 15.53 47.06
N CYS A 69 -37.75 15.60 48.08
CA CYS A 69 -39.13 16.09 47.90
C CYS A 69 -39.15 17.58 47.57
N ALA A 70 -38.33 18.35 48.28
CA ALA A 70 -38.23 19.80 48.05
C ALA A 70 -37.71 20.12 46.64
N PHE A 71 -36.81 19.29 46.15
CA PHE A 71 -36.24 19.49 44.81
C PHE A 71 -37.27 19.16 43.72
N VAL A 72 -37.90 18.00 43.88
CA VAL A 72 -38.91 17.55 42.92
C VAL A 72 -40.08 18.54 42.85
N VAL A 73 -40.45 19.06 44.03
CA VAL A 73 -41.48 20.09 44.11
C VAL A 73 -40.96 21.28 43.26
N TRP A 74 -39.83 21.82 43.65
CA TRP A 74 -39.29 23.03 43.03
C TRP A 74 -39.24 22.87 41.50
N SER A 75 -38.94 21.66 41.05
CA SER A 75 -38.84 21.37 39.61
C SER A 75 -40.19 21.60 38.92
N LEU A 76 -41.19 20.87 39.39
CA LEU A 76 -42.54 20.92 38.81
C LEU A 76 -43.23 22.28 38.95
N TRP A 77 -42.99 22.91 40.09
CA TRP A 77 -43.62 24.22 40.38
C TRP A 77 -43.07 25.37 39.55
N ARG A 78 -41.83 25.22 39.07
CA ARG A 78 -41.17 26.31 38.32
C ARG A 78 -40.71 25.89 36.93
N ASP A 79 -41.33 24.85 36.41
CA ASP A 79 -41.07 24.44 35.04
C ASP A 79 -41.72 25.40 34.06
N PRO A 80 -41.06 25.61 32.92
CA PRO A 80 -41.56 26.51 31.86
C PRO A 80 -42.74 25.85 31.17
N GLN A 81 -43.86 25.75 31.90
CA GLN A 81 -45.13 25.17 31.38
C GLN A 81 -44.92 23.75 30.85
N LEU A 82 -43.97 23.05 31.46
CA LEU A 82 -43.59 21.73 30.97
C LEU A 82 -43.16 20.86 32.14
N LYS A 83 -43.21 19.53 32.02
CA LYS A 83 -42.18 18.56 32.40
C LYS A 83 -42.76 17.47 33.26
N ILE A 84 -42.41 16.27 32.73
CA ILE A 84 -42.77 14.99 33.35
C ILE A 84 -41.62 14.45 34.19
N LEU A 85 -41.98 14.08 35.40
CA LEU A 85 -41.02 13.52 36.35
C LEU A 85 -41.45 12.11 36.70
N ILE A 86 -40.51 11.20 36.58
CA ILE A 86 -40.72 9.78 36.93
C ILE A 86 -39.56 9.31 37.80
N VAL A 87 -39.89 8.38 38.68
CA VAL A 87 -38.88 7.75 39.56
C VAL A 87 -38.89 6.23 39.34
N SER A 88 -37.73 5.65 39.54
CA SER A 88 -37.58 4.19 39.45
C SER A 88 -37.32 3.63 40.85
N ALA A 89 -38.17 2.69 41.23
CA ALA A 89 -38.10 2.10 42.59
C ALA A 89 -38.92 0.83 42.66
N SER A 90 -38.58 -0.12 43.48
CA SER A 90 -39.28 -1.43 43.55
C SER A 90 -40.59 -1.38 44.34
N LYS A 91 -40.82 -0.24 44.98
CA LYS A 91 -41.98 -0.11 45.82
C LYS A 91 -42.87 1.07 45.38
N GLU A 92 -44.12 1.05 45.85
CA GLU A 92 -44.63 1.80 47.02
C GLU A 92 -43.60 2.77 47.67
N ARG A 93 -42.33 2.49 47.48
CA ARG A 93 -41.16 3.25 47.92
C ARG A 93 -41.18 4.56 47.15
N ALA A 94 -41.40 4.49 45.83
CA ALA A 94 -41.49 5.68 44.98
C ALA A 94 -42.76 6.48 45.28
N ASP A 95 -43.80 5.77 45.72
CA ASP A 95 -45.06 6.40 46.13
C ASP A 95 -44.85 7.22 47.39
N ALA A 96 -44.01 6.72 48.28
CA ALA A 96 -43.66 7.42 49.54
C ALA A 96 -42.89 8.70 49.26
N ASN A 97 -42.03 8.67 48.24
CA ASN A 97 -41.23 9.83 47.85
C ASN A 97 -42.10 10.98 47.36
N SER A 98 -43.03 10.64 46.46
CA SER A 98 -43.95 11.63 45.89
C SER A 98 -44.96 12.12 46.93
N ILE A 99 -45.24 11.29 47.91
CA ILE A 99 -46.14 11.68 49.00
C ILE A 99 -45.54 12.88 49.70
N PHE A 100 -44.23 12.83 49.92
CA PHE A 100 -43.47 13.87 50.63
C PHE A 100 -43.38 15.11 49.77
N ILE A 101 -43.28 14.88 48.48
CA ILE A 101 -43.23 15.99 47.51
C ILE A 101 -44.58 16.71 47.50
N LYS A 102 -45.65 15.91 47.66
CA LYS A 102 -47.02 16.42 47.77
C LYS A 102 -47.19 17.15 49.09
N ASN A 103 -46.54 16.65 50.14
CA ASN A 103 -46.55 17.29 51.46
C ASN A 103 -45.88 18.67 51.40
N ILE A 104 -44.91 18.80 50.51
CA ILE A 104 -44.23 20.08 50.27
C ILE A 104 -45.12 21.02 49.46
N ILE A 105 -45.65 20.49 48.36
CA ILE A 105 -46.50 21.25 47.44
C ILE A 105 -47.71 21.85 48.18
N ASP A 106 -48.35 20.99 48.98
CA ASP A 106 -49.62 21.34 49.63
C ASP A 106 -49.47 22.51 50.61
N LEU A 107 -48.23 22.76 51.04
CA LEU A 107 -47.94 23.83 52.00
C LEU A 107 -47.48 25.14 51.39
N LEU A 108 -47.23 25.08 50.09
CA LEU A 108 -46.88 26.29 49.32
C LEU A 108 -48.04 27.29 49.30
N PRO A 109 -47.70 28.58 49.26
CA PRO A 109 -48.65 29.68 49.07
C PRO A 109 -49.23 29.58 47.66
N PHE A 110 -50.37 30.24 47.47
CA PHE A 110 -51.10 30.22 46.18
C PHE A 110 -50.25 30.58 44.97
N LEU A 111 -49.46 31.63 45.15
CA LEU A 111 -48.68 32.19 44.03
C LEU A 111 -47.55 31.26 43.55
N SER A 112 -47.11 30.37 44.43
CA SER A 112 -46.04 29.42 44.09
C SER A 112 -46.63 28.06 43.74
N GLU A 113 -47.83 27.85 44.26
CA GLU A 113 -48.62 26.69 43.96
C GLU A 113 -49.33 26.74 42.57
N LEU A 114 -48.91 25.94 41.57
CA LEU A 114 -49.71 25.63 40.39
C LEU A 114 -50.95 24.83 40.77
N LYS A 115 -52.01 25.08 40.00
CA LYS A 115 -53.28 24.38 40.19
C LYS A 115 -53.08 22.87 39.96
N PRO A 116 -53.74 22.06 40.79
CA PRO A 116 -53.67 20.59 40.72
C PRO A 116 -54.76 20.01 39.81
N ARG A 117 -54.31 19.32 38.77
CA ARG A 117 -55.24 18.62 37.86
C ARG A 117 -55.55 17.22 38.45
N PRO A 118 -54.57 16.31 38.48
CA PRO A 118 -54.70 15.05 39.21
C PRO A 118 -53.80 15.10 40.45
N GLY A 119 -54.21 14.29 41.42
CA GLY A 119 -53.55 14.21 42.72
C GLY A 119 -53.85 12.93 43.46
N GLN A 120 -53.09 11.90 43.13
CA GLN A 120 -53.31 10.56 43.73
C GLN A 120 -54.68 9.98 43.35
N ARG A 121 -55.17 10.38 42.19
CA ARG A 121 -56.46 9.90 41.70
C ARG A 121 -56.41 8.39 41.47
N ASP A 122 -57.53 7.72 41.71
CA ASP A 122 -57.65 6.27 41.54
C ASP A 122 -56.65 5.52 42.43
N SER A 123 -56.26 6.16 43.55
CA SER A 123 -55.32 5.56 44.52
C SER A 123 -54.03 5.11 43.84
N VAL A 124 -53.48 6.09 43.16
CA VAL A 124 -52.15 6.08 42.60
C VAL A 124 -51.39 7.23 43.27
N ILE A 125 -50.08 7.47 43.17
CA ILE A 125 -49.08 6.94 42.21
C ILE A 125 -48.83 8.00 41.12
N SER A 126 -49.42 9.18 41.27
CA SER A 126 -49.25 10.23 40.26
C SER A 126 -49.92 11.54 40.67
N PHE A 127 -49.28 12.63 40.26
CA PHE A 127 -49.84 13.98 40.40
C PHE A 127 -49.59 14.76 39.11
N ASP A 128 -50.49 15.68 38.81
CA ASP A 128 -50.41 16.51 37.60
C ASP A 128 -50.24 15.70 36.29
N VAL A 129 -50.97 14.62 36.17
CA VAL A 129 -51.10 13.77 34.98
C VAL A 129 -51.73 14.57 33.85
N GLY A 130 -51.12 14.36 32.69
CA GLY A 130 -51.59 15.03 31.48
C GLY A 130 -51.14 16.50 31.47
N PRO A 131 -51.24 17.12 30.29
CA PRO A 131 -50.84 18.51 30.08
C PRO A 131 -51.44 19.39 31.17
N ALA A 132 -50.70 20.39 31.60
CA ALA A 132 -51.05 21.20 32.80
C ALA A 132 -49.96 22.15 33.28
N ASN A 133 -48.72 21.70 33.19
CA ASN A 133 -48.23 20.54 32.42
C ASN A 133 -47.38 19.52 33.13
N PRO A 134 -46.57 20.05 34.06
CA PRO A 134 -45.62 19.22 34.80
C PRO A 134 -46.35 18.13 35.59
N ASP A 135 -45.71 16.99 35.73
CA ASP A 135 -46.26 15.82 36.44
C ASP A 135 -45.16 15.05 37.18
N HIS A 136 -45.57 14.30 38.18
CA HIS A 136 -44.69 13.38 38.91
C HIS A 136 -45.35 12.01 39.03
N SER A 137 -44.64 10.99 38.53
CA SER A 137 -45.18 9.62 38.54
C SER A 137 -44.26 8.64 39.28
N PRO A 138 -44.82 8.10 40.36
CA PRO A 138 -44.22 6.99 41.12
C PRO A 138 -44.30 5.68 40.34
N SER A 139 -43.14 5.09 40.10
CA SER A 139 -43.06 3.81 39.37
C SER A 139 -42.07 2.85 40.02
N VAL A 140 -42.46 1.58 39.94
CA VAL A 140 -41.55 0.47 40.20
C VAL A 140 -40.45 0.38 39.14
N LYS A 141 -39.18 0.26 39.53
CA LYS A 141 -38.09 0.17 38.55
C LYS A 141 -37.99 -1.27 38.03
N SER A 142 -38.54 -2.21 38.77
CA SER A 142 -38.50 -3.63 38.39
C SER A 142 -39.25 -3.88 37.07
N VAL A 143 -40.33 -3.13 36.85
CA VAL A 143 -41.14 -3.26 35.63
C VAL A 143 -40.43 -2.56 34.45
N GLY A 144 -40.23 -1.24 34.62
CA GLY A 144 -39.45 -0.40 33.75
C GLY A 144 -38.10 -1.04 33.83
N ILE A 145 -37.40 -1.49 32.82
CA ILE A 145 -37.32 -1.01 31.43
C ILE A 145 -38.58 -0.49 30.74
N THR A 146 -39.73 -1.06 31.09
CA THR A 146 -41.03 -0.62 30.56
C THR A 146 -41.32 0.86 30.87
N GLY A 147 -41.04 1.29 32.09
CA GLY A 147 -41.34 2.64 32.59
C GLY A 147 -40.55 3.71 31.86
N GLN A 148 -39.28 3.42 31.56
CA GLN A 148 -38.39 4.37 30.90
C GLN A 148 -38.75 4.60 29.44
N LEU A 149 -38.86 3.52 28.68
CA LEU A 149 -39.18 3.57 27.25
C LEU A 149 -40.57 4.14 26.98
N THR A 150 -41.52 3.70 27.79
CA THR A 150 -42.95 4.03 27.60
C THR A 150 -43.26 5.52 27.83
N GLY A 151 -42.47 6.15 28.71
CA GLY A 151 -42.68 7.56 29.06
C GLY A 151 -42.72 8.44 27.79
N SER A 152 -43.57 9.45 27.85
CA SER A 152 -43.72 10.38 26.71
C SER A 152 -43.25 11.74 27.16
N ARG A 153 -42.16 12.19 26.56
CA ARG A 153 -41.52 13.50 26.84
C ARG A 153 -41.11 13.58 28.31
N ALA A 154 -40.42 12.53 28.77
CA ALA A 154 -39.80 12.51 30.11
C ALA A 154 -38.89 13.73 30.25
N ASP A 155 -38.84 14.31 31.43
CA ASP A 155 -37.97 15.46 31.62
C ASP A 155 -36.97 15.16 32.70
N ILE A 156 -37.39 14.49 33.78
CA ILE A 156 -36.54 14.08 34.93
C ILE A 156 -36.81 12.69 35.38
N ILE A 157 -35.71 12.06 35.74
CA ILE A 157 -35.77 10.72 36.32
C ILE A 157 -35.02 10.73 37.65
N ILE A 158 -35.75 10.46 38.71
CA ILE A 158 -35.13 10.30 40.04
C ILE A 158 -35.16 8.80 40.39
N ALA A 159 -34.02 8.24 40.74
CA ALA A 159 -33.93 6.81 41.05
C ALA A 159 -33.61 6.58 42.52
N ASP A 160 -34.66 6.19 43.24
CA ASP A 160 -34.57 5.91 44.68
C ASP A 160 -33.83 4.58 44.91
N ASP A 161 -33.03 4.54 45.98
CA ASP A 161 -32.27 3.38 46.48
C ASP A 161 -31.77 2.53 45.32
N VAL A 162 -31.13 3.21 44.37
CA VAL A 162 -30.61 2.60 43.13
C VAL A 162 -29.72 1.37 43.36
N GLU A 163 -29.02 1.33 44.47
CA GLU A 163 -28.15 0.21 44.76
C GLU A 163 -28.86 -1.10 45.11
N ILE A 164 -30.06 -0.97 45.65
CA ILE A 164 -30.90 -2.15 46.01
C ILE A 164 -31.97 -2.60 44.96
N PRO A 165 -31.94 -2.12 43.73
CA PRO A 165 -32.79 -2.56 42.62
C PRO A 165 -32.09 -3.69 41.89
N SER A 166 -32.63 -4.89 42.06
CA SER A 166 -32.15 -6.09 41.35
C SER A 166 -32.47 -6.02 39.85
N ASN A 167 -31.63 -6.67 39.06
CA ASN A 167 -31.77 -6.75 37.60
C ASN A 167 -31.94 -5.34 36.99
N SER A 168 -31.07 -4.44 37.45
CA SER A 168 -31.12 -3.03 37.06
C SER A 168 -30.47 -2.78 35.69
N ALA A 169 -29.60 -3.69 35.27
CA ALA A 169 -28.80 -3.54 34.05
C ALA A 169 -29.64 -3.19 32.81
N THR A 170 -30.81 -3.82 32.71
CA THR A 170 -31.72 -3.57 31.57
C THR A 170 -32.40 -2.21 31.72
N MET A 171 -32.81 -1.91 32.96
CA MET A 171 -33.45 -0.63 33.27
C MET A 171 -32.43 0.50 33.07
N GLY A 172 -31.19 0.24 33.42
CA GLY A 172 -30.10 1.22 33.26
C GLY A 172 -29.81 1.49 31.77
N ALA A 173 -29.84 0.41 30.98
CA ALA A 173 -29.60 0.49 29.54
C ALA A 173 -30.71 1.30 28.83
N ARG A 174 -31.92 1.15 29.36
CA ARG A 174 -33.09 1.89 28.89
C ARG A 174 -32.93 3.37 29.16
N GLU A 175 -32.20 3.71 30.23
CA GLU A 175 -31.98 5.09 30.69
C GLU A 175 -31.00 5.83 29.81
N LYS A 176 -30.03 5.09 29.30
CA LYS A 176 -28.91 5.66 28.53
C LYS A 176 -29.35 6.63 27.45
N LEU A 177 -30.27 6.21 26.57
CA LEU A 177 -30.73 7.07 25.47
C LEU A 177 -31.45 8.33 25.94
N TRP A 178 -32.16 8.18 27.06
CA TRP A 178 -32.92 9.29 27.65
C TRP A 178 -32.01 10.43 28.12
N THR A 179 -30.76 10.10 28.44
CA THR A 179 -29.81 11.10 28.97
C THR A 179 -28.58 11.31 28.12
N LEU A 180 -28.10 10.23 27.51
CA LEU A 180 -26.80 10.21 26.83
C LEU A 180 -26.96 10.26 25.32
N VAL A 181 -26.72 11.43 24.82
CA VAL A 181 -26.78 11.75 23.38
C VAL A 181 -27.97 11.23 22.54
N GLN A 182 -29.23 11.36 22.95
CA GLN A 182 -29.79 12.03 24.17
C GLN A 182 -30.82 13.05 23.78
N GLU A 183 -32.01 12.85 24.30
CA GLU A 183 -33.05 13.89 24.27
C GLU A 183 -32.73 14.95 25.32
N PHE A 184 -31.88 14.58 26.28
CA PHE A 184 -31.47 15.45 27.38
C PHE A 184 -30.82 16.73 26.87
N ALA A 185 -29.94 16.59 25.88
CA ALA A 185 -29.25 17.77 25.31
C ALA A 185 -30.24 18.75 24.68
N ALA A 186 -31.21 18.14 23.98
CA ALA A 186 -32.22 18.88 23.28
C ALA A 186 -33.09 19.52 24.30
N LEU A 187 -33.55 18.90 25.37
CA LEU A 187 -34.40 19.45 26.42
C LEU A 187 -33.65 20.49 27.22
N LEU A 188 -32.39 20.31 27.49
CA LEU A 188 -31.62 21.31 28.25
C LEU A 188 -31.49 22.65 27.54
N LYS A 189 -31.35 22.59 26.22
CA LYS A 189 -31.34 23.83 25.39
C LYS A 189 -32.66 24.62 25.50
N PRO A 190 -33.82 23.97 25.50
CA PRO A 190 -35.17 24.44 25.65
C PRO A 190 -35.29 25.01 27.06
N LEU A 191 -34.34 24.65 27.97
CA LEU A 191 -34.45 24.94 29.42
C LEU A 191 -35.38 24.06 30.26
N PRO A 192 -35.72 22.94 29.66
CA PRO A 192 -36.21 21.78 30.23
C PRO A 192 -35.53 21.19 31.40
N SER A 193 -35.85 21.55 32.66
CA SER A 193 -35.07 20.98 33.75
C SER A 193 -35.43 19.53 33.79
N SER A 194 -34.38 18.80 33.86
CA SER A 194 -34.43 17.39 33.83
C SER A 194 -33.75 16.71 32.71
N ARG A 195 -32.87 15.74 32.99
CA ARG A 195 -32.11 15.51 34.25
C ARG A 195 -32.33 14.11 34.79
N VAL A 196 -31.32 13.69 35.54
CA VAL A 196 -31.33 12.41 36.26
C VAL A 196 -30.63 12.58 37.60
N ILE A 197 -31.36 12.22 38.64
CA ILE A 197 -30.83 12.28 40.01
C ILE A 197 -30.93 10.89 40.61
N TYR A 198 -29.78 10.38 41.02
CA TYR A 198 -29.74 9.09 41.74
C TYR A 198 -29.22 9.29 43.15
N LEU A 199 -29.95 8.72 44.09
CA LEU A 199 -29.55 8.76 45.50
C LEU A 199 -29.80 7.37 46.10
N GLY A 200 -28.85 6.93 46.92
CA GLY A 200 -28.99 5.65 47.63
C GLY A 200 -27.73 5.32 48.44
N THR A 201 -27.95 4.46 49.42
CA THR A 201 -26.87 3.85 50.19
C THR A 201 -26.24 2.74 49.33
N PRO A 202 -24.95 2.48 49.49
CA PRO A 202 -24.21 1.49 48.71
C PRO A 202 -24.63 0.08 49.09
N GLN A 203 -24.38 -0.83 48.17
CA GLN A 203 -24.69 -2.26 48.38
C GLN A 203 -23.65 -3.09 47.65
N THR A 204 -22.51 -3.22 48.29
CA THR A 204 -21.38 -4.00 47.76
C THR A 204 -20.88 -3.38 46.43
N GLU A 205 -20.26 -4.20 45.59
CA GLU A 205 -19.62 -3.86 44.33
C GLU A 205 -20.55 -4.13 43.14
N MET A 206 -21.84 -3.89 43.34
CA MET A 206 -22.83 -4.10 42.27
C MET A 206 -22.70 -3.04 41.17
N THR A 207 -23.81 -2.82 40.46
CA THR A 207 -23.89 -1.86 39.35
C THR A 207 -23.65 -0.42 39.82
N LEU A 208 -24.07 -0.14 41.06
CA LEU A 208 -23.94 1.22 41.58
C LEU A 208 -22.48 1.57 41.86
N TYR A 209 -21.69 0.61 42.28
CA TYR A 209 -20.26 0.86 42.50
C TYR A 209 -19.61 1.36 41.19
N LYS A 210 -20.08 0.81 40.07
CA LYS A 210 -19.64 1.20 38.73
C LYS A 210 -20.09 2.63 38.37
N GLU A 211 -21.30 2.97 38.82
CA GLU A 211 -21.84 4.31 38.56
C GLU A 211 -21.10 5.37 39.37
N LEU A 212 -20.92 5.08 40.66
CA LEU A 212 -20.25 5.98 41.59
C LEU A 212 -18.79 6.17 41.20
N GLU A 213 -18.15 5.08 40.81
CA GLU A 213 -16.72 5.11 40.42
C GLU A 213 -16.51 5.94 39.15
N ASP A 214 -17.42 5.77 38.19
CA ASP A 214 -17.34 6.50 36.92
C ASP A 214 -17.56 8.01 37.17
N ASN A 215 -18.45 8.31 38.11
CA ASN A 215 -18.74 9.69 38.48
C ASN A 215 -17.58 10.30 39.26
N ARG A 216 -17.09 9.56 40.25
CA ARG A 216 -16.01 9.99 41.14
C ARG A 216 -14.70 10.08 40.36
N GLY A 217 -14.55 9.24 39.35
CA GLY A 217 -13.35 9.26 38.47
C GLY A 217 -13.27 10.58 37.67
N TYR A 218 -14.40 11.26 37.59
CA TYR A 218 -14.52 12.50 36.81
C TYR A 218 -14.86 13.71 37.70
N THR A 219 -15.71 13.48 38.67
CA THR A 219 -16.18 14.52 39.61
C THR A 219 -16.21 13.96 41.02
N THR A 220 -16.50 14.85 41.96
CA THR A 220 -16.52 14.51 43.38
C THR A 220 -17.81 15.00 44.00
N ILE A 221 -18.88 14.40 43.51
CA ILE A 221 -20.23 14.61 44.04
C ILE A 221 -20.96 13.25 44.10
N ILE A 222 -21.89 13.05 45.03
CA ILE A 222 -21.97 13.75 46.32
C ILE A 222 -22.16 12.69 47.40
N TRP A 223 -21.72 12.97 48.63
CA TRP A 223 -21.85 12.03 49.74
C TRP A 223 -21.83 12.68 51.11
N PRO A 224 -22.93 12.42 51.79
CA PRO A 224 -23.03 12.74 53.23
C PRO A 224 -23.19 11.45 54.05
N ALA A 225 -22.67 11.50 55.29
CA ALA A 225 -22.66 10.47 56.35
C ALA A 225 -23.24 10.76 57.73
N LEU A 226 -23.42 9.83 58.62
CA LEU A 226 -24.13 10.11 59.89
C LEU A 226 -23.86 11.50 60.50
N TYR A 227 -22.61 11.95 60.40
CA TYR A 227 -22.18 13.24 60.98
C TYR A 227 -22.94 14.50 60.46
N PRO A 228 -23.48 14.47 59.24
CA PRO A 228 -24.34 15.47 58.63
C PRO A 228 -25.53 15.83 59.50
N ARG A 229 -26.01 14.88 60.29
CA ARG A 229 -27.04 15.17 61.29
C ARG A 229 -26.34 15.68 62.55
N THR A 230 -26.30 17.01 62.65
CA THR A 230 -25.52 17.70 63.70
C THR A 230 -26.02 17.47 65.12
N ARG A 231 -27.24 16.93 65.24
CA ARG A 231 -27.81 16.60 66.57
C ARG A 231 -26.99 15.50 67.24
N GLU A 232 -26.43 14.63 66.40
CA GLU A 232 -25.58 13.51 66.87
C GLU A 232 -24.25 13.99 67.46
N GLU A 233 -23.88 15.22 67.09
CA GLU A 233 -22.65 15.86 67.55
C GLU A 233 -22.63 16.36 68.99
N ASN A 234 -23.75 16.16 69.66
CA ASN A 234 -23.88 16.54 71.07
C ASN A 234 -24.29 15.35 71.91
N LEU A 235 -23.55 15.13 72.98
CA LEU A 235 -23.76 13.95 73.85
C LEU A 235 -24.97 14.11 74.74
N TYR A 236 -25.12 13.10 75.61
CA TYR A 236 -26.21 13.08 76.59
C TYR A 236 -26.22 14.30 77.49
N TYR A 237 -25.04 14.79 77.83
CA TYR A 237 -24.92 15.96 78.70
C TYR A 237 -25.12 17.28 77.93
N SER A 238 -25.50 17.16 76.66
CA SER A 238 -25.75 18.31 75.77
C SER A 238 -24.51 19.18 75.55
N GLN A 239 -23.36 18.53 75.42
CA GLN A 239 -22.07 19.21 75.17
C GLN A 239 -21.55 18.62 73.85
N ARG A 240 -20.99 19.51 73.05
CA ARG A 240 -20.41 19.11 71.77
C ARG A 240 -19.27 18.12 71.99
N LEU A 241 -19.39 16.99 71.30
CA LEU A 241 -18.29 16.02 71.37
C LEU A 241 -17.95 15.43 70.02
N ALA A 242 -18.38 16.12 68.98
CA ALA A 242 -18.05 15.68 67.62
C ALA A 242 -18.33 14.14 67.52
N PRO A 243 -19.60 13.84 67.38
CA PRO A 243 -20.32 12.57 67.51
C PRO A 243 -19.50 11.43 68.10
N MET A 244 -18.80 11.73 69.20
CA MET A 244 -17.98 10.67 69.81
C MET A 244 -18.79 9.61 70.57
N LEU A 245 -19.81 10.03 71.32
CA LEU A 245 -20.57 9.08 72.14
C LEU A 245 -21.79 8.52 71.43
N ARG A 246 -22.43 9.37 70.62
CA ARG A 246 -23.56 8.92 69.80
C ARG A 246 -23.12 7.73 68.93
N ALA A 247 -21.91 7.86 68.39
CA ALA A 247 -21.29 6.80 67.57
C ALA A 247 -20.99 5.56 68.41
N GLU A 248 -20.50 5.77 69.63
CA GLU A 248 -20.22 4.66 70.55
C GLU A 248 -21.52 3.92 70.93
N TYR A 249 -22.53 4.71 71.26
CA TYR A 249 -23.85 4.19 71.65
C TYR A 249 -24.53 3.47 70.48
N ASP A 250 -24.32 4.03 69.28
CA ASP A 250 -24.89 3.47 68.08
C ASP A 250 -24.10 2.24 67.72
N GLU A 251 -22.81 2.15 67.94
CA GLU A 251 -22.01 0.95 67.66
C GLU A 251 -22.46 -0.18 68.57
N ASN A 252 -22.52 0.14 69.87
CA ASN A 252 -23.13 -0.76 70.83
C ASN A 252 -24.62 -0.85 70.42
N PRO A 253 -25.54 -1.28 71.31
CA PRO A 253 -26.85 -1.77 70.89
C PRO A 253 -27.01 -2.18 69.42
N GLU A 254 -25.91 -2.61 68.79
CA GLU A 254 -25.87 -3.08 67.39
C GLU A 254 -24.46 -3.61 67.08
N ALA A 255 -23.98 -3.42 65.86
CA ALA A 255 -22.68 -3.93 65.44
C ALA A 255 -21.92 -2.91 64.59
N LEU A 256 -20.60 -3.04 64.65
CA LEU A 256 -19.72 -2.25 63.80
C LEU A 256 -20.03 -2.57 62.38
N ALA A 257 -20.27 -3.80 61.97
CA ALA A 257 -20.61 -4.20 60.59
C ALA A 257 -21.93 -3.56 60.13
N GLY A 258 -22.82 -3.35 61.10
CA GLY A 258 -24.12 -2.70 60.85
C GLY A 258 -24.01 -1.18 60.73
N THR A 259 -23.18 -0.59 61.59
CA THR A 259 -22.87 0.87 61.54
C THR A 259 -22.23 1.31 60.18
N PRO A 260 -21.37 0.61 59.51
CA PRO A 260 -20.81 0.95 58.21
C PRO A 260 -21.91 0.74 57.17
N THR A 261 -22.78 -0.24 57.43
CA THR A 261 -23.91 -0.58 56.56
C THR A 261 -24.98 0.51 56.61
N ASP A 262 -25.18 1.06 57.79
CA ASP A 262 -26.31 1.98 58.01
C ASP A 262 -25.83 3.45 57.90
N PRO A 263 -24.80 3.84 58.64
CA PRO A 263 -24.36 5.25 58.67
C PRO A 263 -23.04 5.66 58.01
N VAL A 264 -22.45 4.83 57.14
CA VAL A 264 -21.13 5.20 56.58
C VAL A 264 -21.08 5.30 55.05
N ARG A 265 -21.99 4.63 54.37
CA ARG A 265 -22.00 4.60 52.89
C ARG A 265 -20.67 4.07 52.29
N PHE A 266 -20.10 3.11 52.98
CA PHE A 266 -18.89 2.45 52.48
C PHE A 266 -19.31 1.19 51.71
N ASP A 267 -18.58 0.90 50.63
CA ASP A 267 -18.82 -0.33 49.86
C ASP A 267 -18.24 -1.53 50.58
N ARG A 268 -18.98 -2.62 50.53
CA ARG A 268 -18.63 -3.87 51.25
C ARG A 268 -17.28 -4.46 50.83
N ASP A 269 -17.26 -5.05 49.64
CA ASP A 269 -16.12 -5.85 49.16
C ASP A 269 -14.90 -5.02 48.71
N ASP A 270 -14.51 -4.04 49.49
CA ASP A 270 -13.31 -3.23 49.16
C ASP A 270 -13.03 -2.21 50.25
N LEU A 271 -11.76 -1.91 50.47
CA LEU A 271 -11.27 -0.75 51.22
C LEU A 271 -11.45 0.54 50.40
N ARG A 272 -11.24 1.68 51.04
CA ARG A 272 -11.36 2.97 50.36
C ARG A 272 -10.27 3.24 49.31
N GLU A 273 -9.10 2.64 49.51
CA GLU A 273 -7.90 2.99 48.73
C GLU A 273 -8.14 3.07 47.23
N ARG A 274 -7.51 4.08 46.62
CA ARG A 274 -7.58 4.28 45.16
C ARG A 274 -7.01 3.06 44.44
N GLU A 275 -5.82 2.64 44.88
CA GLU A 275 -5.15 1.44 44.38
C GLU A 275 -5.63 0.26 45.20
N LEU A 276 -6.12 -0.76 44.54
CA LEU A 276 -6.63 -1.98 45.21
C LEU A 276 -5.49 -2.63 45.99
N GLU A 277 -5.84 -3.21 47.13
CA GLU A 277 -4.88 -3.88 48.02
C GLU A 277 -4.31 -5.10 47.28
N TYR A 278 -5.13 -5.63 46.37
CA TYR A 278 -4.71 -6.73 45.50
C TYR A 278 -3.46 -6.37 44.69
N GLY A 279 -3.31 -5.07 44.43
CA GLY A 279 -2.15 -4.53 43.71
C GLY A 279 -1.06 -4.02 44.67
N LYS A 280 -1.50 -3.43 45.77
CA LYS A 280 -0.60 -2.89 46.80
C LYS A 280 0.21 -3.98 47.51
N ALA A 281 -0.23 -5.23 47.36
CA ALA A 281 0.42 -6.38 47.99
C ALA A 281 1.58 -6.90 47.13
N GLY A 282 1.42 -6.76 45.81
CA GLY A 282 2.41 -7.23 44.83
C GLY A 282 3.58 -6.25 44.67
N PHE A 283 3.32 -4.99 44.98
CA PHE A 283 4.30 -3.90 44.80
C PHE A 283 5.54 -4.06 45.67
N THR A 284 6.66 -4.27 44.99
CA THR A 284 7.97 -4.33 45.65
C THR A 284 8.67 -2.98 45.53
N LEU A 285 9.58 -2.73 46.45
CA LEU A 285 10.36 -1.47 46.47
C LEU A 285 11.85 -1.72 46.35
N GLN A 286 12.57 -0.64 46.09
CA GLN A 286 14.04 -0.64 46.07
C GLN A 286 14.55 0.31 47.16
N PHE A 287 15.12 -0.29 48.20
CA PHE A 287 15.67 0.46 49.34
C PHE A 287 16.97 1.19 48.94
N MET A 288 17.00 2.48 49.20
CA MET A 288 18.17 3.32 48.90
C MET A 288 18.41 4.36 50.01
N LEU A 289 19.66 4.77 50.13
CA LEU A 289 20.06 5.84 51.06
C LEU A 289 20.07 7.19 50.33
N ASN A 290 19.19 8.07 50.79
CA ASN A 290 19.03 9.42 50.22
C ASN A 290 20.26 10.33 50.47
N PRO A 291 20.41 11.41 49.72
CA PRO A 291 21.45 12.44 49.73
C PRO A 291 21.31 13.23 51.02
N ASN A 292 22.04 14.34 51.02
CA ASN A 292 21.92 15.36 52.07
C ASN A 292 20.53 15.99 51.99
N LEU A 293 20.11 16.23 50.75
CA LEU A 293 18.72 16.57 50.47
C LEU A 293 17.89 15.30 50.55
N SER A 294 16.65 15.39 50.11
CA SER A 294 15.76 14.23 50.22
C SER A 294 15.65 13.36 48.97
N ASP A 295 16.75 13.28 48.24
CA ASP A 295 16.76 12.56 46.97
C ASP A 295 16.96 11.04 47.12
N ALA A 296 16.08 10.25 46.61
CA ALA A 296 16.33 8.81 46.50
C ALA A 296 16.53 8.43 45.04
N GLU A 297 17.73 7.94 44.73
CA GLU A 297 18.08 7.51 43.37
C GLU A 297 17.89 6.00 43.23
N LYS A 298 16.88 5.62 42.46
CA LYS A 298 16.55 4.20 42.23
C LYS A 298 17.38 3.63 41.07
N TYR A 299 17.33 4.33 39.95
CA TYR A 299 18.15 4.02 38.79
C TYR A 299 18.78 5.32 38.25
N PRO A 300 20.09 5.29 38.06
CA PRO A 300 20.85 6.46 37.59
C PRO A 300 20.43 6.85 36.17
N LEU A 301 20.62 8.13 35.87
CA LEU A 301 20.33 8.66 34.54
C LEU A 301 21.19 7.94 33.49
N ARG A 302 20.60 7.72 32.32
CA ARG A 302 21.30 7.11 31.18
C ARG A 302 21.16 8.01 29.97
N LEU A 303 22.23 8.08 29.18
CA LEU A 303 22.22 8.89 27.96
C LEU A 303 21.17 8.39 26.99
N ARG A 304 20.44 9.33 26.39
CA ARG A 304 19.39 9.05 25.40
C ARG A 304 18.11 8.47 26.01
N ASP A 305 17.95 8.63 27.33
CA ASP A 305 16.71 8.25 28.00
C ASP A 305 15.91 9.49 28.36
N ALA A 306 14.62 9.46 28.06
CA ALA A 306 13.71 10.57 28.37
C ALA A 306 13.11 10.40 29.76
N ILE A 307 13.14 11.50 30.51
CA ILE A 307 12.62 11.52 31.88
C ILE A 307 11.53 12.59 31.97
N VAL A 308 10.66 12.41 32.96
CA VAL A 308 9.63 13.40 33.31
C VAL A 308 9.63 13.61 34.83
N ALA A 309 9.44 14.85 35.24
CA ALA A 309 9.40 15.16 36.68
C ALA A 309 8.12 15.88 37.06
N ALA A 310 7.58 15.48 38.19
CA ALA A 310 6.42 16.16 38.79
C ALA A 310 6.79 16.63 40.19
N LEU A 311 6.28 17.79 40.55
CA LEU A 311 6.63 18.42 41.83
C LEU A 311 5.39 18.94 42.55
N ASP A 312 5.11 18.36 43.70
CA ASP A 312 4.05 18.88 44.58
C ASP A 312 4.69 19.50 45.81
N LEU A 313 4.80 20.82 45.73
CA LEU A 313 5.40 21.62 46.81
C LEU A 313 4.54 21.60 48.07
N GLU A 314 5.22 21.80 49.20
CA GLU A 314 4.56 21.78 50.51
C GLU A 314 4.21 23.21 50.93
N LYS A 315 2.92 23.46 51.06
CA LYS A 315 2.42 24.78 51.47
C LYS A 315 2.84 25.17 52.88
N ALA A 316 3.02 24.19 53.76
CA ALA A 316 3.38 24.51 55.15
C ALA A 316 3.79 23.26 55.90
N PRO A 317 4.47 23.42 57.07
CA PRO A 317 4.88 22.36 57.99
C PRO A 317 4.12 21.11 57.64
N MET A 318 3.10 20.67 58.37
CA MET A 318 2.02 19.85 57.78
C MET A 318 2.60 18.72 56.95
N HIS A 319 2.97 19.03 55.71
CA HIS A 319 3.57 18.07 54.82
C HIS A 319 4.90 18.40 54.14
N TYR A 320 5.19 17.61 53.10
CA TYR A 320 6.50 17.52 52.44
C TYR A 320 6.47 18.00 50.99
N GLN A 321 7.65 18.33 50.49
CA GLN A 321 7.88 18.57 49.06
C GLN A 321 8.17 17.21 48.40
N TRP A 322 7.43 16.93 47.33
CA TRP A 322 7.56 15.64 46.63
C TRP A 322 7.85 15.81 45.13
N LEU A 323 9.03 15.36 44.74
CA LEU A 323 9.50 15.37 43.34
C LEU A 323 9.79 13.95 42.85
N PRO A 324 8.94 13.40 42.01
CA PRO A 324 9.17 12.13 41.29
C PRO A 324 9.80 12.45 39.94
N ASN A 325 10.72 11.57 39.57
CA ASN A 325 11.31 11.55 38.22
C ASN A 325 11.01 10.18 37.60
N ARG A 326 10.37 10.22 36.44
CA ARG A 326 9.89 9.01 35.77
C ARG A 326 10.57 8.82 34.42
N GLN A 327 11.19 7.66 34.26
CA GLN A 327 11.78 7.22 32.99
C GLN A 327 10.67 6.94 31.99
N ASN A 328 10.56 7.80 31.01
CA ASN A 328 9.50 7.74 30.01
C ASN A 328 9.81 7.03 28.70
N ILE A 329 11.08 6.68 28.57
CA ILE A 329 11.60 6.11 27.32
C ILE A 329 10.71 4.99 26.77
N ILE A 330 10.70 3.86 27.45
CA ILE A 330 10.07 2.62 27.00
C ILE A 330 8.55 2.74 27.06
N GLU A 331 7.92 1.60 26.82
CA GLU A 331 6.46 1.46 26.89
C GLU A 331 5.98 1.42 28.35
N ASP A 332 6.86 0.95 29.23
CA ASP A 332 6.58 0.90 30.66
C ASP A 332 7.39 1.99 31.39
N LEU A 333 6.70 2.97 31.92
CA LEU A 333 7.30 4.09 32.68
C LEU A 333 7.73 3.68 34.09
N PRO A 334 9.02 3.82 34.38
CA PRO A 334 9.54 3.56 35.75
C PRO A 334 9.94 4.86 36.48
N ASN A 335 9.70 4.85 37.78
CA ASN A 335 10.12 5.93 38.72
C ASN A 335 11.56 5.68 39.07
N VAL A 336 12.40 6.61 38.69
CA VAL A 336 13.86 6.43 38.84
C VAL A 336 14.46 7.28 39.97
N GLY A 337 13.70 8.26 40.47
CA GLY A 337 14.21 9.14 41.52
C GLY A 337 13.15 10.03 42.15
N LEU A 338 13.25 10.16 43.47
CA LEU A 338 12.28 10.92 44.28
C LEU A 338 12.99 11.83 45.27
N LYS A 339 12.53 13.07 45.33
CA LYS A 339 12.95 14.03 46.36
C LYS A 339 11.78 14.22 47.31
N GLY A 340 12.02 13.86 48.57
CA GLY A 340 11.00 13.96 49.64
C GLY A 340 11.57 14.65 50.88
N ASP A 341 11.15 15.88 51.14
CA ASP A 341 11.72 16.69 52.23
C ASP A 341 10.68 17.63 52.84
N ASP A 342 10.81 17.81 54.13
CA ASP A 342 10.04 18.86 54.83
C ASP A 342 11.01 19.83 55.54
N LEU A 343 12.29 19.72 55.15
CA LEU A 343 13.36 20.53 55.74
C LEU A 343 13.49 21.89 55.07
N HIS A 344 12.73 22.08 53.99
CA HIS A 344 12.73 23.34 53.24
C HIS A 344 11.98 24.42 54.01
N THR A 345 12.69 25.04 54.95
CA THR A 345 12.12 26.17 55.70
C THR A 345 12.09 27.42 54.82
N TYR A 346 13.00 27.42 53.84
CA TYR A 346 13.13 28.55 52.90
C TYR A 346 12.19 28.20 51.77
N HIS A 347 11.37 29.17 51.42
CA HIS A 347 10.50 29.13 50.22
C HIS A 347 11.38 29.11 48.95
N ASP A 348 12.67 28.91 49.15
CA ASP A 348 13.66 29.72 48.43
C ASP A 348 14.88 28.97 47.88
N CYS A 349 15.26 27.86 48.49
CA CYS A 349 16.45 27.14 48.03
C CYS A 349 16.13 25.84 47.28
N SER A 350 14.82 25.57 47.17
CA SER A 350 14.34 24.35 46.52
C SER A 350 14.57 24.35 45.01
N ASN A 351 14.28 25.45 44.35
CA ASN A 351 14.41 25.51 42.89
C ASN A 351 15.78 25.07 42.39
N ASN A 352 16.84 25.53 43.06
CA ASN A 352 18.21 25.13 42.69
C ASN A 352 18.43 23.65 42.95
N SER A 353 18.03 23.18 44.12
CA SER A 353 18.20 21.77 44.51
C SER A 353 17.49 20.81 43.54
N GLY A 354 16.26 21.19 43.18
CA GLY A 354 15.45 20.41 42.22
C GLY A 354 16.09 20.42 40.83
N GLN A 355 16.64 21.58 40.47
CA GLN A 355 17.23 21.79 39.14
C GLN A 355 18.39 20.83 38.86
N TYR A 356 19.26 20.63 39.86
CA TYR A 356 20.42 19.76 39.69
C TYR A 356 20.00 18.33 39.43
N GLN A 357 18.86 17.89 39.95
CA GLN A 357 18.32 16.55 39.68
C GLN A 357 17.67 16.47 38.30
N GLN A 358 17.00 17.56 37.92
CA GLN A 358 16.39 17.69 36.59
C GLN A 358 17.48 17.72 35.51
N LYS A 359 18.56 18.43 35.81
CA LYS A 359 19.72 18.53 34.90
C LYS A 359 20.50 17.21 34.87
N ILE A 360 20.52 16.54 36.03
CA ILE A 360 21.20 15.26 36.18
C ILE A 360 20.54 14.23 35.30
N LEU A 361 19.22 14.34 35.10
CA LEU A 361 18.40 13.42 34.32
C LEU A 361 18.12 13.97 32.91
N VAL A 362 19.18 14.34 32.19
CA VAL A 362 19.12 14.73 30.77
C VAL A 362 18.14 15.89 30.59
N ILE A 363 18.38 16.99 31.30
CA ILE A 363 17.51 18.19 31.17
C ILE A 363 16.03 17.78 31.28
N ASP A 364 15.70 17.17 32.40
CA ASP A 364 14.37 16.62 32.65
C ASP A 364 13.34 17.75 32.77
N PRO A 365 12.35 17.75 31.90
CA PRO A 365 11.19 18.65 31.98
C PRO A 365 10.39 18.33 33.24
N SER A 366 9.84 19.37 33.84
CA SER A 366 9.13 19.25 35.13
C SER A 366 7.75 19.90 35.06
N GLY A 367 6.78 19.22 35.65
CA GLY A 367 5.40 19.70 35.75
C GLY A 367 5.10 19.93 37.23
N ARG A 368 5.05 21.20 37.61
CA ARG A 368 4.86 21.59 39.02
C ARG A 368 3.40 21.93 39.34
N GLY A 369 2.94 21.42 40.46
CA GLY A 369 1.59 21.73 40.95
C GLY A 369 1.55 23.22 41.35
N LYS A 370 0.69 23.98 40.70
CA LYS A 370 0.57 25.42 40.99
C LYS A 370 -0.24 25.65 42.24
N ASP A 371 0.39 25.44 43.38
CA ASP A 371 -0.15 25.87 44.68
C ASP A 371 0.66 27.08 45.12
N GLU A 372 0.28 27.74 46.21
CA GLU A 372 0.98 28.97 46.63
C GLU A 372 2.51 28.88 46.52
N THR A 373 3.06 27.78 47.02
CA THR A 373 4.51 27.54 46.97
C THR A 373 4.96 27.17 45.55
N GLY A 374 4.13 26.41 44.85
CA GLY A 374 4.26 25.92 43.46
C GLY A 374 4.55 27.02 42.49
N TYR A 375 3.54 27.87 42.37
CA TYR A 375 3.58 29.04 41.46
C TYR A 375 4.91 29.73 41.60
N ALA A 376 5.17 29.81 42.87
CA ALA A 376 6.41 30.14 43.34
C ALA A 376 7.60 29.40 42.65
N VAL A 377 7.92 28.30 43.18
CA VAL A 377 9.04 27.52 42.63
C VAL A 377 9.08 27.51 41.09
N LEU A 378 7.89 27.60 40.51
CA LEU A 378 7.75 27.86 39.10
C LEU A 378 8.57 28.97 38.48
N TYR A 379 8.35 30.10 39.11
CA TYR A 379 9.01 31.32 38.70
C TYR A 379 10.53 31.13 38.78
N THR A 380 11.06 30.70 39.90
CA THR A 380 12.53 30.64 40.06
C THR A 380 13.18 29.72 39.03
N LEU A 381 12.52 28.61 38.74
CA LEU A 381 13.07 27.64 37.77
C LEU A 381 12.45 27.88 36.38
N ASN A 382 11.80 29.00 36.22
CA ASN A 382 11.25 29.34 34.90
C ASN A 382 12.41 29.68 33.96
N GLY A 383 12.19 29.39 32.68
CA GLY A 383 13.09 29.76 31.59
C GLY A 383 13.35 31.28 31.52
N TYR A 384 12.45 32.06 32.13
CA TYR A 384 12.52 33.53 32.08
C TYR A 384 12.71 34.12 33.48
N ILE A 385 12.21 33.42 34.49
CA ILE A 385 12.25 34.00 35.82
C ILE A 385 13.63 34.10 36.43
N TYR A 386 14.24 33.02 36.94
CA TYR A 386 15.51 33.17 37.69
C TYR A 386 16.64 32.24 37.26
N LEU A 387 16.37 30.95 37.30
CA LEU A 387 17.37 29.92 36.98
C LEU A 387 17.42 29.61 35.47
N MET A 388 16.46 30.17 34.74
CA MET A 388 16.40 30.09 33.27
C MET A 388 16.30 28.64 32.76
N GLU A 389 15.73 27.76 33.57
CA GLU A 389 15.53 26.37 33.16
C GLU A 389 14.41 26.34 32.10
N ALA A 390 14.76 25.85 30.93
CA ALA A 390 13.87 25.87 29.76
C ALA A 390 12.92 24.66 29.67
N GLY A 391 13.00 23.77 30.64
CA GLY A 391 12.19 22.53 30.64
C GLY A 391 11.21 22.46 31.83
N GLY A 392 10.40 23.51 31.91
CA GLY A 392 9.31 23.60 32.90
C GLY A 392 7.97 23.58 32.16
N PHE A 393 7.23 22.50 32.33
CA PHE A 393 5.94 22.29 31.66
C PHE A 393 4.86 23.22 32.22
N ARG A 394 4.08 23.80 31.32
CA ARG A 394 2.99 24.73 31.67
C ARG A 394 1.79 24.49 30.76
N ASP A 395 0.60 24.57 31.33
CA ASP A 395 -0.64 24.48 30.54
C ASP A 395 -1.02 25.82 29.89
N GLY A 396 -0.42 26.89 30.42
CA GLY A 396 -0.62 28.25 29.89
C GLY A 396 0.65 29.08 30.12
N TYR A 397 0.59 30.33 29.69
CA TYR A 397 1.71 31.27 29.89
C TYR A 397 1.59 32.03 31.21
N SER A 398 0.37 32.10 31.72
CA SER A 398 0.11 32.68 33.05
C SER A 398 0.38 31.64 34.15
N ASP A 399 0.12 30.39 33.79
CA ASP A 399 0.24 29.25 34.69
C ASP A 399 1.40 28.34 34.28
N LYS A 400 2.52 28.51 34.97
CA LYS A 400 3.74 27.80 34.63
C LYS A 400 3.77 26.44 35.26
N THR A 401 2.75 25.62 35.03
CA THR A 401 2.59 24.24 35.50
C THR A 401 1.17 23.75 35.54
N LEU A 402 0.83 22.87 36.48
CA LEU A 402 -0.49 22.25 36.55
C LEU A 402 -1.41 23.08 37.44
N GLU A 403 -2.32 23.79 36.77
CA GLU A 403 -3.38 24.54 37.46
C GLU A 403 -4.28 23.53 38.18
N LEU A 404 -4.46 23.75 39.47
CA LEU A 404 -5.26 22.84 40.31
C LEU A 404 -6.72 23.36 40.38
N LEU A 405 -7.01 24.40 39.64
CA LEU A 405 -8.37 24.93 39.60
C LEU A 405 -9.27 23.87 38.92
N ALA A 406 -10.42 23.64 39.57
CA ALA A 406 -11.50 22.79 39.03
C ALA A 406 -11.20 21.31 39.13
N LYS A 407 -10.96 20.81 40.36
CA LYS A 407 -11.44 19.49 40.82
C LYS A 407 -11.22 18.31 39.86
N LYS A 408 -11.52 18.51 38.59
CA LYS A 408 -11.41 17.57 37.48
C LYS A 408 -9.99 17.06 37.26
N ALA A 409 -9.00 17.95 37.34
CA ALA A 409 -7.60 17.57 37.14
C ALA A 409 -7.17 16.52 38.16
N LYS A 410 -7.53 16.76 39.41
CA LYS A 410 -7.23 15.82 40.50
C LYS A 410 -7.99 14.51 40.30
N GLN A 411 -9.27 14.64 39.94
CA GLN A 411 -10.15 13.49 39.72
C GLN A 411 -9.60 12.52 38.69
N TRP A 412 -9.45 13.03 37.47
CA TRP A 412 -8.94 12.22 36.36
C TRP A 412 -7.47 11.85 36.56
N GLY A 413 -6.75 12.71 37.28
CA GLY A 413 -5.34 12.47 37.61
C GLY A 413 -5.25 11.22 38.50
N VAL A 414 -6.15 11.11 39.45
CA VAL A 414 -6.28 9.92 40.30
C VAL A 414 -6.75 8.71 39.46
N GLN A 415 -7.70 8.97 38.60
CA GLN A 415 -8.26 7.90 37.75
C GLN A 415 -7.16 7.34 36.84
N THR A 416 -6.35 8.20 36.27
CA THR A 416 -5.27 7.75 35.37
C THR A 416 -4.14 7.09 36.18
N VAL A 417 -3.94 7.60 37.40
CA VAL A 417 -3.02 6.98 38.36
C VAL A 417 -3.22 5.55 38.66
N VAL A 418 -4.48 5.36 38.91
CA VAL A 418 -4.95 4.03 39.24
C VAL A 418 -4.65 3.10 38.08
N TYR A 419 -5.02 3.53 36.89
CA TYR A 419 -4.80 2.71 35.68
C TYR A 419 -3.32 2.43 35.46
N GLU A 420 -2.52 3.48 35.49
CA GLU A 420 -1.08 3.37 35.21
C GLU A 420 -0.42 2.37 36.17
N SER A 421 -0.75 2.50 37.45
CA SER A 421 -0.16 1.64 38.49
C SER A 421 -0.66 0.20 38.42
N ASN A 422 -1.94 0.03 38.12
CA ASN A 422 -2.57 -1.31 38.13
C ASN A 422 -2.28 -2.12 36.87
N PHE A 423 -2.22 -1.44 35.73
CA PHE A 423 -1.96 -2.09 34.43
C PHE A 423 -0.45 -2.27 34.25
N GLY A 424 0.28 -1.82 35.27
CA GLY A 424 1.74 -1.95 35.35
C GLY A 424 2.45 -1.15 34.26
N ASP A 425 1.84 -0.04 33.84
CA ASP A 425 2.49 0.87 32.88
C ASP A 425 3.51 1.74 33.63
N GLY A 426 3.15 2.09 34.86
CA GLY A 426 4.03 2.87 35.73
C GLY A 426 4.52 1.98 36.88
N MET A 427 5.84 1.96 37.07
CA MET A 427 6.46 1.14 38.11
C MET A 427 7.00 2.04 39.22
N PHE A 428 6.58 1.77 40.46
CA PHE A 428 6.99 2.58 41.61
C PHE A 428 8.00 1.76 42.39
N GLY A 429 9.08 2.45 42.77
CA GLY A 429 10.19 1.80 43.48
C GLY A 429 10.35 2.31 44.91
N LYS A 430 9.81 3.49 45.17
CA LYS A 430 10.03 4.16 46.46
C LYS A 430 9.15 3.53 47.49
N VAL A 431 9.69 3.11 48.62
CA VAL A 431 8.97 2.54 49.75
C VAL A 431 7.86 3.35 50.38
N PHE A 432 8.20 4.60 50.45
CA PHE A 432 7.35 5.58 51.11
C PHE A 432 6.24 5.94 50.16
N SER A 433 6.52 5.83 48.88
CA SER A 433 5.53 5.96 47.81
C SER A 433 4.27 5.11 47.91
N PRO A 434 4.47 3.81 47.95
CA PRO A 434 3.55 2.73 48.02
C PRO A 434 2.92 2.73 49.41
N ILE A 435 3.67 3.13 50.44
CA ILE A 435 3.12 3.20 51.80
C ILE A 435 2.06 4.31 51.89
N LEU A 436 2.26 5.37 51.09
CA LEU A 436 1.29 6.46 51.03
C LEU A 436 0.04 6.05 50.26
N LEU A 437 0.24 5.22 49.26
CA LEU A 437 -0.88 4.64 48.50
C LEU A 437 -1.74 3.79 49.44
N LYS A 438 -1.08 3.24 50.48
CA LYS A 438 -1.70 2.32 51.45
C LYS A 438 -2.82 2.98 52.20
N HIS A 439 -2.61 4.27 52.30
CA HIS A 439 -3.55 5.10 52.99
C HIS A 439 -4.19 6.26 52.30
N HIS A 440 -3.93 6.25 51.02
CA HIS A 440 -4.54 7.22 50.13
C HIS A 440 -5.86 6.61 49.65
N ASN A 441 -6.90 6.86 50.43
CA ASN A 441 -8.20 6.21 50.20
C ASN A 441 -9.35 7.20 50.05
N CYS A 442 -10.55 6.64 49.86
CA CYS A 442 -11.80 7.40 49.73
C CYS A 442 -11.94 8.49 50.77
N ALA A 443 -12.06 9.71 50.26
CA ALA A 443 -12.46 10.88 51.05
C ALA A 443 -13.57 11.56 50.27
N MET A 444 -14.67 10.81 50.14
CA MET A 444 -15.77 11.18 49.25
C MET A 444 -16.00 12.70 49.24
N GLU A 445 -16.06 13.26 48.04
CA GLU A 445 -16.09 12.47 46.82
C GLU A 445 -14.78 12.34 46.07
N GLU A 446 -13.71 12.49 46.83
CA GLU A 446 -12.37 12.37 46.25
C GLU A 446 -11.57 11.33 47.03
N ILE A 447 -10.25 11.46 46.95
CA ILE A 447 -9.32 10.64 47.75
C ILE A 447 -8.31 11.56 48.42
N ARG A 448 -7.90 11.14 49.60
CA ARG A 448 -6.90 11.85 50.41
C ARG A 448 -6.18 10.83 51.30
N ALA A 449 -5.44 11.29 52.28
CA ALA A 449 -4.70 10.50 53.25
C ALA A 449 -5.53 10.56 54.53
N ARG A 450 -5.77 9.37 55.07
CA ARG A 450 -6.51 9.25 56.32
C ARG A 450 -5.71 9.90 57.46
N GLY A 451 -6.37 9.99 58.61
CA GLY A 451 -5.81 10.71 59.78
C GLY A 451 -4.37 10.26 60.07
N MET A 452 -3.50 11.26 60.22
CA MET A 452 -2.09 11.08 60.62
C MET A 452 -1.19 10.55 59.49
N LYS A 453 -1.67 10.62 58.26
CA LYS A 453 -0.85 10.22 57.12
C LYS A 453 -0.66 11.36 56.12
N GLU A 454 0.39 11.24 55.32
CA GLU A 454 0.74 12.21 54.28
C GLU A 454 0.35 11.67 52.91
N MET A 455 0.02 12.54 51.99
CA MET A 455 -0.31 12.11 50.61
C MET A 455 0.54 12.88 49.58
N ARG A 456 1.59 13.52 50.06
CA ARG A 456 2.44 14.37 49.21
C ARG A 456 3.05 13.61 48.03
N ILE A 457 3.47 12.39 48.30
CA ILE A 457 4.10 11.58 47.26
C ILE A 457 3.09 11.11 46.21
N CYS A 458 1.90 10.77 46.72
CA CYS A 458 0.83 10.24 45.89
C CYS A 458 0.24 11.37 45.06
N ASP A 459 0.08 12.53 45.70
CA ASP A 459 -0.50 13.69 45.07
C ASP A 459 0.40 14.17 43.99
N THR A 460 1.71 14.06 44.10
CA THR A 460 2.59 14.48 43.00
C THR A 460 2.65 13.46 41.86
N LEU A 461 2.31 12.23 42.14
CA LEU A 461 2.08 11.23 41.08
C LEU A 461 0.75 11.45 40.36
N GLU A 462 -0.22 11.98 41.09
CA GLU A 462 -1.52 12.40 40.50
C GLU A 462 -1.31 13.45 39.37
N PRO A 463 -0.38 14.41 39.50
CA PRO A 463 0.05 15.43 38.57
C PRO A 463 0.60 14.70 37.37
N VAL A 464 1.42 13.69 37.58
CA VAL A 464 1.96 12.86 36.48
C VAL A 464 0.82 12.16 35.75
N MET A 465 -0.13 11.69 36.51
CA MET A 465 -1.27 11.00 35.90
C MET A 465 -2.09 11.90 35.00
N GLN A 466 -2.34 13.11 35.49
CA GLN A 466 -3.05 14.13 34.71
C GLN A 466 -2.21 14.54 33.50
N THR A 467 -0.92 14.67 33.71
CA THR A 467 0.03 15.01 32.64
C THR A 467 0.03 13.91 31.58
N HIS A 468 -0.13 12.67 32.05
CA HIS A 468 -0.17 11.45 31.22
C HIS A 468 -1.24 11.52 30.14
N ARG A 469 -2.32 12.20 30.46
CA ARG A 469 -3.43 12.37 29.50
C ARG A 469 -3.12 13.38 28.43
N LEU A 470 -2.31 14.36 28.80
CA LEU A 470 -2.03 15.49 27.92
C LEU A 470 -1.30 15.04 26.66
N VAL A 471 -1.69 15.67 25.55
CA VAL A 471 -1.11 15.39 24.23
C VAL A 471 0.36 15.77 24.19
N ILE A 472 0.76 16.83 24.84
CA ILE A 472 2.16 17.28 24.81
C ILE A 472 3.08 16.23 25.46
N ARG A 473 2.51 15.56 26.45
CA ARG A 473 3.24 14.51 27.18
C ARG A 473 3.59 13.33 26.29
N ASP A 474 2.74 13.09 25.28
CA ASP A 474 2.97 11.98 24.35
C ASP A 474 4.27 12.13 23.56
N GLU A 475 5.26 12.86 24.10
CA GLU A 475 6.69 12.59 23.91
C GLU A 475 7.68 13.59 24.53
N VAL A 476 7.38 14.12 25.71
CA VAL A 476 8.37 14.93 26.45
C VAL A 476 9.53 14.02 26.94
N MET B 1 -23.97 -38.71 59.44
CA MET B 1 -22.79 -39.54 59.10
C MET B 1 -22.81 -39.96 57.62
N SER B 2 -23.98 -40.44 57.19
CA SER B 2 -24.15 -40.96 55.84
C SER B 2 -23.82 -39.93 54.76
N THR B 3 -24.26 -38.69 54.99
CA THR B 3 -24.04 -37.59 54.05
C THR B 3 -22.54 -37.29 53.89
N GLN B 4 -21.82 -37.28 55.02
CA GLN B 4 -20.38 -37.04 55.03
C GLN B 4 -19.62 -38.16 54.31
N SER B 5 -20.02 -39.40 54.57
CA SER B 5 -19.37 -40.57 53.97
C SER B 5 -19.63 -40.65 52.46
N ASN B 6 -20.88 -40.35 52.08
CA ASN B 6 -21.26 -40.34 50.66
C ASN B 6 -20.46 -39.28 49.91
N ARG B 7 -20.41 -38.09 50.51
CA ARG B 7 -19.64 -36.96 49.94
C ARG B 7 -18.15 -37.29 49.90
N ASN B 8 -17.69 -38.01 50.91
CA ASN B 8 -16.29 -38.42 51.02
C ASN B 8 -15.95 -39.29 49.82
N ALA B 9 -16.78 -40.29 49.56
CA ALA B 9 -16.61 -41.19 48.41
C ALA B 9 -16.74 -40.42 47.09
N LEU B 10 -17.61 -39.41 47.11
CA LEU B 10 -17.92 -38.61 45.93
C LEU B 10 -16.68 -37.89 45.42
N VAL B 11 -15.82 -37.35 46.28
CA VAL B 11 -14.63 -36.60 45.83
C VAL B 11 -13.30 -37.20 46.33
N VAL B 12 -13.32 -38.49 46.62
CA VAL B 12 -12.09 -39.23 46.93
C VAL B 12 -12.26 -40.65 46.36
N ALA B 13 -11.96 -40.76 45.07
CA ALA B 13 -12.17 -42.01 44.33
C ALA B 13 -11.35 -43.17 44.89
N GLN B 14 -10.12 -42.87 45.30
CA GLN B 14 -9.22 -43.90 45.86
C GLN B 14 -9.82 -44.51 47.13
N LEU B 15 -10.38 -43.65 47.97
CA LEU B 15 -11.02 -44.09 49.20
C LEU B 15 -12.26 -44.94 48.93
N LYS B 16 -13.06 -44.48 47.96
CA LYS B 16 -14.27 -45.20 47.54
C LYS B 16 -13.91 -46.58 46.99
N GLY B 17 -12.83 -46.59 46.19
CA GLY B 17 -12.35 -47.81 45.51
C GLY B 17 -11.78 -48.82 46.50
N ASP B 18 -11.10 -48.31 47.52
CA ASP B 18 -10.44 -49.17 48.52
C ASP B 18 -11.41 -49.71 49.58
N PHE B 19 -12.55 -49.05 49.71
CA PHE B 19 -13.45 -49.30 50.86
C PHE B 19 -14.72 -50.02 50.46
N VAL B 20 -15.21 -49.74 49.25
CA VAL B 20 -16.55 -50.16 48.88
C VAL B 20 -16.64 -51.09 47.65
N ALA B 21 -15.68 -50.97 46.73
CA ALA B 21 -15.60 -51.86 45.54
C ALA B 21 -15.12 -53.22 45.97
N PHE B 22 -15.89 -54.28 45.66
CA PHE B 22 -15.73 -55.69 46.13
C PHE B 22 -15.77 -56.69 44.98
N LEU B 23 -15.47 -57.95 45.26
CA LEU B 23 -15.42 -58.98 44.22
C LEU B 23 -16.22 -60.25 44.52
N PHE B 24 -16.47 -60.52 45.79
CA PHE B 24 -17.16 -61.76 46.22
C PHE B 24 -16.29 -62.99 45.89
N VAL B 25 -15.55 -63.42 46.89
CA VAL B 25 -14.69 -64.61 46.77
C VAL B 25 -15.42 -65.84 47.33
N LEU B 26 -15.08 -66.99 46.77
CA LEU B 26 -15.71 -68.26 47.15
C LEU B 26 -15.30 -68.73 48.56
N TRP B 27 -14.11 -68.33 49.01
CA TRP B 27 -13.57 -68.80 50.30
C TRP B 27 -13.75 -67.79 51.43
N LYS B 28 -13.75 -66.51 51.08
CA LYS B 28 -13.81 -65.45 52.09
C LYS B 28 -15.04 -64.55 51.92
N ALA B 29 -15.94 -64.94 51.02
CA ALA B 29 -17.17 -64.16 50.73
C ALA B 29 -16.82 -62.81 50.10
N LEU B 30 -17.68 -61.82 50.33
CA LEU B 30 -17.48 -60.46 49.85
C LEU B 30 -16.26 -59.81 50.49
N ASN B 31 -15.23 -59.61 49.67
CA ASN B 31 -13.98 -58.97 50.12
C ASN B 31 -13.69 -57.72 49.31
N LEU B 32 -12.94 -56.82 49.93
CA LEU B 32 -12.46 -55.60 49.25
C LEU B 32 -11.47 -55.98 48.13
N PRO B 33 -11.57 -55.37 46.96
CA PRO B 33 -10.65 -55.41 45.84
C PRO B 33 -9.41 -54.75 46.36
N VAL B 34 -8.32 -55.44 46.11
CA VAL B 34 -6.99 -54.97 46.50
C VAL B 34 -6.37 -54.21 45.31
N PRO B 35 -6.52 -52.88 45.34
CA PRO B 35 -6.02 -52.02 44.27
C PRO B 35 -4.49 -52.11 44.20
N THR B 36 -3.99 -51.92 42.99
CA THR B 36 -2.54 -51.91 42.74
C THR B 36 -2.11 -50.46 42.50
N LYS B 37 -0.83 -50.22 42.71
CA LYS B 37 -0.26 -48.87 42.58
C LYS B 37 -0.55 -48.23 41.22
N CYS B 38 -0.53 -49.04 40.19
CA CYS B 38 -0.83 -48.54 38.83
C CYS B 38 -2.31 -48.17 38.67
N GLN B 39 -3.16 -48.99 39.26
CA GLN B 39 -4.61 -48.77 39.25
C GLN B 39 -4.98 -47.51 40.05
N ILE B 40 -4.31 -47.36 41.19
CA ILE B 40 -4.53 -46.18 42.05
C ILE B 40 -4.12 -44.90 41.31
N ASP B 41 -2.99 -44.97 40.62
CA ASP B 41 -2.47 -43.84 39.83
C ASP B 41 -3.46 -43.48 38.72
N MET B 42 -4.04 -44.53 38.13
CA MET B 42 -4.98 -44.37 37.02
C MET B 42 -6.31 -43.76 37.52
N ALA B 43 -6.75 -44.15 38.68
CA ALA B 43 -7.98 -43.59 39.26
C ALA B 43 -7.85 -42.09 39.50
N LYS B 44 -6.72 -41.70 40.10
CA LYS B 44 -6.43 -40.29 40.37
C LYS B 44 -6.43 -39.49 39.08
N VAL B 45 -5.79 -40.04 38.07
CA VAL B 45 -5.67 -39.37 36.78
C VAL B 45 -7.05 -39.20 36.15
N LEU B 46 -7.99 -40.05 36.35
CA LEU B 46 -9.33 -39.88 35.79
C LEU B 46 -10.24 -39.33 36.87
N ALA B 47 -10.29 -38.00 36.93
CA ALA B 47 -11.18 -37.29 37.87
C ALA B 47 -11.40 -35.86 37.40
N ASN B 48 -12.56 -35.30 37.74
CA ASN B 48 -12.92 -33.94 37.32
C ASN B 48 -11.91 -32.89 37.82
N GLY B 49 -11.32 -33.21 38.98
CA GLY B 49 -10.40 -32.32 39.69
C GLY B 49 -9.13 -32.22 38.85
N ASP B 50 -8.79 -33.35 38.22
CA ASP B 50 -7.62 -33.45 37.37
C ASP B 50 -8.04 -33.71 35.93
N ASN B 51 -7.71 -32.75 35.09
CA ASN B 51 -7.96 -32.79 33.65
C ASN B 51 -9.44 -33.04 33.38
N LYS B 52 -9.76 -34.17 32.71
CA LYS B 52 -10.93 -34.33 31.84
C LYS B 52 -10.73 -35.35 30.70
N LYS B 53 -9.56 -35.29 30.08
CA LYS B 53 -9.13 -36.15 28.97
C LYS B 53 -7.87 -36.91 29.38
N PHE B 54 -7.97 -38.22 29.39
CA PHE B 54 -6.83 -39.07 29.75
C PHE B 54 -6.68 -40.23 28.77
N ILE B 55 -5.42 -40.57 28.51
CA ILE B 55 -5.06 -41.69 27.62
C ILE B 55 -4.01 -42.56 28.29
N LEU B 56 -4.30 -43.85 28.36
CA LEU B 56 -3.39 -44.83 28.96
C LEU B 56 -2.83 -45.74 27.90
N GLN B 57 -1.52 -45.84 27.94
CA GLN B 57 -0.82 -46.78 27.08
C GLN B 57 -0.35 -47.93 27.99
N ALA B 58 -1.19 -48.92 28.16
CA ALA B 58 -0.90 -50.03 29.08
C ALA B 58 -0.53 -51.28 28.28
N PHE B 59 0.11 -52.21 28.97
CA PHE B 59 0.40 -53.53 28.37
C PHE B 59 -0.83 -54.42 28.58
N ARG B 60 -0.73 -55.63 28.04
CA ARG B 60 -1.82 -56.62 28.15
C ARG B 60 -1.59 -57.51 29.38
N GLY B 61 -2.56 -58.28 29.80
CA GLY B 61 -2.42 -59.07 31.05
C GLY B 61 -2.24 -58.19 32.30
N ILE B 62 -2.71 -56.95 32.23
CA ILE B 62 -2.90 -56.11 33.42
C ILE B 62 -4.40 -55.98 33.60
N GLY B 63 -4.86 -56.26 34.82
CA GLY B 63 -6.29 -56.26 35.16
C GLY B 63 -6.90 -54.85 35.09
N LYS B 64 -6.63 -54.14 34.01
CA LYS B 64 -7.07 -52.75 33.79
C LYS B 64 -8.59 -52.66 33.97
N SER B 65 -9.33 -53.65 33.48
CA SER B 65 -10.79 -53.60 33.49
C SER B 65 -11.31 -53.41 34.91
N PHE B 66 -10.56 -53.95 35.87
CA PHE B 66 -10.91 -53.87 37.30
C PHE B 66 -10.93 -52.41 37.75
N ILE B 67 -10.01 -51.63 37.22
CA ILE B 67 -9.97 -50.20 37.58
C ILE B 67 -10.93 -49.38 36.77
N THR B 68 -11.00 -49.70 35.48
CA THR B 68 -11.87 -48.98 34.55
C THR B 68 -13.33 -49.12 35.02
N CYS B 69 -13.65 -50.31 35.53
CA CYS B 69 -15.00 -50.59 36.06
C CYS B 69 -15.26 -49.77 37.32
N ALA B 70 -14.28 -49.73 38.21
CA ALA B 70 -14.40 -48.96 39.47
C ALA B 70 -14.58 -47.46 39.20
N PHE B 71 -13.92 -46.97 38.17
CA PHE B 71 -14.03 -45.55 37.81
C PHE B 71 -15.40 -45.23 37.22
N VAL B 72 -15.82 -46.06 36.27
CA VAL B 72 -17.12 -45.86 35.61
C VAL B 72 -18.26 -45.96 36.62
N VAL B 73 -18.11 -46.90 37.56
CA VAL B 73 -19.07 -47.04 38.65
C VAL B 73 -19.07 -45.68 39.39
N TRP B 74 -17.92 -45.31 39.93
CA TRP B 74 -17.80 -44.11 40.76
C TRP B 74 -18.43 -42.89 40.07
N SER B 75 -18.27 -42.83 38.75
CA SER B 75 -18.79 -41.71 37.96
C SER B 75 -20.32 -41.66 38.06
N LEU B 76 -20.96 -42.75 37.65
CA LEU B 76 -22.42 -42.84 37.62
C LEU B 76 -23.08 -42.76 39.00
N TRP B 77 -22.41 -43.35 39.98
CA TRP B 77 -22.94 -43.40 41.35
C TRP B 77 -22.90 -42.05 42.07
N ARG B 78 -21.99 -41.17 41.64
CA ARG B 78 -21.81 -39.88 42.31
C ARG B 78 -21.99 -38.67 41.39
N ASP B 79 -22.69 -38.90 40.29
CA ASP B 79 -23.03 -37.81 39.39
C ASP B 79 -24.12 -36.94 40.01
N PRO B 80 -24.05 -35.63 39.72
CA PRO B 80 -25.02 -34.65 40.23
C PRO B 80 -26.34 -34.83 39.48
N GLN B 81 -27.01 -35.96 39.75
CA GLN B 81 -28.33 -36.31 39.16
C GLN B 81 -28.28 -36.30 37.63
N LEU B 82 -27.11 -36.64 37.11
CA LEU B 82 -26.89 -36.56 35.66
C LEU B 82 -25.92 -37.64 35.24
N LYS B 83 -25.91 -38.05 33.97
CA LYS B 83 -24.76 -38.26 33.09
C LYS B 83 -24.81 -39.63 32.45
N ILE B 84 -24.65 -39.48 31.11
CA ILE B 84 -24.60 -40.62 30.19
C ILE B 84 -23.17 -41.01 29.87
N LEU B 85 -22.93 -42.29 30.00
CA LEU B 85 -21.60 -42.85 29.71
C LEU B 85 -21.74 -43.85 28.58
N ILE B 86 -20.87 -43.67 27.60
CA ILE B 86 -20.81 -44.56 26.43
C ILE B 86 -19.35 -44.95 26.19
N VAL B 87 -19.17 -46.15 25.67
CA VAL B 87 -17.85 -46.67 25.30
C VAL B 87 -17.84 -47.05 23.82
N SER B 88 -16.67 -46.92 23.23
CA SER B 88 -16.48 -47.32 21.84
C SER B 88 -15.58 -48.55 21.79
N ALA B 89 -16.10 -49.59 21.14
CA ALA B 89 -15.40 -50.89 21.07
C ALA B 89 -16.01 -51.76 20.00
N SER B 90 -15.27 -52.63 19.37
CA SER B 90 -15.76 -53.48 18.26
C SER B 90 -16.58 -54.68 18.72
N LYS B 91 -16.59 -54.88 20.03
CA LYS B 91 -17.28 -56.05 20.56
C LYS B 91 -18.34 -55.63 21.60
N GLU B 92 -19.25 -56.57 21.87
CA GLU B 92 -19.25 -57.48 23.04
C GLU B 92 -18.12 -57.22 24.07
N ARG B 93 -17.04 -56.61 23.61
CA ARG B 93 -15.86 -56.18 24.36
C ARG B 93 -16.31 -55.08 25.29
N ALA B 94 -17.07 -54.12 24.78
CA ALA B 94 -17.63 -53.02 25.60
C ALA B 94 -18.70 -53.53 26.57
N ASP B 95 -19.38 -54.60 26.17
CA ASP B 95 -20.37 -55.26 27.03
C ASP B 95 -19.69 -55.90 28.22
N ALA B 96 -18.49 -56.45 27.99
CA ALA B 96 -17.69 -57.09 29.05
C ALA B 96 -17.21 -56.05 30.06
N ASN B 97 -16.90 -54.85 29.58
CA ASN B 97 -16.43 -53.76 30.44
C ASN B 97 -17.52 -53.31 31.43
N SER B 98 -18.71 -53.10 30.88
CA SER B 98 -19.87 -52.67 31.69
C SER B 98 -20.35 -53.79 32.61
N ILE B 99 -20.10 -55.02 32.22
CA ILE B 99 -20.45 -56.16 33.06
C ILE B 99 -19.70 -56.04 34.38
N PHE B 100 -18.43 -55.66 34.27
CA PHE B 100 -17.51 -55.54 35.42
C PHE B 100 -17.90 -54.34 36.25
N ILE B 101 -18.37 -53.31 35.56
CA ILE B 101 -18.84 -52.09 36.24
C ILE B 101 -20.10 -52.42 37.04
N LYS B 102 -20.92 -53.30 36.47
CA LYS B 102 -22.13 -53.81 37.12
C LYS B 102 -21.75 -54.70 38.29
N ASN B 103 -20.68 -55.46 38.12
CA ASN B 103 -20.14 -56.31 39.20
C ASN B 103 -19.68 -55.47 40.39
N ILE B 104 -19.21 -54.26 40.09
CA ILE B 104 -18.81 -53.31 41.13
C ILE B 104 -20.04 -52.68 41.80
N ILE B 105 -20.95 -52.21 40.96
CA ILE B 105 -22.17 -51.54 41.43
C ILE B 105 -22.97 -52.46 42.36
N ASP B 106 -23.13 -53.71 41.92
CA ASP B 106 -24.00 -54.68 42.61
C ASP B 106 -23.52 -54.98 44.04
N LEU B 107 -22.24 -54.71 44.29
CA LEU B 107 -21.63 -54.99 45.60
C LEU B 107 -21.59 -53.80 46.55
N LEU B 108 -21.94 -52.64 46.01
CA LEU B 108 -22.05 -51.41 46.82
C LEU B 108 -23.18 -51.54 47.86
N PRO B 109 -22.98 -50.89 49.00
CA PRO B 109 -24.00 -50.74 50.05
C PRO B 109 -25.13 -49.87 49.51
N PHE B 110 -26.28 -49.97 50.17
CA PHE B 110 -27.50 -49.25 49.77
C PHE B 110 -27.30 -47.74 49.58
N LEU B 111 -26.60 -47.16 50.53
CA LEU B 111 -26.43 -45.70 50.57
C LEU B 111 -25.57 -45.15 49.42
N SER B 112 -24.72 -46.00 48.87
CA SER B 112 -23.85 -45.60 47.75
C SER B 112 -24.42 -46.07 46.43
N GLU B 113 -25.26 -47.09 46.54
CA GLU B 113 -26.01 -47.61 45.44
C GLU B 113 -27.26 -46.78 45.06
N LEU B 114 -27.26 -46.06 43.93
CA LEU B 114 -28.47 -45.55 43.29
C LEU B 114 -29.36 -46.70 42.80
N LYS B 115 -30.66 -46.43 42.87
CA LYS B 115 -31.66 -47.40 42.41
C LYS B 115 -31.48 -47.67 40.91
N PRO B 116 -31.65 -48.94 40.53
CA PRO B 116 -31.49 -49.38 39.12
C PRO B 116 -32.82 -49.33 38.37
N ARG B 117 -32.84 -48.52 37.31
CA ARG B 117 -34.02 -48.45 36.43
C ARG B 117 -33.93 -49.56 35.38
N PRO B 118 -32.98 -49.51 34.44
CA PRO B 118 -32.68 -50.63 33.54
C PRO B 118 -31.33 -51.24 33.94
N GLY B 119 -31.21 -52.51 33.58
CA GLY B 119 -30.04 -53.31 33.91
C GLY B 119 -29.88 -54.52 33.03
N GLN B 120 -29.28 -54.30 31.86
CA GLN B 120 -29.11 -55.36 30.86
C GLN B 120 -30.46 -55.87 30.33
N ARG B 121 -31.44 -54.98 30.33
CA ARG B 121 -32.78 -55.32 29.84
C ARG B 121 -32.72 -55.65 28.35
N ASP B 122 -33.57 -56.59 27.94
CA ASP B 122 -33.64 -57.04 26.53
C ASP B 122 -32.30 -57.61 26.06
N SER B 123 -31.51 -58.12 27.00
CA SER B 123 -30.20 -58.72 26.72
C SER B 123 -29.30 -57.77 25.92
N VAL B 124 -29.19 -56.61 26.53
CA VAL B 124 -28.25 -55.57 26.18
C VAL B 124 -27.35 -55.38 27.42
N ILE B 125 -26.25 -54.63 27.46
CA ILE B 125 -25.74 -53.59 26.53
C ILE B 125 -26.07 -52.21 27.10
N SER B 126 -26.61 -52.15 28.30
CA SER B 126 -26.99 -50.86 28.90
C SER B 126 -27.51 -51.01 30.34
N PHE B 127 -27.20 -50.00 31.13
CA PHE B 127 -27.74 -49.87 32.49
C PHE B 127 -28.13 -48.42 32.72
N ASP B 128 -29.15 -48.23 33.57
CA ASP B 128 -29.66 -46.90 33.89
C ASP B 128 -30.04 -46.04 32.65
N VAL B 129 -30.66 -46.65 31.68
CA VAL B 129 -31.23 -46.04 30.47
C VAL B 129 -32.37 -45.10 30.89
N GLY B 130 -32.31 -43.96 30.20
CA GLY B 130 -33.31 -42.90 30.44
C GLY B 130 -33.03 -42.18 31.76
N PRO B 131 -33.68 -41.02 31.92
CA PRO B 131 -33.52 -40.15 33.10
C PRO B 131 -33.64 -40.99 34.36
N ALA B 132 -32.86 -40.68 35.38
CA ALA B 132 -32.70 -41.52 36.59
C ALA B 132 -31.59 -41.08 37.53
N ASN B 133 -30.49 -40.63 36.96
CA ASN B 133 -30.31 -40.20 35.55
C ASN B 133 -29.15 -40.79 34.78
N PRO B 134 -28.06 -41.02 35.51
CA PRO B 134 -26.82 -41.51 34.92
C PRO B 134 -27.04 -42.86 34.27
N ASP B 135 -26.32 -43.13 33.19
CA ASP B 135 -26.42 -44.38 32.41
C ASP B 135 -25.05 -44.78 31.86
N HIS B 136 -24.92 -46.06 31.57
CA HIS B 136 -23.73 -46.61 30.88
C HIS B 136 -24.17 -47.50 29.72
N SER B 137 -23.69 -47.16 28.53
CA SER B 137 -24.07 -47.89 27.31
C SER B 137 -22.85 -48.47 26.57
N PRO B 138 -22.83 -49.79 26.51
CA PRO B 138 -21.88 -50.56 25.70
C PRO B 138 -22.19 -50.43 24.21
N SER B 139 -21.22 -49.94 23.45
CA SER B 139 -21.38 -49.77 22.00
C SER B 139 -20.14 -50.22 21.24
N VAL B 140 -20.43 -50.79 20.07
CA VAL B 140 -19.42 -51.02 19.04
C VAL B 140 -18.90 -49.70 18.47
N LYS B 141 -17.58 -49.51 18.38
CA LYS B 141 -17.02 -48.26 17.83
C LYS B 141 -17.06 -48.32 16.30
N SER B 142 -17.16 -49.51 15.74
CA SER B 142 -17.19 -49.69 14.28
C SER B 142 -18.42 -49.03 13.65
N VAL B 143 -19.54 -49.05 14.38
CA VAL B 143 -20.80 -48.44 13.91
C VAL B 143 -20.74 -46.91 14.06
N GLY B 144 -20.58 -46.48 15.32
CA GLY B 144 -20.31 -45.11 15.71
C GLY B 144 -19.04 -44.82 15.02
N ILE B 145 -18.82 -43.86 14.15
CA ILE B 145 -19.40 -42.50 14.10
C ILE B 145 -20.88 -42.29 14.47
N THR B 146 -21.70 -43.29 14.17
CA THR B 146 -23.13 -43.26 14.52
C THR B 146 -23.36 -43.11 16.03
N GLY B 147 -22.60 -43.84 16.85
CA GLY B 147 -22.75 -43.88 18.31
C GLY B 147 -22.45 -42.53 18.97
N GLN B 148 -21.43 -41.85 18.46
CA GLN B 148 -20.99 -40.56 19.02
C GLN B 148 -21.97 -39.44 18.74
N LEU B 149 -22.32 -39.26 17.47
CA LEU B 149 -23.25 -38.21 17.04
C LEU B 149 -24.66 -38.38 17.62
N THR B 150 -25.11 -39.63 17.59
CA THR B 150 -26.49 -39.97 17.97
C THR B 150 -26.78 -39.76 19.46
N GLY B 151 -25.73 -39.89 20.29
CA GLY B 151 -25.86 -39.76 21.75
C GLY B 151 -26.52 -38.42 22.11
N SER B 152 -27.34 -38.46 23.15
CA SER B 152 -28.05 -37.27 23.62
C SER B 152 -27.53 -36.93 25.00
N ARG B 153 -26.85 -35.78 25.09
CA ARG B 153 -26.26 -35.26 26.35
C ARG B 153 -25.24 -36.26 26.90
N ALA B 154 -24.34 -36.72 26.02
CA ALA B 154 -23.20 -37.56 26.42
C ALA B 154 -22.41 -36.83 27.51
N ASP B 155 -21.89 -37.57 28.47
CA ASP B 155 -21.11 -36.92 29.51
C ASP B 155 -19.72 -37.49 29.53
N ILE B 156 -19.56 -38.80 29.33
CA ILE B 156 -18.27 -39.53 29.28
C ILE B 156 -18.20 -40.52 28.18
N ILE B 157 -17.01 -40.57 27.61
CA ILE B 157 -16.72 -41.56 26.59
C ILE B 157 -15.45 -42.32 27.00
N ILE B 158 -15.62 -43.61 27.19
CA ILE B 158 -14.47 -44.50 27.46
C ILE B 158 -14.23 -45.34 26.21
N ALA B 159 -13.02 -45.33 25.69
CA ALA B 159 -12.69 -46.08 24.46
C ALA B 159 -11.74 -47.23 24.76
N ASP B 160 -12.33 -48.42 24.75
CA ASP B 160 -11.59 -49.66 25.00
C ASP B 160 -10.73 -50.02 23.77
N ASP B 161 -9.55 -50.57 24.05
CA ASP B 161 -8.56 -51.08 23.07
C ASP B 161 -8.56 -50.20 21.81
N VAL B 162 -8.46 -48.90 22.04
CA VAL B 162 -8.50 -47.88 20.98
C VAL B 162 -7.51 -48.12 19.82
N GLU B 163 -6.39 -48.74 20.11
CA GLU B 163 -5.39 -49.02 19.09
C GLU B 163 -5.78 -50.09 18.08
N ILE B 164 -6.63 -51.00 18.51
CA ILE B 164 -7.13 -52.09 17.63
C ILE B 164 -8.52 -51.87 16.94
N PRO B 165 -9.07 -50.66 16.94
CA PRO B 165 -10.29 -50.29 16.22
C PRO B 165 -9.91 -49.79 14.83
N SER B 166 -10.21 -50.61 13.85
CA SER B 166 -10.02 -50.26 12.43
C SER B 166 -10.97 -49.14 11.99
N ASN B 167 -10.52 -48.36 11.01
CA ASN B 167 -11.29 -47.25 10.42
C ASN B 167 -11.81 -46.30 11.53
N SER B 168 -10.91 -45.98 12.45
CA SER B 168 -11.22 -45.16 13.62
C SER B 168 -11.26 -43.67 13.30
N ALA B 169 -10.60 -43.27 12.21
CA ALA B 169 -10.44 -41.85 11.84
C ALA B 169 -11.77 -41.09 11.81
N THR B 170 -12.81 -41.73 11.30
CA THR B 170 -14.13 -41.10 11.21
C THR B 170 -14.78 -41.04 12.60
N MET B 171 -14.63 -42.12 13.36
CA MET B 171 -15.16 -42.19 14.73
C MET B 171 -14.42 -41.17 15.61
N GLY B 172 -13.13 -41.00 15.37
CA GLY B 172 -12.30 -40.04 16.11
C GLY B 172 -12.72 -38.60 15.79
N ALA B 173 -13.01 -38.35 14.51
CA ALA B 173 -13.45 -37.02 14.04
C ALA B 173 -14.81 -36.64 14.64
N ARG B 174 -15.64 -37.66 14.82
CA ARG B 174 -16.95 -37.51 15.45
C ARG B 174 -16.80 -37.12 16.90
N GLU B 175 -15.70 -37.56 17.53
CA GLU B 175 -15.41 -37.34 18.96
C GLU B 175 -14.96 -35.91 19.23
N LYS B 176 -14.28 -35.34 18.26
CA LYS B 176 -13.65 -34.02 18.39
C LYS B 176 -14.61 -32.95 18.96
N LEU B 177 -15.78 -32.80 18.36
CA LEU B 177 -16.74 -31.77 18.79
C LEU B 177 -17.27 -32.01 20.21
N TRP B 178 -17.39 -33.30 20.54
CA TRP B 178 -17.90 -33.71 21.86
C TRP B 178 -16.96 -33.29 23.00
N THR B 179 -15.68 -33.13 22.68
CA THR B 179 -14.67 -32.78 23.70
C THR B 179 -13.96 -31.45 23.45
N LEU B 180 -13.72 -31.14 22.19
CA LEU B 180 -12.85 -30.03 21.80
C LEU B 180 -13.67 -28.83 21.32
N VAL B 181 -13.76 -27.90 22.20
CA VAL B 181 -14.48 -26.62 22.00
C VAL B 181 -15.87 -26.64 21.32
N GLN B 182 -16.82 -27.49 21.73
CA GLN B 182 -16.84 -28.49 22.84
C GLN B 182 -18.01 -28.24 23.76
N GLU B 183 -18.82 -29.26 23.86
CA GLU B 183 -19.84 -29.31 24.93
C GLU B 183 -19.17 -29.64 26.26
N PHE B 184 -17.96 -30.20 26.16
CA PHE B 184 -17.17 -30.61 27.33
C PHE B 184 -16.91 -29.43 28.27
N ALA B 185 -16.56 -28.29 27.70
CA ALA B 185 -16.28 -27.08 28.52
C ALA B 185 -17.51 -26.65 29.30
N ALA B 186 -18.64 -26.72 28.59
CA ALA B 186 -19.91 -26.32 29.12
C ALA B 186 -20.29 -27.29 30.16
N LEU B 187 -20.18 -28.60 30.01
CA LEU B 187 -20.52 -29.63 31.00
C LEU B 187 -19.56 -29.59 32.17
N LEU B 188 -18.30 -29.32 31.97
CA LEU B 188 -17.36 -29.24 33.10
C LEU B 188 -17.65 -28.11 34.08
N LYS B 189 -18.11 -26.99 33.54
CA LYS B 189 -18.55 -25.86 34.38
C LYS B 189 -19.74 -26.23 35.29
N PRO B 190 -20.73 -26.96 34.80
CA PRO B 190 -21.91 -27.52 35.43
C PRO B 190 -21.43 -28.53 36.47
N LEU B 191 -20.16 -28.98 36.37
CA LEU B 191 -19.63 -30.12 37.17
C LEU B 191 -20.03 -31.54 36.74
N PRO B 192 -20.51 -31.61 35.53
CA PRO B 192 -20.62 -32.72 34.71
C PRO B 192 -19.45 -33.59 34.51
N SER B 193 -19.20 -34.62 35.33
CA SER B 193 -17.98 -35.39 35.12
C SER B 193 -18.17 -36.11 33.82
N SER B 194 -17.16 -35.97 33.07
CA SER B 194 -17.11 -36.49 31.74
C SER B 194 -16.95 -35.52 30.64
N ARG B 195 -15.97 -35.72 29.76
CA ARG B 195 -14.71 -36.52 29.91
C ARG B 195 -14.58 -37.56 28.84
N VAL B 196 -13.30 -37.89 28.61
CA VAL B 196 -12.91 -38.95 27.69
C VAL B 196 -11.69 -39.68 28.25
N ILE B 197 -11.85 -41.00 28.36
CA ILE B 197 -10.79 -41.87 28.86
C ILE B 197 -10.51 -42.91 27.79
N TYR B 198 -9.26 -42.94 27.35
CA TYR B 198 -8.81 -43.99 26.41
C TYR B 198 -7.73 -44.83 27.04
N LEU B 199 -7.93 -46.14 26.93
CA LEU B 199 -6.95 -47.11 27.43
C LEU B 199 -6.82 -48.22 26.38
N GLY B 200 -5.56 -48.64 26.18
CA GLY B 200 -5.27 -49.76 25.25
C GLY B 200 -3.78 -50.00 25.12
N THR B 201 -3.48 -51.20 24.69
CA THR B 201 -2.12 -51.60 24.29
C THR B 201 -1.86 -51.02 22.88
N PRO B 202 -0.62 -50.68 22.57
CA PRO B 202 -0.21 -50.08 21.29
C PRO B 202 -0.33 -51.09 20.17
N GLN B 203 -0.46 -50.55 18.97
CA GLN B 203 -0.52 -51.39 17.75
C GLN B 203 0.15 -50.62 16.61
N THR B 204 1.46 -50.71 16.61
CA THR B 204 2.29 -50.05 15.58
C THR B 204 2.10 -48.52 15.62
N GLU B 205 2.35 -47.87 14.49
CA GLU B 205 2.33 -46.42 14.30
C GLU B 205 1.00 -45.96 13.71
N MET B 206 -0.08 -46.59 14.14
CA MET B 206 -1.43 -46.22 13.67
C MET B 206 -1.88 -44.87 14.24
N THR B 207 -3.19 -44.70 14.30
CA THR B 207 -3.83 -43.47 14.80
C THR B 207 -3.51 -43.22 16.28
N LEU B 208 -3.36 -44.32 17.02
CA LEU B 208 -3.10 -44.19 18.46
C LEU B 208 -1.71 -43.66 18.74
N TYR B 209 -0.74 -44.02 17.92
CA TYR B 209 0.60 -43.46 18.09
C TYR B 209 0.57 -41.93 18.02
N LYS B 210 -0.30 -41.42 17.15
CA LYS B 210 -0.52 -39.98 16.99
C LYS B 210 -1.20 -39.36 18.22
N GLU B 211 -2.10 -40.12 18.83
CA GLU B 211 -2.80 -39.67 20.03
C GLU B 211 -1.87 -39.62 21.24
N LEU B 212 -1.11 -40.71 21.40
CA LEU B 212 -0.16 -40.84 22.51
C LEU B 212 0.95 -39.81 22.40
N GLU B 213 1.44 -39.62 21.18
CA GLU B 213 2.54 -38.67 20.93
C GLU B 213 2.10 -37.23 21.23
N ASP B 214 0.89 -36.89 20.81
CA ASP B 214 0.34 -35.54 21.04
C ASP B 214 0.13 -35.30 22.53
N ASN B 215 -0.27 -36.35 23.24
CA ASN B 215 -0.46 -36.28 24.69
C ASN B 215 0.88 -36.20 25.42
N ARG B 216 1.80 -37.06 25.03
CA ARG B 216 3.13 -37.16 25.64
C ARG B 216 3.95 -35.91 25.32
N GLY B 217 3.71 -35.32 24.17
CA GLY B 217 4.38 -34.08 23.74
C GLY B 217 4.01 -32.91 24.66
N TYR B 218 2.90 -33.08 25.39
CA TYR B 218 2.37 -32.04 26.27
C TYR B 218 2.37 -32.47 27.74
N THR B 219 2.05 -33.73 27.97
CA THR B 219 1.96 -34.33 29.32
C THR B 219 2.61 -35.70 29.31
N THR B 220 2.70 -36.27 30.50
CA THR B 220 3.33 -37.57 30.69
C THR B 220 2.41 -38.46 31.50
N ILE B 221 1.29 -38.76 30.87
CA ILE B 221 0.30 -39.71 31.40
C ILE B 221 -0.21 -40.58 30.23
N ILE B 222 -0.63 -41.81 30.48
CA ILE B 222 -0.18 -42.65 31.59
C ILE B 222 0.20 -44.02 31.02
N TRP B 223 1.11 -44.72 31.68
CA TRP B 223 1.55 -46.03 31.21
C TRP B 223 2.13 -46.93 32.30
N PRO B 224 1.47 -48.06 32.42
CA PRO B 224 2.00 -49.16 33.24
C PRO B 224 2.31 -50.38 32.35
N ALA B 225 3.33 -51.15 32.80
CA ALA B 225 3.88 -52.40 32.22
C ALA B 225 3.94 -53.68 33.03
N LEU B 226 4.24 -54.84 32.51
CA LEU B 226 4.15 -56.08 33.30
C LEU B 226 4.57 -55.96 34.78
N TYR B 227 5.59 -55.16 35.03
CA TYR B 227 6.14 -54.98 36.40
C TYR B 227 5.15 -54.43 37.46
N PRO B 228 4.12 -53.67 37.04
CA PRO B 228 3.01 -53.18 37.85
C PRO B 228 2.30 -54.28 38.61
N ARG B 229 2.29 -55.49 38.06
CA ARG B 229 1.79 -56.66 38.79
C ARG B 229 2.94 -57.20 39.65
N THR B 230 2.93 -56.78 40.91
CA THR B 230 4.04 -57.05 41.85
C THR B 230 4.23 -58.53 42.19
N ARG B 231 3.23 -59.35 41.86
CA ARG B 231 3.33 -60.80 42.09
C ARG B 231 4.45 -61.40 41.22
N GLU B 232 4.64 -60.80 40.06
CA GLU B 232 5.69 -61.21 39.10
C GLU B 232 7.10 -60.94 39.63
N GLU B 233 7.18 -60.03 40.60
CA GLU B 233 8.44 -59.63 41.24
C GLU B 233 9.05 -60.62 42.21
N ASN B 234 8.37 -61.73 42.38
CA ASN B 234 8.84 -62.81 43.26
C ASN B 234 8.93 -64.12 42.49
N LEU B 235 10.08 -64.76 42.59
CA LEU B 235 10.36 -65.99 41.83
C LEU B 235 9.68 -67.20 42.42
N TYR B 236 9.99 -68.34 41.82
CA TYR B 236 9.45 -69.64 42.25
C TYR B 236 9.75 -69.94 43.72
N TYR B 237 10.93 -69.52 44.17
CA TYR B 237 11.32 -69.76 45.56
C TYR B 237 10.70 -68.73 46.53
N SER B 238 9.83 -67.89 46.00
CA SER B 238 9.12 -66.85 46.77
C SER B 238 10.07 -65.80 47.37
N GLN B 239 11.08 -65.44 46.61
CA GLN B 239 12.08 -64.43 47.01
C GLN B 239 12.00 -63.33 45.95
N ARG B 240 12.08 -62.10 46.42
CA ARG B 240 12.06 -60.93 45.54
C ARG B 240 13.25 -60.99 44.58
N LEU B 241 12.94 -60.88 43.30
CA LEU B 241 14.01 -60.80 42.32
C LEU B 241 13.76 -59.76 41.26
N ALA B 242 12.86 -58.85 41.55
CA ALA B 242 12.59 -57.75 40.63
C ALA B 242 12.41 -58.35 39.20
N PRO B 243 11.23 -58.90 39.00
CA PRO B 243 10.74 -59.78 37.93
C PRO B 243 11.82 -60.33 37.01
N MET B 244 12.91 -60.82 37.60
CA MET B 244 13.99 -61.35 36.76
C MET B 244 13.67 -62.71 36.13
N LEU B 245 13.07 -63.62 36.89
CA LEU B 245 12.82 -64.98 36.38
C LEU B 245 11.45 -65.13 35.73
N ARG B 246 10.46 -64.44 36.29
CA ARG B 246 9.12 -64.42 35.69
C ARG B 246 9.22 -63.94 34.24
N ALA B 247 10.06 -62.92 34.04
CA ALA B 247 10.33 -62.37 32.70
C ALA B 247 11.05 -63.39 31.82
N GLU B 248 12.01 -64.09 32.40
CA GLU B 248 12.76 -65.14 31.67
C GLU B 248 11.83 -66.27 31.25
N TYR B 249 11.00 -66.70 32.21
CA TYR B 249 10.04 -67.79 31.99
C TYR B 249 8.96 -67.38 30.98
N ASP B 250 8.59 -66.11 31.04
CA ASP B 250 7.57 -65.56 30.15
C ASP B 250 8.22 -65.38 28.80
N GLU B 251 9.48 -65.03 28.67
CA GLU B 251 10.16 -64.88 27.37
C GLU B 251 10.25 -66.25 26.70
N ASN B 252 10.74 -67.22 27.47
CA ASN B 252 10.68 -68.62 27.04
C ASN B 252 9.19 -68.96 26.96
N PRO B 253 8.79 -70.24 26.97
CA PRO B 253 7.46 -70.66 26.49
C PRO B 253 6.69 -69.65 25.60
N GLU B 254 7.43 -68.82 24.87
CA GLU B 254 6.88 -67.82 23.93
C GLU B 254 8.05 -67.15 23.18
N ALA B 255 7.92 -65.87 22.87
CA ALA B 255 8.94 -65.13 22.12
C ALA B 255 9.16 -63.74 22.68
N LEU B 256 10.38 -63.26 22.45
CA LEU B 256 10.74 -61.88 22.79
C LEU B 256 9.85 -60.97 22.01
N ALA B 257 9.54 -61.19 20.74
CA ALA B 257 8.66 -60.34 19.92
C ALA B 257 7.24 -60.31 20.48
N GLY B 258 6.84 -61.42 21.12
CA GLY B 258 5.52 -61.55 21.75
C GLY B 258 5.47 -60.84 23.12
N THR B 259 6.55 -60.96 23.88
CA THR B 259 6.69 -60.26 25.19
C THR B 259 6.63 -58.70 25.04
N PRO B 260 7.15 -58.03 24.07
CA PRO B 260 7.06 -56.59 23.86
C PRO B 260 5.62 -56.30 23.41
N THR B 261 5.03 -57.25 22.68
CA THR B 261 3.66 -57.15 22.15
C THR B 261 2.65 -57.26 23.29
N ASP B 262 2.95 -58.13 24.26
CA ASP B 262 1.98 -58.45 25.30
C ASP B 262 2.24 -57.62 26.58
N PRO B 263 3.46 -57.64 27.11
CA PRO B 263 3.77 -56.96 28.37
C PRO B 263 4.62 -55.69 28.38
N VAL B 264 4.82 -55.02 27.24
CA VAL B 264 5.73 -53.84 27.25
C VAL B 264 5.10 -52.53 26.79
N ARG B 265 4.03 -52.60 26.01
CA ARG B 265 3.37 -51.40 25.46
C ARG B 265 4.34 -50.53 24.62
N PHE B 266 5.22 -51.19 23.92
CA PHE B 266 6.12 -50.49 23.00
C PHE B 266 5.51 -50.50 21.60
N ASP B 267 5.70 -49.41 20.88
CA ASP B 267 5.23 -49.33 19.48
C ASP B 267 6.16 -50.11 18.56
N ARG B 268 5.56 -50.79 17.60
CA ARG B 268 6.28 -51.68 16.68
C ARG B 268 7.35 -50.96 15.85
N ASP B 269 6.89 -50.20 14.86
CA ASP B 269 7.75 -49.59 13.83
C ASP B 269 8.57 -48.38 14.32
N ASP B 270 9.20 -48.50 15.47
CA ASP B 270 10.06 -47.41 15.98
C ASP B 270 10.72 -47.81 17.29
N LEU B 271 11.93 -47.33 17.52
CA LEU B 271 12.61 -47.30 18.81
C LEU B 271 11.99 -46.24 19.73
N ARG B 272 12.39 -46.26 21.00
CA ARG B 272 11.88 -45.29 21.97
C ARG B 272 12.37 -43.85 21.73
N GLU B 273 13.55 -43.72 21.13
CA GLU B 273 14.26 -42.42 21.06
C GLU B 273 13.37 -41.26 20.61
N ARG B 274 13.58 -40.12 21.27
CA ARG B 274 12.87 -38.88 20.94
C ARG B 274 13.16 -38.47 19.48
N GLU B 275 14.44 -38.47 19.14
CA GLU B 275 14.90 -38.22 17.77
C GLU B 275 14.92 -39.53 17.02
N LEU B 276 14.26 -39.57 15.89
CA LEU B 276 14.21 -40.78 15.05
C LEU B 276 15.62 -41.17 14.61
N GLU B 277 15.85 -42.47 14.52
CA GLU B 277 17.15 -43.03 14.11
C GLU B 277 17.42 -42.61 12.67
N TYR B 278 16.33 -42.42 11.93
CA TYR B 278 16.40 -41.93 10.55
C TYR B 278 17.13 -40.59 10.47
N GLY B 279 17.05 -39.82 11.58
CA GLY B 279 17.73 -38.53 11.69
C GLY B 279 19.08 -38.66 12.40
N LYS B 280 19.13 -39.54 13.40
CA LYS B 280 20.37 -39.79 14.16
C LYS B 280 21.48 -40.42 13.33
N ALA B 281 21.10 -40.95 12.16
CA ALA B 281 22.06 -41.59 11.25
C ALA B 281 22.76 -40.58 10.34
N GLY B 282 22.02 -39.52 10.02
CA GLY B 282 22.50 -38.45 9.13
C GLY B 282 23.40 -37.44 9.86
N PHE B 283 23.22 -37.36 11.18
CA PHE B 283 23.93 -36.38 12.02
C PHE B 283 25.44 -36.61 12.05
N THR B 284 26.16 -35.64 11.51
CA THR B 284 27.62 -35.64 11.55
C THR B 284 28.09 -34.73 12.70
N LEU B 285 29.30 -35.00 13.17
CA LEU B 285 29.91 -34.23 14.26
C LEU B 285 31.21 -33.56 13.84
N GLN B 286 31.65 -32.64 14.68
CA GLN B 286 32.96 -31.98 14.52
C GLN B 286 33.83 -32.31 15.74
N PHE B 287 34.83 -33.13 15.50
CA PHE B 287 35.78 -33.55 16.55
C PHE B 287 36.70 -32.39 16.94
N MET B 288 36.77 -32.13 18.24
CA MET B 288 37.62 -31.06 18.79
C MET B 288 38.23 -31.49 20.13
N LEU B 289 39.38 -30.89 20.43
CA LEU B 289 40.07 -31.09 21.71
C LEU B 289 39.65 -29.99 22.70
N ASN B 290 39.02 -30.43 23.77
CA ASN B 290 38.51 -29.55 24.83
C ASN B 290 39.65 -28.88 25.65
N PRO B 291 39.39 -27.79 26.37
CA PRO B 291 40.24 -26.98 27.22
C PRO B 291 40.62 -27.81 28.44
N ASN B 292 41.19 -27.09 29.39
CA ASN B 292 41.48 -27.65 30.72
C ASN B 292 40.15 -27.93 31.42
N LEU B 293 39.22 -27.01 31.23
CA LEU B 293 37.82 -27.28 31.60
C LEU B 293 37.20 -28.16 30.53
N SER B 294 35.90 -28.31 30.57
CA SER B 294 35.24 -29.20 29.63
C SER B 294 34.65 -28.55 28.39
N ASP B 295 35.32 -27.50 27.95
CA ASP B 295 34.81 -26.71 26.82
C ASP B 295 35.17 -27.30 25.44
N ALA B 296 34.23 -27.56 24.62
CA ALA B 296 34.50 -27.89 23.21
C ALA B 296 34.06 -26.73 22.32
N GLU B 297 35.03 -26.14 21.63
CA GLU B 297 34.78 -25.02 20.70
C GLU B 297 34.65 -25.55 19.27
N LYS B 298 33.44 -25.49 18.75
CA LYS B 298 33.15 -25.96 17.38
C LYS B 298 33.42 -24.86 16.35
N TYR B 299 32.82 -23.70 16.60
CA TYR B 299 33.08 -22.49 15.82
C TYR B 299 33.30 -21.32 16.77
N PRO B 300 34.40 -20.59 16.54
CA PRO B 300 34.78 -19.44 17.38
C PRO B 300 33.74 -18.32 17.27
N LEU B 301 33.69 -17.53 18.33
CA LEU B 301 32.80 -16.35 18.37
C LEU B 301 33.16 -15.38 17.25
N ARG B 302 32.13 -14.77 16.68
CA ARG B 302 32.30 -13.75 15.63
C ARG B 302 31.57 -12.47 16.05
N LEU B 303 32.17 -11.34 15.73
CA LEU B 303 31.56 -10.03 16.04
C LEU B 303 30.23 -9.88 15.34
N ARG B 304 29.25 -9.37 16.07
CA ARG B 304 27.89 -9.12 15.56
C ARG B 304 27.06 -10.40 15.37
N ASP B 305 27.49 -11.48 16.01
CA ASP B 305 26.71 -12.71 16.02
C ASP B 305 26.05 -12.90 17.38
N ALA B 306 24.78 -13.24 17.37
CA ALA B 306 24.03 -13.48 18.61
C ALA B 306 24.11 -14.95 19.00
N ILE B 307 24.38 -15.14 20.29
CA ILE B 307 24.52 -16.49 20.86
C ILE B 307 23.51 -16.66 21.99
N VAL B 308 23.18 -17.91 22.27
CA VAL B 308 22.35 -18.29 23.42
C VAL B 308 23.00 -19.46 24.16
N ALA B 309 22.92 -19.44 25.46
CA ALA B 309 23.50 -20.51 26.28
C ALA B 309 22.47 -21.12 27.22
N ALA B 310 22.52 -22.43 27.30
CA ALA B 310 21.69 -23.18 28.26
C ALA B 310 22.60 -24.00 29.17
N LEU B 311 22.23 -24.10 30.42
CA LEU B 311 23.06 -24.76 31.43
C LEU B 311 22.22 -25.71 32.29
N ASP B 312 22.53 -26.99 32.20
CA ASP B 312 21.93 -27.98 33.10
C ASP B 312 23.00 -28.49 34.06
N LEU B 313 22.97 -27.90 35.24
CA LEU B 313 23.92 -28.22 36.31
C LEU B 313 23.72 -29.64 36.83
N GLU B 314 24.80 -30.21 37.34
CA GLU B 314 24.79 -31.58 37.87
C GLU B 314 24.56 -31.57 39.39
N LYS B 315 23.45 -32.14 39.79
CA LYS B 315 23.08 -32.21 41.22
C LYS B 315 24.06 -33.04 42.05
N ALA B 316 24.68 -34.04 41.43
CA ALA B 316 25.58 -34.91 42.19
C ALA B 316 26.37 -35.80 41.25
N PRO B 317 27.49 -36.42 41.75
CA PRO B 317 28.35 -37.39 41.06
C PRO B 317 27.61 -37.88 39.85
N MET B 318 27.05 -39.09 39.81
CA MET B 318 25.88 -39.38 38.95
C MET B 318 26.11 -38.86 37.53
N HIS B 319 25.87 -37.56 37.35
CA HIS B 319 26.09 -36.92 36.08
C HIS B 319 26.96 -35.65 36.01
N TYR B 320 26.81 -34.96 34.87
CA TYR B 320 27.70 -33.88 34.42
C TYR B 320 26.99 -32.52 34.34
N GLN B 321 27.80 -31.47 34.35
CA GLN B 321 27.35 -30.11 34.03
C GLN B 321 27.42 -29.94 32.51
N TRP B 322 26.31 -29.48 31.94
CA TRP B 322 26.22 -29.32 30.48
C TRP B 322 25.79 -27.90 30.06
N LEU B 323 26.71 -27.23 29.39
CA LEU B 323 26.51 -25.88 28.86
C LEU B 323 26.67 -25.85 27.33
N PRO B 324 25.57 -25.74 26.59
CA PRO B 324 25.55 -25.52 25.15
C PRO B 324 25.50 -24.01 24.89
N ASN B 325 26.21 -23.62 23.85
CA ASN B 325 26.15 -22.27 23.29
C ASN B 325 25.71 -22.39 21.83
N ARG B 326 24.63 -21.70 21.51
CA ARG B 326 23.98 -21.80 20.19
C ARG B 326 24.01 -20.46 19.46
N GLN B 327 24.58 -20.48 18.27
CA GLN B 327 24.57 -19.34 17.35
C GLN B 327 23.16 -19.11 16.84
N ASN B 328 22.56 -18.03 17.30
CA ASN B 328 21.17 -17.69 17.00
C ASN B 328 20.94 -16.75 15.83
N ILE B 329 22.04 -16.21 15.33
CA ILE B 329 21.99 -15.16 14.29
C ILE B 329 21.03 -15.51 13.15
N ILE B 330 21.42 -16.49 12.35
CA ILE B 330 20.74 -16.84 11.10
C ILE B 330 19.40 -17.52 11.39
N GLU B 331 18.81 -18.01 10.31
CA GLU B 331 17.55 -18.76 10.35
C GLU B 331 17.78 -20.18 10.89
N ASP B 332 18.98 -20.69 10.67
CA ASP B 332 19.37 -22.01 11.17
C ASP B 332 20.33 -21.86 12.35
N LEU B 333 19.88 -22.24 13.53
CA LEU B 333 20.66 -22.19 14.77
C LEU B 333 21.71 -23.31 14.86
N PRO B 334 22.99 -22.94 14.98
CA PRO B 334 24.06 -23.92 15.17
C PRO B 334 24.64 -23.87 16.59
N ASN B 335 25.02 -25.06 17.08
CA ASN B 335 25.71 -25.24 18.37
C ASN B 335 27.18 -25.00 18.12
N VAL B 336 27.70 -23.98 18.76
CA VAL B 336 29.08 -23.54 18.51
C VAL B 336 30.05 -23.89 19.64
N GLY B 337 29.52 -24.27 20.80
CA GLY B 337 30.38 -24.59 21.95
C GLY B 337 29.65 -25.24 23.11
N LEU B 338 30.31 -26.24 23.69
CA LEU B 338 29.75 -27.05 24.78
C LEU B 338 30.75 -27.22 25.91
N LYS B 339 30.27 -27.03 27.12
CA LYS B 339 31.03 -27.34 28.34
C LYS B 339 30.39 -28.57 28.98
N GLY B 340 31.20 -29.62 29.07
CA GLY B 340 30.75 -30.91 29.66
C GLY B 340 31.75 -31.43 30.68
N ASP B 341 31.40 -31.38 31.96
CA ASP B 341 32.33 -31.73 33.04
C ASP B 341 31.61 -32.33 34.25
N ASP B 342 32.27 -33.28 34.86
CA ASP B 342 31.82 -33.81 36.16
C ASP B 342 32.93 -33.61 37.21
N LEU B 343 33.90 -32.78 36.85
CA LEU B 343 35.07 -32.50 37.70
C LEU B 343 34.79 -31.39 38.71
N HIS B 344 33.62 -30.77 38.57
CA HIS B 344 33.19 -29.70 39.48
C HIS B 344 32.78 -30.26 40.83
N THR B 345 33.78 -30.50 41.66
CA THR B 345 33.53 -30.94 43.04
C THR B 345 33.01 -29.77 43.89
N TYR B 346 33.39 -28.57 43.45
CA TYR B 346 33.01 -27.33 44.15
C TYR B 346 31.70 -26.95 43.51
N HIS B 347 30.73 -26.66 44.38
CA HIS B 347 29.43 -26.07 43.99
C HIS B 347 29.66 -24.64 43.43
N ASP B 348 30.92 -24.31 43.18
CA ASP B 348 31.43 -23.00 43.58
C ASP B 348 32.32 -22.29 42.56
N CYS B 349 33.02 -23.03 41.71
CA CYS B 349 33.94 -22.39 40.75
C CYS B 349 33.41 -22.40 39.32
N SER B 350 32.22 -22.97 39.15
CA SER B 350 31.59 -23.10 37.84
C SER B 350 31.12 -21.76 37.27
N ASN B 351 30.49 -20.94 38.09
CA ASN B 351 29.96 -19.66 37.61
C ASN B 351 30.99 -18.80 36.88
N ASN B 352 32.19 -18.72 37.45
CA ASN B 352 33.29 -17.98 36.80
C ASN B 352 33.71 -18.62 35.49
N SER B 353 33.90 -19.94 35.52
CA SER B 353 34.33 -20.70 34.34
C SER B 353 33.35 -20.56 33.17
N GLY B 354 32.05 -20.66 33.51
CA GLY B 354 30.97 -20.52 32.52
C GLY B 354 30.92 -19.09 31.98
N GLN B 355 31.17 -18.14 32.87
CA GLN B 355 31.10 -16.70 32.53
C GLN B 355 32.08 -16.32 31.41
N TYR B 356 33.31 -16.83 31.50
CA TYR B 356 34.34 -16.49 30.51
C TYR B 356 33.95 -17.00 29.13
N GLN B 357 33.20 -18.07 29.03
CA GLN B 357 32.69 -18.58 27.75
C GLN B 357 31.51 -17.75 27.24
N GLN B 358 30.66 -17.35 28.19
CA GLN B 358 29.52 -16.47 27.89
C GLN B 358 30.02 -15.10 27.42
N LYS B 359 31.07 -14.61 28.07
CA LYS B 359 31.69 -13.32 27.72
C LYS B 359 32.47 -13.44 26.41
N ILE B 360 33.05 -14.62 26.20
CA ILE B 360 33.82 -14.92 25.00
C ILE B 360 32.91 -14.86 23.79
N LEU B 361 31.64 -15.23 23.96
CA LEU B 361 30.62 -15.28 22.92
C LEU B 361 29.72 -14.06 22.94
N VAL B 362 30.32 -12.86 22.92
CA VAL B 362 29.61 -11.57 22.78
C VAL B 362 28.57 -11.43 23.88
N ILE B 363 29.01 -11.50 25.14
CA ILE B 363 28.09 -11.34 26.29
C ILE B 363 26.84 -12.22 26.11
N ASP B 364 27.09 -13.51 25.97
CA ASP B 364 26.05 -14.50 25.69
C ASP B 364 25.11 -14.64 26.89
N PRO B 365 23.83 -14.35 26.66
CA PRO B 365 22.76 -14.59 27.65
C PRO B 365 22.62 -16.10 27.89
N SER B 366 22.32 -16.46 29.13
CA SER B 366 22.27 -17.86 29.54
C SER B 366 20.97 -18.18 30.27
N GLY B 367 20.40 -19.33 29.94
CA GLY B 367 19.17 -19.84 30.56
C GLY B 367 19.55 -21.10 31.34
N ARG B 368 19.58 -20.97 32.65
CA ARG B 368 20.00 -22.07 33.54
C ARG B 368 18.80 -22.85 34.12
N GLY B 369 18.92 -24.15 34.09
CA GLY B 369 17.91 -25.04 34.70
C GLY B 369 17.95 -24.84 36.22
N LYS B 370 16.84 -24.41 36.78
CA LYS B 370 16.75 -24.16 38.23
C LYS B 370 16.56 -25.47 38.98
N ASP B 371 17.65 -26.20 39.13
CA ASP B 371 17.70 -27.36 40.06
C ASP B 371 18.54 -26.91 41.25
N GLU B 372 18.63 -27.73 42.29
CA GLU B 372 19.34 -27.33 43.52
C GLU B 372 20.67 -26.60 43.24
N THR B 373 21.47 -27.18 42.33
CA THR B 373 22.76 -26.60 41.94
C THR B 373 22.56 -25.36 41.06
N GLY B 374 21.57 -25.42 40.18
CA GLY B 374 21.11 -24.41 39.21
C GLY B 374 20.85 -23.08 39.86
N TYR B 375 19.83 -23.11 40.71
CA TYR B 375 19.39 -21.91 41.45
C TYR B 375 20.58 -21.20 42.02
N ALA B 376 21.38 -22.11 42.52
CA ALA B 376 22.66 -21.83 42.87
C ALA B 376 23.48 -21.00 41.81
N VAL B 377 24.08 -21.71 40.96
CA VAL B 377 24.90 -21.06 39.91
C VAL B 377 24.25 -19.76 39.35
N LEU B 378 22.92 -19.78 39.36
CA LEU B 378 22.15 -18.59 39.09
C LEU B 378 22.54 -17.32 39.82
N TYR B 379 22.53 -17.51 41.12
CA TYR B 379 22.84 -16.44 42.04
C TYR B 379 24.26 -15.92 41.74
N THR B 380 25.25 -16.76 41.69
CA THR B 380 26.64 -16.27 41.55
C THR B 380 26.84 -15.48 40.26
N LEU B 381 26.21 -15.93 39.18
CA LEU B 381 26.34 -15.25 37.88
C LEU B 381 25.15 -14.29 37.67
N ASN B 382 24.41 -14.03 38.71
CA ASN B 382 23.32 -13.07 38.62
C ASN B 382 23.91 -11.66 38.48
N GLY B 383 23.17 -10.82 37.77
CA GLY B 383 23.47 -9.38 37.64
C GLY B 383 23.56 -8.66 38.99
N TYR B 384 22.97 -9.26 40.02
CA TYR B 384 22.90 -8.67 41.36
C TYR B 384 23.65 -9.50 42.39
N ILE B 385 23.70 -10.81 42.15
CA ILE B 385 24.28 -11.68 43.17
C ILE B 385 25.77 -11.55 43.34
N TYR B 386 26.62 -12.10 42.47
CA TYR B 386 28.07 -12.10 42.74
C TYR B 386 28.97 -11.60 41.61
N LEU B 387 28.84 -12.22 40.45
CA LEU B 387 29.66 -11.89 39.27
C LEU B 387 29.07 -10.75 38.45
N MET B 388 27.85 -10.37 38.80
CA MET B 388 27.15 -9.21 38.21
C MET B 388 26.93 -9.35 36.69
N GLU B 389 26.86 -10.60 36.21
CA GLU B 389 26.59 -10.86 34.80
C GLU B 389 25.13 -10.48 34.50
N ALA B 390 24.96 -9.55 33.59
CA ALA B 390 23.64 -8.97 33.29
C ALA B 390 22.84 -9.74 32.23
N GLY B 391 23.41 -10.84 31.74
CA GLY B 391 22.78 -11.64 30.66
C GLY B 391 22.43 -13.07 31.14
N GLY B 392 21.67 -13.12 32.22
CA GLY B 392 21.12 -14.37 32.77
C GLY B 392 19.60 -14.35 32.62
N PHE B 393 19.09 -15.21 31.74
CA PHE B 393 17.65 -15.30 31.45
C PHE B 393 16.88 -15.89 32.63
N ARG B 394 15.74 -15.28 32.90
CA ARG B 394 14.85 -15.70 34.01
C ARG B 394 13.39 -15.56 33.58
N ASP B 395 12.57 -16.53 33.98
CA ASP B 395 11.12 -16.45 33.73
C ASP B 395 10.40 -15.60 34.78
N GLY B 396 11.09 -15.38 35.91
CA GLY B 396 10.58 -14.52 37.00
C GLY B 396 11.75 -13.86 37.73
N TYR B 397 11.42 -13.07 38.73
CA TYR B 397 12.42 -12.41 39.57
C TYR B 397 12.86 -13.27 40.76
N SER B 398 11.98 -14.20 41.13
CA SER B 398 12.30 -15.19 42.18
C SER B 398 13.10 -16.35 41.58
N ASP B 399 12.80 -16.63 40.31
CA ASP B 399 13.39 -17.73 39.57
C ASP B 399 14.31 -17.23 38.45
N LYS B 400 15.61 -17.23 38.75
CA LYS B 400 16.60 -16.68 37.84
C LYS B 400 17.01 -17.70 36.81
N THR B 401 16.06 -18.24 36.07
CA THR B 401 16.22 -19.20 34.97
C THR B 401 15.00 -20.03 34.67
N LEU B 402 15.19 -21.28 34.23
CA LEU B 402 14.08 -22.13 33.80
C LEU B 402 13.59 -22.96 34.99
N GLU B 403 12.42 -22.56 35.49
CA GLU B 403 11.73 -23.31 36.55
C GLU B 403 11.31 -24.66 35.97
N LEU B 404 11.71 -25.72 36.64
CA LEU B 404 11.42 -27.09 36.18
C LEU B 404 10.12 -27.60 36.84
N LEU B 405 9.45 -26.74 37.57
CA LEU B 405 8.18 -27.12 38.18
C LEU B 405 7.16 -27.32 37.05
N ALA B 406 6.43 -28.44 37.17
CA ALA B 406 5.29 -28.79 36.32
C ALA B 406 5.71 -29.28 34.94
N LYS B 407 6.51 -30.36 34.90
CA LYS B 407 6.39 -31.44 33.88
C LYS B 407 6.24 -30.99 32.41
N LYS B 408 5.40 -30.00 32.18
CA LYS B 408 5.07 -29.38 30.90
C LYS B 408 6.28 -28.77 30.20
N ALA B 409 7.13 -28.08 30.96
CA ALA B 409 8.33 -27.44 30.39
C ALA B 409 9.25 -28.47 29.74
N LYS B 410 9.45 -29.57 30.44
CA LYS B 410 10.28 -30.68 29.94
C LYS B 410 9.60 -31.33 28.73
N GLN B 411 8.30 -31.53 28.85
CA GLN B 411 7.49 -32.16 27.80
C GLN B 411 7.59 -31.43 26.46
N TRP B 412 7.15 -30.17 26.49
CA TRP B 412 7.17 -29.33 25.28
C TRP B 412 8.60 -28.99 24.87
N GLY B 413 9.50 -28.95 25.86
CA GLY B 413 10.93 -28.70 25.60
C GLY B 413 11.50 -29.85 24.75
N VAL B 414 11.12 -31.06 25.08
CA VAL B 414 11.48 -32.25 24.29
C VAL B 414 10.78 -32.21 22.92
N GLN B 415 9.52 -31.82 22.95
CA GLN B 415 8.72 -31.75 21.71
C GLN B 415 9.34 -30.73 20.74
N THR B 416 9.75 -29.60 21.26
CA THR B 416 10.36 -28.55 20.42
C THR B 416 11.76 -28.97 19.98
N VAL B 417 12.44 -29.69 20.87
CA VAL B 417 13.74 -30.30 20.54
C VAL B 417 13.80 -31.17 19.35
N VAL B 418 12.79 -31.99 19.39
CA VAL B 418 12.62 -32.95 18.32
C VAL B 418 12.44 -32.20 17.00
N TYR B 419 11.56 -31.23 17.01
CA TYR B 419 11.28 -30.44 15.81
C TYR B 419 12.52 -29.72 15.30
N GLU B 420 13.17 -29.00 16.21
CA GLU B 420 14.35 -28.19 15.87
C GLU B 420 15.44 -29.06 15.22
N SER B 421 15.71 -30.20 15.84
CA SER B 421 16.74 -31.11 15.34
C SER B 421 16.37 -31.81 14.03
N ASN B 422 15.11 -32.18 13.89
CA ASN B 422 14.65 -32.95 12.72
C ASN B 422 14.41 -32.08 11.48
N PHE B 423 13.91 -30.87 11.71
CA PHE B 423 13.63 -29.93 10.61
C PHE B 423 14.90 -29.19 10.22
N GLY B 424 15.98 -29.55 10.94
CA GLY B 424 17.33 -29.02 10.70
C GLY B 424 17.42 -27.51 10.98
N ASP B 425 16.60 -27.03 11.91
CA ASP B 425 16.69 -25.63 12.35
C ASP B 425 17.87 -25.48 13.32
N GLY B 426 18.08 -26.52 14.13
CA GLY B 426 19.18 -26.57 15.08
C GLY B 426 20.20 -27.62 14.62
N MET B 427 21.46 -27.21 14.52
CA MET B 427 22.54 -28.11 14.08
C MET B 427 23.44 -28.45 15.26
N PHE B 428 23.63 -29.74 15.49
CA PHE B 428 24.44 -30.22 16.62
C PHE B 428 25.76 -30.72 16.04
N GLY B 429 26.84 -30.31 16.70
CA GLY B 429 28.20 -30.65 16.24
C GLY B 429 28.93 -31.56 17.21
N LYS B 430 28.47 -31.58 18.46
CA LYS B 430 29.19 -32.30 19.52
C LYS B 430 28.92 -33.76 19.39
N VAL B 431 29.92 -34.60 19.35
CA VAL B 431 29.82 -36.07 19.30
C VAL B 431 29.05 -36.76 20.39
N PHE B 432 29.29 -36.23 21.55
CA PHE B 432 28.75 -36.76 22.77
C PHE B 432 27.32 -36.34 22.87
N SER B 433 27.00 -35.21 22.29
CA SER B 433 25.64 -34.72 22.13
C SER B 433 24.61 -35.66 21.50
N PRO B 434 24.92 -36.08 20.29
CA PRO B 434 24.19 -36.94 19.40
C PRO B 434 24.25 -38.35 19.96
N ILE B 435 25.34 -38.73 20.62
CA ILE B 435 25.44 -40.05 21.24
C ILE B 435 24.46 -40.18 22.41
N LEU B 436 24.20 -39.07 23.08
CA LEU B 436 23.22 -39.04 24.18
C LEU B 436 21.81 -39.09 23.65
N LEU B 437 21.61 -38.48 22.49
CA LEU B 437 20.32 -38.57 21.79
C LEU B 437 20.02 -40.03 21.43
N LYS B 438 21.11 -40.79 21.22
CA LYS B 438 21.04 -42.20 20.79
C LYS B 438 20.33 -43.07 21.77
N HIS B 439 20.46 -42.58 22.99
CA HIS B 439 19.88 -43.26 24.11
C HIS B 439 18.91 -42.55 24.99
N HIS B 440 18.57 -41.37 24.50
CA HIS B 440 17.57 -40.56 25.14
C HIS B 440 16.22 -40.96 24.54
N ASN B 441 15.61 -41.97 25.15
CA ASN B 441 14.40 -42.58 24.59
C ASN B 441 13.23 -42.61 25.58
N CYS B 442 12.12 -43.17 25.12
CA CYS B 442 10.89 -43.33 25.90
C CYS B 442 11.14 -43.85 27.31
N ALA B 443 10.71 -43.04 28.26
CA ALA B 443 10.63 -43.43 29.67
C ALA B 443 9.23 -43.02 30.12
N MET B 444 8.25 -43.67 29.50
CA MET B 444 6.85 -43.29 29.64
C MET B 444 6.52 -42.83 31.07
N GLU B 445 5.90 -41.67 31.15
CA GLU B 445 5.39 -40.96 29.99
C GLU B 445 6.23 -39.82 29.47
N GLU B 446 7.51 -39.93 29.77
CA GLU B 446 8.47 -38.91 29.31
C GLU B 446 9.61 -39.58 28.54
N ILE B 447 10.74 -38.89 28.51
CA ILE B 447 11.98 -39.44 27.94
C ILE B 447 13.11 -39.22 28.93
N ARG B 448 14.05 -40.16 28.93
CA ARG B 448 15.24 -40.13 29.77
C ARG B 448 16.35 -40.92 29.07
N ALA B 449 17.41 -41.23 29.78
CA ALA B 449 18.56 -42.00 29.32
C ALA B 449 18.38 -43.38 29.92
N ARG B 450 18.49 -44.37 29.03
CA ARG B 450 18.40 -45.77 29.45
C ARG B 450 19.56 -46.12 30.38
N GLY B 451 19.48 -47.32 30.95
CA GLY B 451 20.44 -47.77 31.98
C GLY B 451 21.89 -47.55 31.52
N MET B 452 22.65 -46.93 32.41
CA MET B 452 24.11 -46.70 32.24
C MET B 452 24.45 -45.58 31.25
N LYS B 453 23.47 -44.75 30.92
CA LYS B 453 23.74 -43.59 30.05
C LYS B 453 23.37 -42.28 30.74
N GLU B 454 23.98 -41.21 30.24
CA GLU B 454 23.75 -39.84 30.73
C GLU B 454 22.83 -39.08 29.78
N MET B 455 22.07 -38.15 30.28
CA MET B 455 21.21 -37.32 29.43
C MET B 455 21.45 -35.83 29.69
N ARG B 456 22.54 -35.53 30.34
CA ARG B 456 22.87 -34.14 30.74
C ARG B 456 22.95 -33.18 29.56
N ILE B 457 23.53 -33.67 28.47
CA ILE B 457 23.70 -32.84 27.28
C ILE B 457 22.36 -32.59 26.57
N CYS B 458 21.56 -33.65 26.56
CA CYS B 458 20.27 -33.63 25.88
C CYS B 458 19.29 -32.78 26.69
N ASP B 459 19.35 -32.97 28.00
CA ASP B 459 18.47 -32.27 28.93
C ASP B 459 18.76 -30.82 28.89
N THR B 460 19.98 -30.38 28.69
CA THR B 460 20.25 -28.94 28.60
C THR B 460 19.87 -28.34 27.24
N LEU B 461 19.78 -29.17 26.23
CA LEU B 461 19.18 -28.77 24.96
C LEU B 461 17.67 -28.68 25.03
N GLU B 462 17.07 -29.50 25.88
CA GLU B 462 15.64 -29.43 26.19
C GLU B 462 15.24 -28.02 26.73
N PRO B 463 16.05 -27.38 27.58
CA PRO B 463 15.95 -26.05 28.15
C PRO B 463 15.97 -25.09 26.99
N VAL B 464 16.87 -25.28 26.04
CA VAL B 464 16.93 -24.43 24.82
C VAL B 464 15.63 -24.59 24.03
N MET B 465 15.15 -25.81 23.96
CA MET B 465 13.92 -26.05 23.21
C MET B 465 12.73 -25.34 23.81
N GLN B 466 12.63 -25.42 25.13
CA GLN B 466 11.58 -24.71 25.87
C GLN B 466 11.75 -23.19 25.73
N THR B 467 13.00 -22.76 25.80
CA THR B 467 13.34 -21.33 25.64
C THR B 467 12.95 -20.87 24.23
N HIS B 468 13.12 -21.78 23.26
CA HIS B 468 12.80 -21.56 21.85
C HIS B 468 11.37 -21.11 21.62
N ARG B 469 10.49 -21.61 22.48
CA ARG B 469 9.06 -21.24 22.41
C ARG B 469 8.79 -19.84 22.93
N LEU B 470 9.60 -19.45 23.90
CA LEU B 470 9.38 -18.18 24.60
C LEU B 470 9.51 -16.99 23.65
N VAL B 471 8.63 -16.03 23.88
CA VAL B 471 8.58 -14.79 23.08
C VAL B 471 9.86 -13.97 23.27
N ILE B 472 10.41 -13.94 24.46
CA ILE B 472 11.62 -13.14 24.71
C ILE B 472 12.81 -13.66 23.88
N ARG B 473 12.79 -14.96 23.66
CA ARG B 473 13.84 -15.63 22.89
C ARG B 473 13.84 -15.17 21.44
N ASP B 474 12.65 -14.81 20.94
CA ASP B 474 12.53 -14.35 19.55
C ASP B 474 13.34 -13.08 19.27
N GLU B 475 14.41 -12.83 20.05
CA GLU B 475 15.63 -12.13 19.59
C GLU B 475 16.70 -11.84 20.64
N VAL B 476 16.92 -12.76 21.59
CA VAL B 476 18.07 -12.64 22.49
C VAL B 476 19.39 -12.87 21.72
N MET C 1 7.70 -73.48 -12.18
CA MET C 1 8.66 -72.98 -13.19
C MET C 1 8.02 -71.94 -14.11
N SER C 2 6.82 -72.26 -14.59
CA SER C 2 6.10 -71.41 -15.54
C SER C 2 5.84 -70.01 -15.00
N THR C 3 5.46 -69.94 -13.74
CA THR C 3 5.17 -68.66 -13.06
C THR C 3 6.42 -67.77 -13.00
N GLN C 4 7.55 -68.39 -12.67
CA GLN C 4 8.83 -67.67 -12.57
C GLN C 4 9.27 -67.15 -13.95
N SER C 5 9.13 -68.00 -14.96
CA SER C 5 9.53 -67.65 -16.33
C SER C 5 8.63 -66.56 -16.92
N ASN C 6 7.33 -66.68 -16.66
CA ASN C 6 6.35 -65.67 -17.12
C ASN C 6 6.66 -64.32 -16.47
N ARG C 7 6.88 -64.35 -15.16
CA ARG C 7 7.24 -63.14 -14.40
C ARG C 7 8.58 -62.57 -14.87
N ASN C 8 9.49 -63.47 -15.22
CA ASN C 8 10.82 -63.09 -15.71
C ASN C 8 10.65 -62.28 -16.99
N ALA C 9 9.88 -62.80 -17.92
CA ALA C 9 9.58 -62.10 -19.18
C ALA C 9 8.83 -60.79 -18.93
N LEU C 10 7.98 -60.82 -17.90
CA LEU C 10 7.13 -59.69 -17.55
C LEU C 10 7.96 -58.47 -17.19
N VAL C 11 9.06 -58.60 -16.47
CA VAL C 11 9.87 -57.44 -16.04
C VAL C 11 11.32 -57.49 -16.56
N VAL C 12 11.53 -58.20 -17.66
CA VAL C 12 12.82 -58.19 -18.36
C VAL C 12 12.53 -58.31 -19.86
N ALA C 13 12.23 -57.17 -20.44
CA ALA C 13 11.80 -57.11 -21.85
C ALA C 13 12.87 -57.63 -22.81
N GLN C 14 14.14 -57.33 -22.51
CA GLN C 14 15.26 -57.77 -23.36
C GLN C 14 15.34 -59.30 -23.41
N LEU C 15 15.12 -59.91 -22.25
CA LEU C 15 15.15 -61.37 -22.16
C LEU C 15 13.97 -62.00 -22.91
N LYS C 16 12.80 -61.38 -22.76
CA LYS C 16 11.59 -61.83 -23.45
C LYS C 16 11.77 -61.72 -24.97
N GLY C 17 12.37 -60.60 -25.38
CA GLY C 17 12.59 -60.27 -26.79
C GLY C 17 13.62 -61.20 -27.44
N ASP C 18 14.64 -61.57 -26.67
CA ASP C 18 15.74 -62.42 -27.17
C ASP C 18 15.38 -63.90 -27.20
N PHE C 19 14.36 -64.27 -26.41
CA PHE C 19 14.09 -65.70 -26.15
C PHE C 19 12.83 -66.18 -26.83
N VAL C 20 11.84 -65.30 -26.95
CA VAL C 20 10.49 -65.74 -27.35
C VAL C 20 9.95 -65.10 -28.63
N ALA C 21 10.40 -63.88 -28.95
CA ALA C 21 10.00 -63.20 -30.21
C ALA C 21 10.73 -63.84 -31.37
N PHE C 22 9.98 -64.31 -32.39
CA PHE C 22 10.43 -65.14 -33.53
C PHE C 22 9.95 -64.57 -34.87
N LEU C 23 10.44 -65.14 -35.97
CA LEU C 23 10.11 -64.64 -37.32
C LEU C 23 9.62 -65.69 -38.31
N PHE C 24 9.98 -66.95 -38.08
CA PHE C 24 9.64 -68.05 -39.01
C PHE C 24 10.36 -67.86 -40.34
N VAL C 25 11.50 -68.51 -40.46
CA VAL C 25 12.31 -68.47 -41.70
C VAL C 25 11.98 -69.70 -42.56
N LEU C 26 12.13 -69.51 -43.86
CA LEU C 26 11.83 -70.56 -44.84
C LEU C 26 12.85 -71.72 -44.82
N TRP C 27 14.09 -71.42 -44.40
CA TRP C 27 15.16 -72.42 -44.43
C TRP C 27 15.43 -73.05 -43.07
N LYS C 28 15.18 -72.30 -42.02
CA LYS C 28 15.49 -72.76 -40.65
C LYS C 28 14.26 -72.83 -39.76
N ALA C 29 13.07 -72.63 -40.35
CA ALA C 29 11.80 -72.65 -39.62
C ALA C 29 11.73 -71.48 -38.61
N LEU C 30 10.99 -71.68 -37.53
CA LEU C 30 10.86 -70.69 -36.46
C LEU C 30 12.19 -70.46 -35.75
N ASN C 31 12.73 -69.27 -35.96
CA ASN C 31 14.01 -68.85 -35.34
C ASN C 31 13.80 -67.60 -34.49
N LEU C 32 14.69 -67.44 -33.51
CA LEU C 32 14.72 -66.24 -32.67
C LEU C 32 15.15 -65.03 -33.52
N PRO C 33 14.50 -63.89 -33.37
CA PRO C 33 14.81 -62.58 -33.89
C PRO C 33 16.11 -62.22 -33.22
N VAL C 34 17.03 -61.80 -34.07
CA VAL C 34 18.36 -61.36 -33.63
C VAL C 34 18.33 -59.84 -33.40
N PRO C 35 18.10 -59.45 -32.15
CA PRO C 35 18.03 -58.03 -31.78
C PRO C 35 19.36 -57.34 -32.06
N THR C 36 19.25 -56.05 -32.36
CA THR C 36 20.45 -55.21 -32.58
C THR C 36 20.62 -54.31 -31.37
N LYS C 37 21.83 -53.82 -31.19
CA LYS C 37 22.19 -52.98 -30.05
C LYS C 37 21.28 -51.75 -29.91
N CYS C 38 20.89 -51.19 -31.05
CA CYS C 38 20.00 -50.01 -31.03
C CYS C 38 18.58 -50.39 -30.59
N GLN C 39 18.13 -51.56 -31.06
CA GLN C 39 16.82 -52.09 -30.71
C GLN C 39 16.75 -52.46 -29.23
N ILE C 40 17.83 -53.05 -28.74
CA ILE C 40 17.95 -53.42 -27.31
C ILE C 40 17.87 -52.17 -26.43
N ASP C 41 18.60 -51.12 -26.85
CA ASP C 41 18.62 -49.84 -26.15
C ASP C 41 17.23 -49.23 -26.11
N MET C 42 16.53 -49.38 -27.23
CA MET C 42 15.18 -48.82 -27.39
C MET C 42 14.17 -49.58 -26.51
N ALA C 43 14.31 -50.88 -26.42
CA ALA C 43 13.42 -51.68 -25.57
C ALA C 43 13.54 -51.29 -24.09
N LYS C 44 14.79 -51.14 -23.64
CA LYS C 44 15.07 -50.72 -22.25
C LYS C 44 14.43 -49.36 -21.97
N VAL C 45 14.59 -48.45 -22.92
CA VAL C 45 14.08 -47.10 -22.77
C VAL C 45 12.57 -47.11 -22.69
N LEU C 46 11.88 -48.00 -23.33
CA LEU C 46 10.41 -48.07 -23.23
C LEU C 46 10.04 -49.15 -22.23
N ALA C 47 9.92 -48.73 -20.97
CA ALA C 47 9.49 -49.64 -19.89
C ALA C 47 8.97 -48.82 -18.72
N ASN C 48 8.06 -49.40 -17.96
CA ASN C 48 7.43 -48.71 -16.81
C ASN C 48 8.50 -48.31 -15.76
N GLY C 49 9.56 -49.11 -15.70
CA GLY C 49 10.63 -48.97 -14.70
C GLY C 49 11.38 -47.70 -15.05
N ASP C 50 11.48 -47.46 -16.34
CA ASP C 50 12.17 -46.27 -16.87
C ASP C 50 11.17 -45.36 -17.58
N ASN C 51 11.02 -44.17 -17.02
CA ASN C 51 10.17 -43.12 -17.55
C ASN C 51 8.74 -43.64 -17.74
N LYS C 52 8.24 -43.63 -18.99
CA LYS C 52 6.83 -43.48 -19.33
C LYS C 52 6.58 -42.83 -20.70
N LYS C 53 7.36 -41.79 -21.00
CA LYS C 53 7.31 -41.01 -22.23
C LYS C 53 8.66 -41.07 -22.93
N PHE C 54 8.68 -41.60 -24.13
CA PHE C 54 9.93 -41.72 -24.90
C PHE C 54 9.72 -41.27 -26.33
N ILE C 55 10.75 -40.63 -26.87
CA ILE C 55 10.75 -40.15 -28.27
C ILE C 55 12.05 -40.56 -28.94
N LEU C 56 11.91 -41.22 -30.08
CA LEU C 56 13.07 -41.67 -30.86
C LEU C 56 13.17 -40.88 -32.14
N GLN C 57 14.37 -40.37 -32.36
CA GLN C 57 14.69 -39.72 -33.61
C GLN C 57 15.58 -40.67 -34.40
N ALA C 58 14.99 -41.53 -35.18
CA ALA C 58 15.74 -42.57 -35.91
C ALA C 58 15.81 -42.22 -37.39
N PHE C 59 16.75 -42.85 -38.08
CA PHE C 59 16.85 -42.71 -39.54
C PHE C 59 15.91 -43.73 -40.17
N ARG C 60 15.84 -43.70 -41.50
CA ARG C 60 14.98 -44.61 -42.26
C ARG C 60 15.79 -45.85 -42.67
N GLY C 61 15.18 -46.91 -43.13
CA GLY C 61 15.92 -48.16 -43.44
C GLY C 61 16.56 -48.79 -42.19
N ILE C 62 16.02 -48.48 -41.01
CA ILE C 62 16.31 -49.24 -39.78
C ILE C 62 15.03 -50.00 -39.45
N GLY C 63 15.19 -51.30 -39.23
CA GLY C 63 14.06 -52.20 -38.95
C GLY C 63 13.38 -51.90 -37.61
N LYS C 64 13.10 -50.63 -37.37
CA LYS C 64 12.50 -50.13 -36.12
C LYS C 64 11.21 -50.92 -35.81
N SER C 65 10.41 -51.20 -36.83
CA SER C 65 9.09 -51.83 -36.63
C SER C 65 9.25 -53.16 -35.89
N PHE C 66 10.38 -53.81 -36.13
CA PHE C 66 10.70 -55.10 -35.51
C PHE C 66 10.77 -54.95 -33.99
N ILE C 67 11.30 -53.84 -33.56
CA ILE C 67 11.40 -53.58 -32.10
C ILE C 67 10.12 -53.04 -31.53
N THR C 68 9.51 -52.13 -32.28
CA THR C 68 8.27 -51.48 -31.86
C THR C 68 7.19 -52.55 -31.68
N CYS C 69 7.20 -53.55 -32.56
CA CYS C 69 6.26 -54.67 -32.50
C CYS C 69 6.51 -55.53 -31.26
N ALA C 70 7.79 -55.82 -31.00
CA ALA C 70 8.18 -56.62 -29.83
C ALA C 70 7.79 -55.92 -28.51
N PHE C 71 7.88 -54.61 -28.49
CA PHE C 71 7.53 -53.86 -27.28
C PHE C 71 6.02 -53.84 -27.06
N VAL C 72 5.29 -53.55 -28.13
CA VAL C 72 3.82 -53.50 -28.06
C VAL C 72 3.25 -54.88 -27.67
N VAL C 73 3.86 -55.93 -28.23
CA VAL C 73 3.50 -57.29 -27.85
C VAL C 73 3.72 -57.40 -26.34
N TRP C 74 4.96 -57.20 -25.92
CA TRP C 74 5.35 -57.40 -24.52
C TRP C 74 4.40 -56.66 -23.57
N SER C 75 3.95 -55.48 -24.00
CA SER C 75 3.05 -54.65 -23.19
C SER C 75 1.73 -55.38 -22.95
N LEU C 76 1.04 -55.71 -24.05
CA LEU C 76 -0.26 -56.37 -23.99
C LEU C 76 -0.25 -57.77 -23.37
N TRP C 77 0.83 -58.49 -23.63
CA TRP C 77 0.97 -59.86 -23.12
C TRP C 77 1.23 -59.95 -21.62
N ARG C 78 1.77 -58.88 -21.05
CA ARG C 78 2.15 -58.88 -19.62
C ARG C 78 1.48 -57.75 -18.83
N ASP C 79 0.38 -57.24 -19.37
CA ASP C 79 -0.39 -56.24 -18.64
C ASP C 79 -1.16 -56.91 -17.50
N PRO C 80 -1.32 -56.17 -16.39
CA PRO C 80 -2.03 -56.66 -15.20
C PRO C 80 -3.53 -56.68 -15.50
N GLN C 81 -3.93 -57.62 -16.39
CA GLN C 81 -5.34 -57.84 -16.79
C GLN C 81 -5.97 -56.54 -17.33
N LEU C 82 -5.13 -55.73 -17.96
CA LEU C 82 -5.57 -54.42 -18.43
C LEU C 82 -4.83 -54.04 -19.68
N LYS C 83 -5.35 -53.14 -20.52
CA LYS C 83 -4.68 -52.00 -21.14
C LYS C 83 -4.91 -52.00 -22.64
N ILE C 84 -5.38 -50.77 -22.99
CA ILE C 84 -5.65 -50.40 -24.38
C ILE C 84 -4.48 -49.66 -25.01
N LEU C 85 -4.12 -50.12 -26.17
CA LEU C 85 -3.02 -49.51 -26.92
C LEU C 85 -3.56 -49.01 -28.24
N ILE C 86 -3.24 -47.75 -28.52
CA ILE C 86 -3.63 -47.10 -29.77
C ILE C 86 -2.42 -46.39 -30.37
N VAL C 87 -2.40 -46.34 -31.69
CA VAL C 87 -1.34 -45.65 -32.44
C VAL C 87 -1.95 -44.55 -33.32
N SER C 88 -1.17 -43.52 -33.52
CA SER C 88 -1.59 -42.43 -34.42
C SER C 88 -0.73 -42.45 -35.66
N ALA C 89 -1.39 -42.52 -36.81
CA ALA C 89 -0.70 -42.63 -38.11
C ALA C 89 -1.65 -42.34 -39.25
N SER C 90 -1.21 -41.82 -40.36
CA SER C 90 -2.08 -41.42 -41.48
C SER C 90 -2.53 -42.60 -42.35
N LYS C 91 -1.94 -43.76 -42.07
CA LYS C 91 -2.23 -44.93 -42.89
C LYS C 91 -2.76 -46.08 -42.02
N GLU C 92 -3.38 -47.05 -42.71
CA GLU C 92 -2.79 -48.34 -43.14
C GLU C 92 -1.34 -48.60 -42.64
N ARG C 93 -0.63 -47.53 -42.35
CA ARG C 93 0.73 -47.47 -41.79
C ARG C 93 0.65 -48.03 -40.39
N ALA C 94 -0.33 -47.60 -39.60
CA ALA C 94 -0.55 -48.11 -38.24
C ALA C 94 -1.03 -49.56 -38.26
N ASP C 95 -1.73 -49.92 -39.33
CA ASP C 95 -2.19 -51.30 -39.52
C ASP C 95 -1.00 -52.22 -39.77
N ALA C 96 -0.01 -51.71 -40.48
CA ALA C 96 1.23 -52.46 -40.77
C ALA C 96 2.04 -52.71 -39.49
N ASN C 97 2.01 -51.74 -38.58
CA ASN C 97 2.73 -51.84 -37.31
C ASN C 97 2.16 -52.96 -36.43
N SER C 98 0.83 -52.96 -36.31
CA SER C 98 0.12 -53.97 -35.51
C SER C 98 0.19 -55.34 -36.17
N ILE C 99 0.33 -55.36 -37.47
CA ILE C 99 0.46 -56.63 -38.19
C ILE C 99 1.71 -57.33 -37.68
N PHE C 100 2.77 -56.56 -37.51
CA PHE C 100 4.09 -57.05 -37.07
C PHE C 100 4.02 -57.46 -35.61
N ILE C 101 3.23 -56.73 -34.86
CA ILE C 101 3.01 -57.04 -33.44
C ILE C 101 2.26 -58.38 -33.33
N LYS C 102 1.35 -58.59 -34.26
CA LYS C 102 0.58 -59.83 -34.38
C LYS C 102 1.50 -60.96 -34.83
N ASN C 103 2.46 -60.63 -35.71
CA ASN C 103 3.47 -61.59 -36.17
C ASN C 103 4.34 -62.06 -35.00
N ILE C 104 4.54 -61.17 -34.03
CA ILE C 104 5.29 -61.50 -32.82
C ILE C 104 4.45 -62.36 -31.87
N ILE C 105 3.23 -61.90 -31.64
CA ILE C 105 2.28 -62.57 -30.74
C ILE C 105 2.06 -64.02 -31.17
N ASP C 106 1.81 -64.18 -32.47
CA ASP C 106 1.41 -65.48 -33.03
C ASP C 106 2.49 -66.56 -32.85
N LEU C 107 3.73 -66.11 -32.64
CA LEU C 107 4.87 -67.02 -32.48
C LEU C 107 5.23 -67.35 -31.05
N LEU C 108 4.60 -66.63 -30.13
CA LEU C 108 4.76 -66.90 -28.70
C LEU C 108 4.23 -68.29 -28.32
N PRO C 109 4.86 -68.91 -27.32
CA PRO C 109 4.41 -70.17 -26.71
C PRO C 109 3.09 -69.89 -25.98
N PHE C 110 2.36 -70.97 -25.72
CA PHE C 110 1.05 -70.91 -25.07
C PHE C 110 1.03 -70.12 -23.76
N LEU C 111 2.03 -70.38 -22.94
CA LEU C 111 2.09 -69.80 -21.60
C LEU C 111 2.32 -68.29 -21.59
N SER C 112 2.89 -67.78 -22.67
CA SER C 112 3.15 -66.33 -22.79
C SER C 112 2.09 -65.67 -23.63
N GLU C 113 1.46 -66.50 -24.45
CA GLU C 113 0.34 -66.11 -25.26
C GLU C 113 -1.01 -66.03 -24.49
N LEU C 114 -1.56 -64.84 -24.24
CA LEU C 114 -2.97 -64.66 -23.87
C LEU C 114 -3.89 -65.07 -25.02
N LYS C 115 -5.04 -65.60 -24.61
CA LYS C 115 -6.07 -66.01 -25.58
C LYS C 115 -6.54 -64.79 -26.39
N PRO C 116 -6.77 -65.00 -27.69
CA PRO C 116 -7.23 -63.97 -28.61
C PRO C 116 -8.76 -63.90 -28.70
N ARG C 117 -9.29 -62.74 -28.33
CA ARG C 117 -10.74 -62.50 -28.46
C ARG C 117 -11.05 -62.01 -29.88
N PRO C 118 -10.61 -60.80 -30.26
CA PRO C 118 -10.65 -60.34 -31.65
C PRO C 118 -9.23 -60.30 -32.21
N GLY C 119 -9.19 -60.41 -33.53
CA GLY C 119 -7.93 -60.47 -34.28
C GLY C 119 -8.11 -60.11 -35.73
N GLN C 120 -8.09 -58.81 -36.00
CA GLN C 120 -8.30 -58.31 -37.37
C GLN C 120 -9.70 -58.65 -37.90
N ARG C 121 -10.65 -58.75 -36.97
CA ARG C 121 -12.04 -59.05 -37.33
C ARG C 121 -12.62 -57.93 -38.17
N ASP C 122 -13.49 -58.29 -39.10
CA ASP C 122 -14.14 -57.34 -40.01
C ASP C 122 -13.12 -56.56 -40.85
N SER C 123 -11.95 -57.19 -41.06
CA SER C 123 -10.87 -56.60 -41.86
C SER C 123 -10.48 -55.20 -41.35
N VAL C 124 -10.20 -55.23 -40.07
CA VAL C 124 -9.58 -54.16 -39.32
C VAL C 124 -8.25 -54.72 -38.79
N ILE C 125 -7.31 -54.00 -38.19
CA ILE C 125 -7.34 -52.62 -37.62
C ILE C 125 -7.48 -52.73 -36.10
N SER C 126 -7.44 -53.94 -35.56
CA SER C 126 -7.61 -54.13 -34.11
C SER C 126 -7.43 -55.58 -33.68
N PHE C 127 -6.87 -55.73 -32.49
CA PHE C 127 -6.76 -57.03 -31.82
C PHE C 127 -7.12 -56.87 -30.35
N ASP C 128 -7.66 -57.94 -29.78
CA ASP C 128 -8.08 -57.94 -28.36
C ASP C 128 -9.02 -56.78 -27.98
N VAL C 129 -9.98 -56.47 -28.83
CA VAL C 129 -11.06 -55.51 -28.64
C VAL C 129 -11.96 -56.00 -27.50
N GLY C 130 -12.31 -55.00 -26.69
CA GLY C 130 -13.16 -55.24 -25.55
C GLY C 130 -12.39 -55.94 -24.41
N PRO C 131 -12.98 -55.93 -23.22
CA PRO C 131 -12.38 -56.52 -22.01
C PRO C 131 -11.87 -57.92 -22.32
N ALA C 132 -10.74 -58.28 -21.74
CA ALA C 132 -10.00 -59.52 -22.10
C ALA C 132 -8.62 -59.66 -21.47
N ASN C 133 -7.93 -58.55 -21.38
CA ASN C 133 -8.43 -57.15 -21.50
C ASN C 133 -7.68 -56.22 -22.44
N PRO C 134 -6.37 -56.43 -22.49
CA PRO C 134 -5.49 -55.58 -23.29
C PRO C 134 -5.87 -55.64 -24.75
N ASP C 135 -5.68 -54.54 -25.45
CA ASP C 135 -6.02 -54.39 -26.89
C ASP C 135 -5.01 -53.49 -27.60
N HIS C 136 -4.93 -53.66 -28.91
CA HIS C 136 -4.14 -52.78 -29.78
C HIS C 136 -4.98 -52.34 -30.98
N SER C 137 -5.10 -51.03 -31.14
CA SER C 137 -5.91 -50.46 -32.22
C SER C 137 -5.11 -49.52 -33.14
N PRO C 138 -5.02 -49.95 -34.39
CA PRO C 138 -4.47 -49.14 -35.49
C PRO C 138 -5.43 -48.02 -35.87
N SER C 139 -4.92 -46.79 -35.80
CA SER C 139 -5.72 -45.60 -36.14
C SER C 139 -4.92 -44.60 -36.96
N VAL C 140 -5.64 -43.97 -37.88
CA VAL C 140 -5.19 -42.77 -38.55
C VAL C 140 -5.06 -41.59 -37.59
N LYS C 141 -3.95 -40.86 -37.58
CA LYS C 141 -3.79 -39.73 -36.68
C LYS C 141 -4.48 -38.50 -37.27
N SER C 142 -4.74 -38.52 -38.56
CA SER C 142 -5.39 -37.40 -39.26
C SER C 142 -6.82 -37.17 -38.74
N VAL C 143 -7.50 -38.27 -38.40
CA VAL C 143 -8.87 -38.21 -37.86
C VAL C 143 -8.86 -37.75 -36.39
N GLY C 144 -8.19 -38.56 -35.56
CA GLY C 144 -7.89 -38.27 -34.18
C GLY C 144 -7.07 -37.04 -34.29
N ILE C 145 -7.33 -35.88 -33.72
CA ILE C 145 -7.99 -35.59 -32.42
C ILE C 145 -9.15 -36.46 -31.96
N THR C 146 -9.95 -36.94 -32.90
CA THR C 146 -11.07 -37.85 -32.60
C THR C 146 -10.63 -39.13 -31.89
N GLY C 147 -9.53 -39.73 -32.36
CA GLY C 147 -9.01 -41.02 -31.85
C GLY C 147 -8.55 -40.93 -30.40
N GLN C 148 -7.92 -39.81 -30.06
CA GLN C 148 -7.36 -39.61 -28.70
C GLN C 148 -8.46 -39.41 -27.67
N LEU C 149 -9.34 -38.46 -27.92
CA LEU C 149 -10.44 -38.12 -26.99
C LEU C 149 -11.44 -39.27 -26.81
N THR C 150 -11.75 -39.90 -27.93
CA THR C 150 -12.79 -40.94 -27.98
C THR C 150 -12.42 -42.22 -27.21
N GLY C 151 -11.10 -42.48 -27.15
CA GLY C 151 -10.58 -43.69 -26.49
C GLY C 151 -11.11 -43.79 -25.05
N SER C 152 -11.38 -45.02 -24.64
CA SER C 152 -11.89 -45.28 -23.28
C SER C 152 -10.84 -46.06 -22.53
N ARG C 153 -10.27 -45.42 -21.49
CA ARG C 153 -9.23 -45.99 -20.63
C ARG C 153 -8.01 -46.38 -21.45
N ALA C 154 -7.55 -45.44 -22.29
CA ALA C 154 -6.29 -45.57 -23.04
C ALA C 154 -5.17 -45.86 -22.05
N ASP C 155 -4.22 -46.69 -22.44
CA ASP C 155 -3.10 -46.97 -21.55
C ASP C 155 -1.82 -46.58 -22.20
N ILE C 156 -1.66 -46.83 -23.51
CA ILE C 156 -0.47 -46.49 -24.33
C ILE C 156 -0.83 -45.92 -25.66
N ILE C 157 -0.02 -44.95 -26.02
CA ILE C 157 -0.13 -44.34 -27.35
C ILE C 157 1.23 -44.41 -28.03
N ILE C 158 1.27 -45.12 -29.14
CA ILE C 158 2.48 -45.15 -29.98
C ILE C 158 2.20 -44.32 -31.24
N ALA C 159 3.06 -43.37 -31.54
CA ALA C 159 2.86 -42.50 -32.70
C ALA C 159 3.93 -42.74 -33.76
N ASP C 160 3.49 -43.43 -34.81
CA ASP C 160 4.35 -43.75 -35.95
C ASP C 160 4.60 -42.51 -36.81
N ASP C 161 5.82 -42.41 -37.34
CA ASP C 161 6.31 -41.36 -38.26
C ASP C 161 5.69 -40.01 -37.89
N VAL C 162 5.79 -39.67 -36.63
CA VAL C 162 5.20 -38.44 -36.05
C VAL C 162 5.59 -37.15 -36.78
N GLU C 163 6.77 -37.13 -37.37
CA GLU C 163 7.23 -35.96 -38.10
C GLU C 163 6.50 -35.68 -39.41
N ILE C 164 6.01 -36.74 -40.03
CA ILE C 164 5.25 -36.64 -41.30
C ILE C 164 3.69 -36.60 -41.20
N PRO C 165 3.11 -36.40 -40.02
CA PRO C 165 1.69 -36.20 -39.82
C PRO C 165 1.37 -34.71 -39.89
N SER C 166 0.72 -34.34 -40.97
CA SER C 166 0.24 -32.95 -41.17
C SER C 166 -0.90 -32.60 -40.20
N ASN C 167 -0.97 -31.31 -39.87
CA ASN C 167 -2.00 -30.76 -38.96
C ASN C 167 -2.05 -31.55 -37.64
N SER C 168 -0.87 -31.79 -37.10
CA SER C 168 -0.67 -32.60 -35.89
C SER C 168 -0.98 -31.80 -34.62
N ALA C 169 -0.88 -30.47 -34.71
CA ALA C 169 -1.01 -29.57 -33.54
C ALA C 169 -2.27 -29.85 -32.70
N THR C 170 -3.38 -30.12 -33.38
CA THR C 170 -4.65 -30.41 -32.69
C THR C 170 -4.62 -31.80 -32.07
N MET C 171 -4.08 -32.75 -32.81
CA MET C 171 -3.93 -34.14 -32.34
C MET C 171 -2.95 -34.16 -31.16
N GLY C 172 -1.93 -33.33 -31.21
CA GLY C 172 -0.93 -33.23 -30.14
C GLY C 172 -1.56 -32.63 -28.87
N ALA C 173 -2.40 -31.62 -29.07
CA ALA C 173 -3.09 -30.94 -27.97
C ALA C 173 -4.06 -31.89 -27.26
N ARG C 174 -4.66 -32.77 -28.06
CA ARG C 174 -5.56 -33.80 -27.54
C ARG C 174 -4.81 -34.80 -26.68
N GLU C 175 -3.53 -34.99 -26.98
CA GLU C 175 -2.65 -35.95 -26.30
C GLU C 175 -2.23 -35.46 -24.92
N LYS C 176 -2.09 -34.15 -24.80
CA LYS C 176 -1.57 -33.51 -23.59
C LYS C 176 -2.25 -34.00 -22.31
N LEU C 177 -3.57 -33.96 -22.26
CA LEU C 177 -4.31 -34.36 -21.05
C LEU C 177 -4.14 -35.84 -20.72
N TRP C 178 -4.01 -36.65 -21.78
CA TRP C 178 -3.85 -38.10 -21.63
C TRP C 178 -2.54 -38.48 -20.94
N THR C 179 -1.54 -37.59 -21.03
CA THR C 179 -0.22 -37.85 -20.45
C THR C 179 0.21 -36.87 -19.37
N LEU C 180 -0.16 -35.61 -19.56
CA LEU C 180 0.37 -34.51 -18.75
C LEU C 180 -0.66 -34.03 -17.73
N VAL C 181 -0.43 -34.45 -16.53
CA VAL C 181 -1.26 -34.13 -15.36
C VAL C 181 -2.79 -34.19 -15.47
N GLN C 182 -3.42 -35.25 -16.02
CA GLN C 182 -2.86 -36.52 -16.54
C GLN C 182 -3.51 -37.71 -15.87
N GLU C 183 -4.13 -38.52 -16.70
CA GLU C 183 -4.57 -39.87 -16.25
C GLU C 183 -3.34 -40.79 -16.15
N PHE C 184 -2.27 -40.39 -16.82
CA PHE C 184 -1.01 -41.15 -16.87
C PHE C 184 -0.45 -41.37 -15.47
N ALA C 185 -0.47 -40.33 -14.64
CA ALA C 185 0.05 -40.45 -13.26
C ALA C 185 -0.75 -41.46 -12.46
N ALA C 186 -2.06 -41.39 -12.65
CA ALA C 186 -2.99 -42.25 -11.96
C ALA C 186 -2.79 -43.62 -12.46
N LEU C 187 -2.67 -43.93 -13.74
CA LEU C 187 -2.46 -45.26 -14.31
C LEU C 187 -1.09 -45.80 -13.94
N LEU C 188 -0.07 -44.99 -13.89
CA LEU C 188 1.26 -45.47 -13.51
C LEU C 188 1.34 -45.99 -12.08
N LYS C 189 0.62 -45.34 -11.19
CA LYS C 189 0.52 -45.81 -9.78
C LYS C 189 -0.13 -47.21 -9.68
N PRO C 190 -1.17 -47.52 -10.46
CA PRO C 190 -1.90 -48.75 -10.61
C PRO C 190 -0.94 -49.77 -11.22
N LEU C 191 0.19 -49.29 -11.81
CA LEU C 191 1.09 -50.13 -12.63
C LEU C 191 0.66 -50.48 -14.07
N PRO C 192 -0.31 -49.71 -14.52
CA PRO C 192 -0.68 -49.49 -15.82
C PRO C 192 0.35 -49.14 -16.83
N SER C 193 0.99 -50.08 -17.53
CA SER C 193 2.06 -49.65 -18.43
C SER C 193 1.36 -48.94 -19.55
N SER C 194 1.93 -47.82 -19.79
CA SER C 194 1.42 -46.90 -20.75
C SER C 194 1.01 -45.56 -20.26
N ARG C 195 1.51 -44.48 -20.86
CA ARG C 195 2.76 -44.35 -21.67
C ARG C 195 2.49 -43.79 -23.05
N VAL C 196 3.54 -43.17 -23.55
CA VAL C 196 3.56 -42.63 -24.91
C VAL C 196 4.95 -42.83 -25.52
N ILE C 197 4.95 -43.46 -26.67
CA ILE C 197 6.20 -43.74 -27.42
C ILE C 197 6.05 -43.11 -28.79
N TYR C 198 6.97 -42.22 -29.11
CA TYR C 198 7.03 -41.63 -30.45
C TYR C 198 8.34 -41.99 -31.12
N LEU C 199 8.21 -42.46 -32.36
CA LEU C 199 9.38 -42.79 -33.18
C LEU C 199 9.12 -42.28 -34.59
N GLY C 200 10.18 -41.72 -35.19
CA GLY C 200 10.11 -41.24 -36.57
C GLY C 200 11.41 -40.56 -37.00
N THR C 201 11.56 -40.52 -38.32
CA THR C 201 12.64 -39.74 -38.95
C THR C 201 12.21 -38.27 -38.94
N PRO C 202 13.16 -37.34 -38.86
CA PRO C 202 12.90 -35.90 -38.81
C PRO C 202 12.39 -35.39 -40.14
N GLN C 203 11.71 -34.26 -40.06
CA GLN C 203 11.17 -33.60 -41.26
C GLN C 203 11.20 -32.08 -41.03
N THR C 204 12.38 -31.54 -41.23
CA THR C 204 12.62 -30.09 -41.09
C THR C 204 12.36 -29.65 -39.64
N GLU C 205 12.03 -28.37 -39.46
CA GLU C 205 11.83 -27.69 -38.18
C GLU C 205 10.35 -27.62 -37.83
N MET C 206 9.61 -28.68 -38.16
CA MET C 206 8.18 -28.74 -37.84
C MET C 206 7.92 -28.92 -36.34
N THR C 207 6.75 -29.47 -36.02
CA THR C 207 6.32 -29.71 -34.64
C THR C 207 7.24 -30.71 -33.91
N LEU C 208 7.79 -31.65 -34.68
CA LEU C 208 8.63 -32.68 -34.07
C LEU C 208 9.98 -32.10 -33.62
N TYR C 209 10.50 -31.14 -34.35
CA TYR C 209 11.74 -30.48 -33.90
C TYR C 209 11.56 -29.88 -32.51
N LYS C 210 10.36 -29.37 -32.25
CA LYS C 210 9.99 -28.80 -30.95
C LYS C 210 9.89 -29.88 -29.87
N GLU C 211 9.40 -31.05 -30.26
CA GLU C 211 9.27 -32.19 -29.33
C GLU C 211 10.64 -32.75 -28.96
N LEU C 212 11.47 -32.95 -29.98
CA LEU C 212 12.81 -33.49 -29.82
C LEU C 212 13.69 -32.54 -29.01
N GLU C 213 13.57 -31.26 -29.31
CA GLU C 213 14.36 -30.23 -28.63
C GLU C 213 14.00 -30.14 -27.15
N ASP C 214 12.71 -30.20 -26.86
CA ASP C 214 12.22 -30.13 -25.48
C ASP C 214 12.69 -31.36 -24.69
N ASN C 215 12.72 -32.50 -25.36
CA ASN C 215 13.18 -33.75 -24.76
C ASN C 215 14.68 -33.74 -24.56
N ARG C 216 15.40 -33.34 -25.61
CA ARG C 216 16.87 -33.30 -25.60
C ARG C 216 17.36 -32.21 -24.65
N GLY C 217 16.59 -31.15 -24.48
CA GLY C 217 16.92 -30.06 -23.55
C GLY C 217 16.92 -30.55 -22.09
N TYR C 218 16.26 -31.69 -21.88
CA TYR C 218 16.09 -32.27 -20.54
C TYR C 218 16.78 -33.64 -20.42
N THR C 219 16.68 -34.42 -21.47
CA THR C 219 17.24 -35.78 -21.54
C THR C 219 17.92 -36.00 -22.88
N THR C 220 18.56 -37.14 -22.99
CA THR C 220 19.32 -37.51 -24.19
C THR C 220 18.91 -38.90 -24.64
N ILE C 221 17.65 -38.98 -25.02
CA ILE C 221 17.07 -40.19 -25.62
C ILE C 221 16.16 -39.77 -26.79
N ILE C 222 15.98 -40.61 -27.80
CA ILE C 222 16.94 -41.63 -28.22
C ILE C 222 17.13 -41.49 -29.74
N TRP C 223 18.28 -41.90 -30.25
CA TRP C 223 18.58 -41.80 -31.68
C TRP C 223 19.64 -42.76 -32.17
N PRO C 224 19.19 -43.57 -33.11
CA PRO C 224 20.10 -44.41 -33.90
C PRO C 224 20.08 -44.00 -35.38
N ALA C 225 21.24 -44.20 -36.04
CA ALA C 225 21.57 -43.94 -37.46
C ALA C 225 22.07 -45.05 -38.36
N LEU C 226 22.20 -44.91 -39.64
CA LEU C 226 22.56 -46.05 -40.52
C LEU C 226 23.57 -47.05 -39.91
N TYR C 227 24.55 -46.51 -39.18
CA TYR C 227 25.63 -47.32 -38.58
C TYR C 227 25.16 -48.43 -37.59
N PRO C 228 24.02 -48.26 -36.94
CA PRO C 228 23.34 -49.23 -36.08
C PRO C 228 23.12 -50.56 -36.75
N ARG C 229 22.96 -50.56 -38.07
CA ARG C 229 22.92 -51.81 -38.84
C ARG C 229 24.37 -52.21 -39.15
N THR C 230 24.88 -53.11 -38.31
CA THR C 230 26.31 -53.48 -38.33
C THR C 230 26.74 -54.22 -39.60
N ARG C 231 25.77 -54.68 -40.38
CA ARG C 231 26.06 -55.36 -41.66
C ARG C 231 26.72 -54.38 -42.63
N GLU C 232 26.33 -53.11 -42.51
CA GLU C 232 26.88 -52.02 -43.34
C GLU C 232 28.36 -51.74 -43.05
N GLU C 233 28.79 -52.18 -41.87
CA GLU C 233 30.16 -52.01 -41.39
C GLU C 233 31.22 -52.90 -42.03
N ASN C 234 30.76 -53.74 -42.93
CA ASN C 234 31.66 -54.66 -43.66
C ASN C 234 31.49 -54.45 -45.16
N LEU C 235 32.62 -54.28 -45.82
CA LEU C 235 32.62 -53.98 -47.27
C LEU C 235 32.34 -55.20 -48.12
N TYR C 236 32.45 -54.99 -49.43
CA TYR C 236 32.26 -56.05 -50.42
C TYR C 236 33.19 -57.24 -50.20
N TYR C 237 34.41 -56.94 -49.77
CA TYR C 237 35.40 -58.00 -49.53
C TYR C 237 35.20 -58.69 -48.17
N SER C 238 34.10 -58.32 -47.49
CA SER C 238 33.75 -58.90 -46.17
C SER C 238 34.78 -58.59 -45.08
N GLN C 239 35.33 -57.39 -45.12
CA GLN C 239 36.32 -56.91 -44.13
C GLN C 239 35.71 -55.67 -43.50
N ARG C 240 35.89 -55.58 -42.19
CA ARG C 240 35.40 -54.43 -41.42
C ARG C 240 36.04 -53.15 -41.93
N LEU C 241 35.20 -52.20 -42.27
CA LEU C 241 35.71 -50.88 -42.65
C LEU C 241 34.94 -49.75 -42.05
N ALA C 242 34.20 -50.04 -41.01
CA ALA C 242 33.46 -49.00 -40.29
C ALA C 242 32.72 -48.13 -41.33
N PRO C 243 31.62 -48.67 -41.81
CA PRO C 243 30.77 -48.34 -42.95
C PRO C 243 31.37 -47.30 -43.90
N MET C 244 32.64 -47.50 -44.25
CA MET C 244 33.28 -46.53 -45.16
C MET C 244 32.81 -46.65 -46.61
N LEU C 245 32.68 -47.87 -47.12
CA LEU C 245 32.33 -48.05 -48.54
C LEU C 245 30.83 -48.17 -48.77
N ARG C 246 30.15 -48.81 -47.84
CA ARG C 246 28.68 -48.89 -47.89
C ARG C 246 28.09 -47.48 -47.98
N ALA C 247 28.67 -46.58 -47.20
CA ALA C 247 28.28 -45.15 -47.19
C ALA C 247 28.61 -44.49 -48.52
N GLU C 248 29.79 -44.80 -49.07
CA GLU C 248 30.20 -44.26 -50.37
C GLU C 248 29.27 -44.74 -51.48
N TYR C 249 28.98 -46.04 -51.45
CA TYR C 249 28.11 -46.68 -52.44
C TYR C 249 26.67 -46.17 -52.33
N ASP C 250 26.26 -45.92 -51.08
CA ASP C 250 24.93 -45.43 -50.79
C ASP C 250 24.89 -43.97 -51.17
N GLU C 251 25.94 -43.19 -51.02
CA GLU C 251 25.95 -41.77 -51.41
C GLU C 251 25.84 -41.68 -52.94
N ASN C 252 26.68 -42.45 -53.61
CA ASN C 252 26.55 -42.64 -55.05
C ASN C 252 25.20 -43.34 -55.25
N PRO C 253 24.95 -44.00 -56.40
CA PRO C 253 23.58 -44.34 -56.81
C PRO C 253 22.43 -43.57 -56.13
N GLU C 254 22.70 -42.35 -55.69
CA GLU C 254 21.73 -41.45 -55.04
C GLU C 254 22.39 -40.07 -54.81
N ALA C 255 22.04 -39.41 -53.71
CA ALA C 255 22.57 -38.08 -53.41
C ALA C 255 22.92 -37.93 -51.94
N LEU C 256 23.86 -37.03 -51.69
CA LEU C 256 24.23 -36.65 -50.34
C LEU C 256 23.03 -36.07 -49.67
N ALA C 257 22.21 -35.24 -50.30
CA ALA C 257 21.00 -34.64 -49.73
C ALA C 257 19.96 -35.71 -49.35
N GLY C 258 19.98 -36.81 -50.11
CA GLY C 258 19.09 -37.96 -49.87
C GLY C 258 19.59 -38.84 -48.72
N THR C 259 20.91 -39.05 -48.67
CA THR C 259 21.55 -39.80 -47.56
C THR C 259 21.32 -39.14 -46.16
N PRO C 260 21.31 -37.86 -45.95
CA PRO C 260 21.02 -37.21 -44.68
C PRO C 260 19.52 -37.36 -44.42
N THR C 261 18.74 -37.36 -45.50
CA THR C 261 17.28 -37.49 -45.46
C THR C 261 16.89 -38.91 -45.05
N ASP C 262 17.64 -39.89 -45.53
CA ASP C 262 17.25 -41.29 -45.37
C ASP C 262 18.00 -41.92 -44.16
N PRO C 263 19.32 -41.83 -44.11
CA PRO C 263 20.10 -42.49 -43.06
C PRO C 263 20.78 -41.65 -41.97
N VAL C 264 20.41 -40.39 -41.77
CA VAL C 264 21.14 -39.58 -40.76
C VAL C 264 20.27 -38.98 -39.64
N ARG C 265 18.97 -38.85 -39.89
CA ARG C 265 18.05 -38.24 -38.91
C ARG C 265 18.47 -36.81 -38.49
N PHE C 266 19.01 -36.09 -39.45
CA PHE C 266 19.36 -34.68 -39.23
C PHE C 266 18.19 -33.80 -39.68
N ASP C 267 17.97 -32.73 -38.94
CA ASP C 267 16.93 -31.75 -39.31
C ASP C 267 17.40 -30.87 -40.46
N ARG C 268 16.49 -30.59 -41.38
CA ARG C 268 16.79 -29.85 -42.61
C ARG C 268 17.33 -28.44 -42.35
N ASP C 269 16.42 -27.55 -41.94
CA ASP C 269 16.69 -26.11 -41.83
C ASP C 269 17.56 -25.70 -40.63
N ASP C 270 18.64 -26.42 -40.38
CA ASP C 270 19.55 -26.06 -39.27
C ASP C 270 20.75 -26.99 -39.25
N LEU C 271 21.90 -26.48 -38.83
CA LEU C 271 23.09 -27.25 -38.42
C LEU C 271 22.86 -27.87 -37.04
N ARG C 272 23.76 -28.76 -36.64
CA ARG C 272 23.67 -29.41 -35.34
C ARG C 272 23.89 -28.48 -34.14
N GLU C 273 24.67 -27.42 -34.36
CA GLU C 273 25.18 -26.59 -33.25
C GLU C 273 24.10 -26.18 -32.24
N ARG C 274 24.51 -26.21 -30.98
CA ARG C 274 23.63 -25.80 -29.86
C ARG C 274 23.21 -24.33 -30.05
N GLU C 275 24.20 -23.49 -30.29
CA GLU C 275 23.99 -22.07 -30.59
C GLU C 275 23.77 -21.93 -32.09
N LEU C 276 22.69 -21.28 -32.46
CA LEU C 276 22.36 -21.08 -33.87
C LEU C 276 23.45 -20.22 -34.54
N GLU C 277 23.72 -20.53 -35.80
CA GLU C 277 24.74 -19.83 -36.59
C GLU C 277 24.30 -18.38 -36.75
N TYR C 278 23.00 -18.17 -36.73
CA TYR C 278 22.41 -16.83 -36.78
C TYR C 278 22.93 -15.96 -35.63
N GLY C 279 23.30 -16.62 -34.52
CA GLY C 279 23.86 -15.94 -33.35
C GLY C 279 25.38 -15.98 -33.35
N LYS C 280 25.94 -17.11 -33.82
CA LYS C 280 27.39 -17.29 -33.90
C LYS C 280 28.07 -16.34 -34.90
N ALA C 281 27.26 -15.74 -35.76
CA ALA C 281 27.75 -14.81 -36.79
C ALA C 281 27.90 -13.39 -36.25
N GLY C 282 27.02 -13.05 -35.30
CA GLY C 282 26.98 -11.73 -34.67
C GLY C 282 28.04 -11.56 -33.57
N PHE C 283 28.45 -12.70 -33.00
CA PHE C 283 29.39 -12.72 -31.87
C PHE C 283 30.77 -12.18 -32.22
N THR C 284 31.09 -11.07 -31.58
CA THR C 284 32.43 -10.46 -31.71
C THR C 284 33.28 -10.86 -30.50
N LEU C 285 34.59 -10.83 -30.71
CA LEU C 285 35.57 -11.18 -29.66
C LEU C 285 36.49 -10.01 -29.33
N GLN C 286 37.19 -10.18 -28.21
CA GLN C 286 38.23 -9.23 -27.80
C GLN C 286 39.58 -9.97 -27.74
N PHE C 287 40.43 -9.64 -28.70
CA PHE C 287 41.78 -10.24 -28.81
C PHE C 287 42.68 -9.74 -27.69
N MET C 288 43.29 -10.68 -26.98
CA MET C 288 44.23 -10.38 -25.87
C MET C 288 45.40 -11.36 -25.86
N LEU C 289 46.51 -10.90 -25.30
CA LEU C 289 47.72 -11.71 -25.10
C LEU C 289 47.69 -12.31 -23.68
N ASN C 290 47.63 -13.63 -23.65
CA ASN C 290 47.58 -14.41 -22.39
C ASN C 290 48.92 -14.33 -21.59
N PRO C 291 48.91 -14.64 -20.31
CA PRO C 291 49.99 -14.68 -19.33
C PRO C 291 50.94 -15.81 -19.71
N ASN C 292 51.81 -16.08 -18.75
CA ASN C 292 52.69 -17.25 -18.82
C ASN C 292 51.84 -18.51 -18.70
N LEU C 293 50.85 -18.43 -17.82
CA LEU C 293 49.80 -19.43 -17.79
C LEU C 293 48.82 -19.14 -18.94
N SER C 294 47.70 -19.80 -18.92
CA SER C 294 46.76 -19.65 -20.03
C SER C 294 45.63 -18.64 -19.81
N ASP C 295 45.96 -17.61 -19.05
CA ASP C 295 44.95 -16.60 -18.68
C ASP C 295 44.70 -15.54 -19.75
N ALA C 296 43.51 -15.36 -20.19
CA ALA C 296 43.16 -14.20 -21.03
C ALA C 296 42.28 -13.24 -20.23
N GLU C 297 42.80 -12.04 -20.03
CA GLU C 297 42.09 -10.98 -19.30
C GLU C 297 41.38 -10.05 -20.28
N LYS C 298 40.06 -10.12 -20.29
CA LYS C 298 39.23 -9.29 -21.19
C LYS C 298 38.94 -7.93 -20.57
N TYR C 299 38.44 -7.98 -19.34
CA TYR C 299 38.22 -6.78 -18.53
C TYR C 299 38.76 -7.04 -17.12
N PRO C 300 39.58 -6.10 -16.64
CA PRO C 300 40.21 -6.20 -15.31
C PRO C 300 39.15 -6.16 -14.21
N LEU C 301 39.52 -6.77 -13.08
CA LEU C 301 38.66 -6.76 -11.89
C LEU C 301 38.40 -5.32 -11.43
N ARG C 302 37.18 -5.09 -10.96
CA ARG C 302 36.80 -3.78 -10.41
C ARG C 302 36.24 -3.97 -9.00
N LEU C 303 36.54 -3.02 -8.12
CA LEU C 303 36.05 -3.07 -6.73
C LEU C 303 34.53 -3.01 -6.72
N ARG C 304 33.95 -3.86 -5.87
CA ARG C 304 32.48 -3.95 -5.69
C ARG C 304 31.75 -4.61 -6.86
N ASP C 305 32.49 -5.35 -7.68
CA ASP C 305 31.89 -6.15 -8.74
C ASP C 305 31.92 -7.63 -8.37
N ALA C 306 30.81 -8.31 -8.55
CA ALA C 306 30.69 -9.73 -8.25
C ALA C 306 31.06 -10.56 -9.49
N ILE C 307 31.87 -11.56 -9.24
CA ILE C 307 32.36 -12.47 -10.30
C ILE C 307 31.96 -13.90 -9.94
N VAL C 308 31.89 -14.72 -10.97
CA VAL C 308 31.67 -16.17 -10.82
C VAL C 308 32.67 -16.93 -11.72
N ALA C 309 33.18 -18.03 -11.21
CA ALA C 309 34.14 -18.84 -11.98
C ALA C 309 33.68 -20.28 -12.10
N ALA C 310 33.85 -20.81 -13.30
CA ALA C 310 33.59 -22.23 -13.56
C ALA C 310 34.86 -22.88 -14.08
N LEU C 311 35.10 -24.12 -13.69
CA LEU C 311 36.33 -24.83 -14.04
C LEU C 311 36.04 -26.24 -14.51
N ASP C 312 36.37 -26.49 -15.77
CA ASP C 312 36.30 -27.87 -16.31
C ASP C 312 37.72 -28.38 -16.54
N LEU C 313 38.17 -29.14 -15.56
CA LEU C 313 39.52 -29.72 -15.58
C LEU C 313 39.66 -30.75 -16.69
N GLU C 314 40.90 -30.91 -17.14
CA GLU C 314 41.23 -31.86 -18.22
C GLU C 314 41.69 -33.19 -17.64
N LYS C 315 40.91 -34.22 -17.92
CA LYS C 315 41.22 -35.58 -17.43
C LYS C 315 42.53 -36.13 -18.01
N ALA C 316 42.89 -35.73 -19.22
CA ALA C 316 44.10 -36.27 -19.85
C ALA C 316 44.45 -35.48 -21.09
N PRO C 317 45.71 -35.63 -21.59
CA PRO C 317 46.24 -35.03 -22.83
C PRO C 317 45.08 -34.55 -23.64
N MET C 318 44.65 -35.20 -24.72
CA MET C 318 43.25 -35.11 -25.19
C MET C 318 42.80 -33.65 -25.22
N HIS C 319 42.41 -33.13 -24.07
CA HIS C 319 41.99 -31.75 -23.95
C HIS C 319 42.64 -30.86 -22.88
N TYR C 320 41.96 -29.74 -22.64
CA TYR C 320 42.47 -28.58 -21.89
C TYR C 320 41.70 -28.33 -20.58
N GLN C 321 42.36 -27.61 -19.68
CA GLN C 321 41.71 -27.04 -18.49
C GLN C 321 41.08 -25.69 -18.89
N TRP C 322 39.81 -25.55 -18.55
CA TRP C 322 39.07 -24.32 -18.92
C TRP C 322 38.41 -23.65 -17.71
N LEU C 323 38.88 -22.45 -17.43
CA LEU C 323 38.37 -21.60 -16.33
C LEU C 323 37.82 -20.27 -16.87
N PRO C 324 36.51 -20.11 -16.93
CA PRO C 324 35.84 -18.84 -17.24
C PRO C 324 35.56 -18.10 -15.92
N ASN C 325 35.71 -16.80 -16.02
CA ASN C 325 35.31 -15.86 -14.95
C ASN C 325 34.28 -14.90 -15.54
N ARG C 326 33.12 -14.86 -14.90
CA ARG C 326 31.97 -14.09 -15.41
C ARG C 326 31.57 -13.00 -14.43
N GLN C 327 31.56 -11.77 -14.92
CA GLN C 327 31.07 -10.60 -14.20
C GLN C 327 29.55 -10.71 -14.03
N ASN C 328 29.14 -10.96 -12.80
CA ASN C 328 27.75 -11.19 -12.46
C ASN C 328 26.95 -9.99 -11.97
N ILE C 329 27.67 -8.90 -11.77
CA ILE C 329 27.09 -7.69 -11.16
C ILE C 329 25.75 -7.29 -11.79
N ILE C 330 25.82 -6.83 -13.03
CA ILE C 330 24.68 -6.23 -13.74
C ILE C 330 23.67 -7.30 -14.13
N GLU C 331 22.70 -6.84 -14.92
CA GLU C 331 21.64 -7.70 -15.47
C GLU C 331 22.19 -8.56 -16.61
N ASP C 332 23.22 -8.05 -17.28
CA ASP C 332 23.88 -8.77 -18.37
C ASP C 332 25.25 -9.27 -17.89
N LEU C 333 25.40 -10.57 -17.78
CA LEU C 333 26.64 -11.23 -17.37
C LEU C 333 27.70 -11.26 -18.49
N PRO C 334 28.86 -10.66 -18.23
CA PRO C 334 29.98 -10.70 -19.18
C PRO C 334 31.12 -11.61 -18.70
N ASN C 335 31.76 -12.27 -19.64
CA ASN C 335 32.97 -13.10 -19.43
C ASN C 335 34.15 -12.16 -19.45
N VAL C 336 34.83 -12.09 -18.32
CA VAL C 336 35.91 -11.12 -18.14
C VAL C 336 37.31 -11.75 -18.15
N GLY C 337 37.37 -13.09 -18.04
CA GLY C 337 38.68 -13.76 -18.01
C GLY C 337 38.57 -15.28 -18.13
N LEU C 338 39.51 -15.83 -18.91
CA LEU C 338 39.54 -17.27 -19.22
C LEU C 338 40.95 -17.82 -19.07
N LYS C 339 41.05 -18.96 -18.40
CA LYS C 339 42.28 -19.74 -18.33
C LYS C 339 42.08 -21.00 -19.18
N GLY C 340 42.92 -21.11 -20.20
CA GLY C 340 42.87 -22.24 -21.15
C GLY C 340 44.26 -22.84 -21.36
N ASP C 341 44.50 -24.03 -20.83
CA ASP C 341 45.85 -24.65 -20.85
C ASP C 341 45.77 -26.17 -20.90
N ASP C 342 46.71 -26.73 -21.63
CA ASP C 342 46.92 -28.19 -21.61
C ASP C 342 48.36 -28.50 -21.16
N LEU C 343 49.01 -27.47 -20.62
CA LEU C 343 50.40 -27.56 -20.17
C LEU C 343 50.52 -28.11 -18.75
N HIS C 344 49.37 -28.26 -18.10
CA HIS C 344 49.30 -28.82 -16.74
C HIS C 344 49.58 -30.31 -16.73
N THR C 345 50.86 -30.64 -16.76
CA THR C 345 51.27 -32.06 -16.66
C THR C 345 51.11 -32.54 -15.21
N TYR C 346 51.17 -31.59 -14.29
CA TYR C 346 51.04 -31.87 -12.86
C TYR C 346 49.55 -31.78 -12.60
N HIS C 347 49.05 -32.80 -11.91
CA HIS C 347 47.69 -32.85 -11.38
C HIS C 347 47.52 -31.77 -10.28
N ASP C 348 48.51 -30.88 -10.19
CA ASP C 348 49.05 -30.51 -8.88
C ASP C 348 49.34 -29.03 -8.67
N CYS C 349 49.64 -28.29 -9.74
CA CYS C 349 50.00 -26.87 -9.58
C CYS C 349 48.89 -25.93 -10.05
N SER C 350 47.80 -26.52 -10.52
CA SER C 350 46.66 -25.75 -11.05
C SER C 350 45.90 -25.01 -9.96
N ASN C 351 45.64 -25.65 -8.84
CA ASN C 351 44.86 -25.02 -7.76
C ASN C 351 45.40 -23.65 -7.35
N ASN C 352 46.72 -23.57 -7.18
CA ASN C 352 47.35 -22.29 -6.84
C ASN C 352 47.20 -21.26 -7.95
N SER C 353 47.47 -21.69 -9.17
CA SER C 353 47.40 -20.80 -10.35
C SER C 353 45.99 -20.22 -10.54
N GLY C 354 44.99 -21.10 -10.39
CA GLY C 354 43.57 -20.71 -10.50
C GLY C 354 43.18 -19.76 -9.37
N GLN C 355 43.72 -20.04 -8.18
CA GLN C 355 43.42 -19.27 -6.97
C GLN C 355 43.77 -17.79 -7.11
N TYR C 356 44.93 -17.50 -7.67
CA TYR C 356 45.40 -16.13 -7.82
C TYR C 356 44.48 -15.34 -8.74
N GLN C 357 43.85 -15.98 -9.70
CA GLN C 357 42.86 -15.32 -10.58
C GLN C 357 41.52 -15.13 -9.88
N GLN C 358 41.15 -16.12 -9.09
CA GLN C 358 39.94 -16.06 -8.25
C GLN C 358 40.07 -14.95 -7.20
N LYS C 359 41.25 -14.85 -6.62
CA LYS C 359 41.56 -13.82 -5.61
C LYS C 359 41.68 -12.45 -6.27
N ILE C 360 42.21 -12.46 -7.49
CA ILE C 360 42.38 -11.24 -8.29
C ILE C 360 41.03 -10.63 -8.56
N LEU C 361 39.99 -11.45 -8.73
CA LEU C 361 38.63 -11.05 -9.05
C LEU C 361 37.74 -11.03 -7.81
N VAL C 362 38.18 -10.31 -6.77
CA VAL C 362 37.40 -10.03 -5.55
C VAL C 362 36.94 -11.34 -4.92
N ILE C 363 37.89 -12.20 -4.58
CA ILE C 363 37.58 -13.49 -3.93
C ILE C 363 36.43 -14.21 -4.68
N ASP C 364 36.70 -14.46 -5.96
CA ASP C 364 35.71 -15.04 -6.86
C ASP C 364 35.40 -16.50 -6.47
N PRO C 365 34.14 -16.76 -6.15
CA PRO C 365 33.65 -18.13 -5.92
C PRO C 365 33.74 -18.93 -7.21
N SER C 366 34.04 -20.22 -7.07
CA SER C 366 34.28 -21.10 -8.23
C SER C 366 33.46 -22.37 -8.12
N GLY C 367 32.89 -22.77 -9.26
CA GLY C 367 32.10 -24.00 -9.39
C GLY C 367 32.88 -24.95 -10.31
N ARG C 368 33.48 -25.96 -9.72
CA ARG C 368 34.33 -26.91 -10.46
C ARG C 368 33.58 -28.19 -10.86
N GLY C 369 33.76 -28.59 -12.10
CA GLY C 369 33.19 -29.86 -12.60
C GLY C 369 33.89 -31.02 -11.87
N LYS C 370 33.10 -31.81 -11.15
CA LYS C 370 33.65 -32.94 -10.39
C LYS C 370 33.91 -34.13 -11.33
N ASP C 371 35.00 -34.05 -12.06
CA ASP C 371 35.54 -35.20 -12.80
C ASP C 371 36.78 -35.65 -12.04
N GLU C 372 37.39 -36.77 -12.44
CA GLU C 372 38.54 -37.32 -11.71
C GLU C 372 39.55 -36.24 -11.26
N THR C 373 39.91 -35.36 -12.20
CA THR C 373 40.85 -34.27 -11.92
C THR C 373 40.19 -33.17 -11.07
N GLY C 374 38.91 -32.91 -11.35
CA GLY C 374 38.00 -31.94 -10.71
C GLY C 374 37.96 -32.10 -9.22
N TYR C 375 37.42 -33.26 -8.84
CA TYR C 375 37.27 -33.63 -7.42
C TYR C 375 38.53 -33.31 -6.67
N ALA C 376 39.54 -33.70 -7.42
CA ALA C 376 40.82 -33.33 -7.15
C ALA C 376 41.01 -31.80 -6.85
N VAL C 377 41.22 -31.09 -7.88
CA VAL C 377 41.45 -29.63 -7.73
C VAL C 377 40.52 -28.99 -6.67
N LEU C 378 39.35 -29.57 -6.54
CA LEU C 378 38.45 -29.26 -5.46
C LEU C 378 39.02 -29.24 -4.06
N TYR C 379 39.61 -30.36 -3.77
CA TYR C 379 40.22 -30.60 -2.48
C TYR C 379 41.31 -29.54 -2.25
N THR C 380 42.24 -29.38 -3.14
CA THR C 380 43.37 -28.47 -2.88
C THR C 380 42.93 -27.03 -2.63
N LEU C 381 41.92 -26.59 -3.37
CA LEU C 381 41.42 -25.21 -3.21
C LEU C 381 40.18 -25.21 -2.29
N ASN C 382 39.97 -26.30 -1.60
CA ASN C 382 38.87 -26.34 -0.62
C ASN C 382 39.25 -25.45 0.57
N GLY C 383 38.20 -24.88 1.17
CA GLY C 383 38.30 -24.13 2.43
C GLY C 383 38.93 -24.94 3.58
N TYR C 384 38.90 -26.25 3.44
CA TYR C 384 39.39 -27.17 4.48
C TYR C 384 40.58 -28.00 4.00
N ILE C 385 40.62 -28.26 2.70
CA ILE C 385 41.64 -29.16 2.20
C ILE C 385 43.06 -28.60 2.23
N TYR C 386 43.46 -27.71 1.33
CA TYR C 386 44.89 -27.30 1.28
C TYR C 386 45.14 -25.80 1.25
N LEU C 387 44.56 -25.13 0.27
CA LEU C 387 44.75 -23.69 0.07
C LEU C 387 43.78 -22.85 0.89
N MET C 388 42.80 -23.53 1.50
CA MET C 388 41.83 -22.92 2.42
C MET C 388 40.99 -21.82 1.76
N GLU C 389 40.80 -21.92 0.45
CA GLU C 389 39.95 -20.96 -0.27
C GLU C 389 38.49 -21.23 0.11
N ALA C 390 37.87 -20.21 0.68
CA ALA C 390 36.51 -20.32 1.24
C ALA C 390 35.38 -20.09 0.22
N GLY C 391 35.75 -19.83 -1.03
CA GLY C 391 34.77 -19.52 -2.10
C GLY C 391 34.79 -20.57 -3.22
N GLY C 392 34.58 -21.82 -2.80
CA GLY C 392 34.42 -22.97 -3.71
C GLY C 392 33.00 -23.50 -3.59
N PHE C 393 32.22 -23.33 -4.66
CA PHE C 393 30.80 -23.74 -4.69
C PHE C 393 30.67 -25.26 -4.75
N ARG C 394 29.73 -25.77 -3.96
CA ARG C 394 29.46 -27.21 -3.87
C ARG C 394 27.95 -27.45 -3.75
N ASP C 395 27.47 -28.49 -4.41
CA ASP C 395 26.06 -28.89 -4.29
C ASP C 395 25.81 -29.76 -3.04
N GLY C 396 26.91 -30.30 -2.50
CA GLY C 396 26.88 -31.11 -1.27
C GLY C 396 28.20 -30.95 -0.51
N TYR C 397 28.28 -31.64 0.62
CA TYR C 397 29.51 -31.64 1.43
C TYR C 397 30.49 -32.74 1.01
N SER C 398 29.94 -33.78 0.38
CA SER C 398 30.76 -34.85 -0.20
C SER C 398 31.29 -34.44 -1.59
N ASP C 399 30.49 -33.62 -2.26
CA ASP C 399 30.77 -33.16 -3.61
C ASP C 399 31.05 -31.67 -3.64
N LYS C 400 32.34 -31.34 -3.67
CA LYS C 400 32.80 -29.95 -3.57
C LYS C 400 32.78 -29.29 -4.92
N THR C 401 31.64 -29.31 -5.61
CA THR C 401 31.38 -28.68 -6.91
C THR C 401 30.21 -29.27 -7.66
N LEU C 402 30.27 -29.29 -9.00
CA LEU C 402 29.15 -29.74 -9.83
C LEU C 402 29.30 -31.23 -10.13
N GLU C 403 28.46 -32.00 -9.45
CA GLU C 403 28.35 -33.45 -9.70
C GLU C 403 27.83 -33.64 -11.13
N LEU C 404 28.57 -34.42 -11.91
CA LEU C 404 28.21 -34.66 -13.31
C LEU C 404 27.36 -35.95 -13.41
N LEU C 405 27.03 -36.53 -12.28
CA LEU C 405 26.19 -37.73 -12.29
C LEU C 405 24.79 -37.32 -12.78
N ALA C 406 24.28 -38.14 -13.70
CA ALA C 406 22.91 -38.06 -14.22
C ALA C 406 22.71 -36.94 -15.21
N LYS C 407 23.48 -36.94 -16.31
CA LYS C 407 23.00 -36.55 -17.67
C LYS C 407 22.19 -35.24 -17.75
N LYS C 408 21.26 -35.06 -16.83
CA LYS C 408 20.35 -33.93 -16.69
C LYS C 408 21.08 -32.60 -16.50
N ALA C 409 22.13 -32.59 -15.66
CA ALA C 409 22.90 -31.38 -15.41
C ALA C 409 23.51 -30.81 -16.69
N LYS C 410 24.09 -31.70 -17.46
CA LYS C 410 24.68 -31.34 -18.76
C LYS C 410 23.59 -30.87 -19.73
N GLN C 411 22.49 -31.62 -19.75
CA GLN C 411 21.34 -31.34 -20.63
C GLN C 411 20.80 -29.93 -20.43
N TRP C 412 20.32 -29.68 -19.22
CA TRP C 412 19.75 -28.37 -18.87
C TRP C 412 20.83 -27.28 -18.85
N GLY C 413 22.06 -27.69 -18.55
CA GLY C 413 23.20 -26.77 -18.55
C GLY C 413 23.42 -26.24 -19.97
N VAL C 414 23.32 -27.11 -20.95
CA VAL C 414 23.37 -26.74 -22.37
C VAL C 414 22.14 -25.91 -22.75
N GLN C 415 20.99 -26.33 -22.26
CA GLN C 415 19.73 -25.64 -22.56
C GLN C 415 19.78 -24.20 -22.02
N THR C 416 20.29 -24.03 -20.82
CA THR C 416 20.39 -22.69 -20.21
C THR C 416 21.48 -21.88 -20.90
N VAL C 417 22.53 -22.57 -21.32
CA VAL C 417 23.59 -21.96 -22.14
C VAL C 417 23.19 -21.27 -23.37
N VAL C 418 22.36 -22.04 -24.03
CA VAL C 418 21.80 -21.59 -25.28
C VAL C 418 21.01 -20.31 -25.04
N TYR C 419 20.16 -20.35 -24.05
CA TYR C 419 19.31 -19.19 -23.72
C TYR C 419 20.14 -17.97 -23.35
N GLU C 420 21.08 -18.18 -22.43
CA GLU C 420 21.92 -17.08 -21.92
C GLU C 420 22.66 -16.39 -23.06
N SER C 421 23.26 -17.20 -23.92
CA SER C 421 24.05 -16.67 -25.06
C SER C 421 23.19 -16.00 -26.14
N ASN C 422 22.01 -16.59 -26.40
CA ASN C 422 21.15 -16.10 -27.49
C ASN C 422 20.33 -14.87 -27.10
N PHE C 423 19.89 -14.84 -25.85
CA PHE C 423 19.07 -13.70 -25.35
C PHE C 423 19.99 -12.56 -24.92
N GLY C 424 21.29 -12.81 -25.11
CA GLY C 424 22.35 -11.83 -24.83
C GLY C 424 22.45 -11.47 -23.35
N ASP C 425 22.10 -12.42 -22.49
CA ASP C 425 22.27 -12.22 -21.04
C ASP C 425 23.74 -12.46 -20.67
N GLY C 426 24.36 -13.42 -21.36
CA GLY C 426 25.78 -13.72 -21.18
C GLY C 426 26.55 -13.29 -22.43
N MET C 427 27.60 -12.51 -22.21
CA MET C 427 28.44 -12.00 -23.30
C MET C 427 29.80 -12.70 -23.29
N PHE C 428 30.16 -13.29 -24.42
CA PHE C 428 31.43 -14.03 -24.54
C PHE C 428 32.38 -13.16 -25.35
N GLY C 429 33.61 -13.08 -24.84
CA GLY C 429 34.65 -12.23 -25.45
C GLY C 429 35.80 -13.06 -26.04
N LYS C 430 35.94 -14.28 -25.55
CA LYS C 430 37.11 -15.10 -25.92
C LYS C 430 36.91 -15.65 -27.29
N VAL C 431 37.85 -15.49 -28.19
CA VAL C 431 37.85 -16.02 -29.56
C VAL C 431 37.69 -17.51 -29.73
N PHE C 432 38.38 -18.16 -28.84
CA PHE C 432 38.48 -19.60 -28.86
C PHE C 432 37.21 -20.16 -28.28
N SER C 433 36.59 -19.40 -27.40
CA SER C 433 35.25 -19.68 -26.87
C SER C 433 34.14 -19.95 -27.87
N PRO C 434 33.90 -18.99 -28.71
CA PRO C 434 32.92 -18.89 -29.76
C PRO C 434 33.32 -19.83 -30.87
N ILE C 435 34.63 -20.04 -31.09
CA ILE C 435 35.08 -20.99 -32.12
C ILE C 435 34.73 -22.43 -31.72
N LEU C 436 34.72 -22.68 -30.41
CA LEU C 436 34.32 -24.00 -29.90
C LEU C 436 32.83 -24.21 -30.00
N LEU C 437 32.09 -23.12 -29.83
CA LEU C 437 30.63 -23.13 -30.03
C LEU C 437 30.32 -23.50 -31.47
N LYS C 438 31.26 -23.13 -32.36
CA LYS C 438 31.11 -23.31 -33.82
C LYS C 438 30.97 -24.75 -34.20
N HIS C 439 31.60 -25.53 -33.33
CA HIS C 439 31.61 -26.94 -33.50
C HIS C 439 31.08 -27.83 -32.42
N HIS C 440 30.49 -27.15 -31.48
CA HIS C 440 29.80 -27.82 -30.39
C HIS C 440 28.36 -28.06 -30.85
N ASN C 441 28.17 -29.20 -31.51
CA ASN C 441 26.88 -29.49 -32.15
C ASN C 441 26.28 -30.82 -31.69
N CYS C 442 25.12 -31.13 -32.28
CA CYS C 442 24.37 -32.37 -32.01
C CYS C 442 25.26 -33.61 -32.02
N ALA C 443 25.24 -34.27 -30.89
CA ALA C 443 25.81 -35.62 -30.74
C ALA C 443 24.74 -36.45 -30.05
N MET C 444 23.63 -36.61 -30.78
CA MET C 444 22.41 -37.18 -30.23
C MET C 444 22.71 -38.34 -29.26
N GLU C 445 22.12 -38.25 -28.08
CA GLU C 445 21.09 -37.27 -27.80
C GLU C 445 21.53 -36.05 -27.02
N GLU C 446 22.82 -35.78 -27.13
CA GLU C 446 23.40 -34.62 -26.44
C GLU C 446 24.13 -33.73 -27.45
N ILE C 447 25.08 -32.96 -26.95
CA ILE C 447 25.97 -32.15 -27.78
C ILE C 447 27.40 -32.39 -27.34
N ARG C 448 28.30 -32.33 -28.30
CA ARG C 448 29.74 -32.48 -28.09
C ARG C 448 30.47 -31.71 -29.19
N ALA C 449 31.77 -31.95 -29.33
CA ALA C 449 32.65 -31.35 -30.33
C ALA C 449 32.85 -32.42 -31.39
N ARG C 450 32.63 -32.01 -32.62
CA ARG C 450 32.83 -32.90 -33.76
C ARG C 450 34.31 -33.28 -33.87
N GLY C 451 34.58 -34.23 -34.78
CA GLY C 451 35.92 -34.82 -34.92
C GLY C 451 37.00 -33.72 -35.03
N MET C 452 38.04 -33.90 -34.21
CA MET C 452 39.24 -33.04 -34.21
C MET C 452 39.03 -31.67 -33.54
N LYS C 453 37.95 -31.52 -32.80
CA LYS C 453 37.71 -30.27 -32.06
C LYS C 453 37.60 -30.51 -30.56
N GLU C 454 37.83 -29.45 -29.82
CA GLU C 454 37.76 -29.46 -28.35
C GLU C 454 36.46 -28.79 -27.89
N MET C 455 35.92 -29.20 -26.76
CA MET C 455 34.71 -28.57 -26.21
C MET C 455 34.93 -28.14 -24.76
N ARG C 456 36.19 -28.08 -24.36
CA ARG C 456 36.55 -27.76 -22.96
C ARG C 456 36.02 -26.41 -22.50
N ILE C 457 36.11 -25.43 -23.40
CA ILE C 457 35.67 -24.07 -23.08
C ILE C 457 34.14 -23.99 -22.97
N CYS C 458 33.49 -24.72 -23.87
CA CYS C 458 32.04 -24.71 -23.96
C CYS C 458 31.46 -25.51 -22.79
N ASP C 459 32.11 -26.62 -22.50
CA ASP C 459 31.67 -27.50 -21.43
C ASP C 459 31.81 -26.83 -20.13
N THR C 460 32.78 -25.96 -19.91
CA THR C 460 32.87 -25.25 -18.64
C THR C 460 31.90 -24.07 -18.53
N LEU C 461 31.43 -23.58 -19.66
CA LEU C 461 30.30 -22.65 -19.68
C LEU C 461 28.97 -23.34 -19.41
N GLU C 462 28.87 -24.60 -19.81
CA GLU C 462 27.72 -25.46 -19.49
C GLU C 462 27.50 -25.57 -17.96
N PRO C 463 28.56 -25.67 -17.14
CA PRO C 463 28.63 -25.69 -15.69
C PRO C 463 28.05 -24.38 -15.20
N VAL C 464 28.46 -23.27 -15.82
CA VAL C 464 27.90 -21.95 -15.48
C VAL C 464 26.40 -21.91 -15.77
N MET C 465 26.04 -22.51 -16.87
CA MET C 465 24.62 -22.52 -17.26
C MET C 465 23.77 -23.27 -16.25
N GLN C 466 24.26 -24.43 -15.85
CA GLN C 466 23.60 -25.24 -14.81
C GLN C 466 23.58 -24.50 -13.48
N THR C 467 24.70 -23.84 -13.18
CA THR C 467 24.83 -23.05 -11.94
C THR C 467 23.83 -21.88 -11.98
N HIS C 468 23.61 -21.36 -13.18
CA HIS C 468 22.69 -20.25 -13.46
C HIS C 468 21.27 -20.53 -12.98
N ARG C 469 20.90 -21.80 -13.04
CA ARG C 469 19.56 -22.24 -12.58
C ARG C 469 19.45 -22.26 -11.08
N LEU C 470 20.57 -22.56 -10.44
CA LEU C 470 20.60 -22.78 -8.99
C LEU C 470 20.20 -21.50 -8.25
N VAL C 471 19.46 -21.72 -7.17
CA VAL C 471 18.96 -20.63 -6.30
C VAL C 471 20.12 -19.94 -5.61
N ILE C 472 21.15 -20.65 -5.21
CA ILE C 472 22.29 -20.04 -4.50
C ILE C 472 23.01 -19.04 -5.39
N ARG C 473 23.00 -19.34 -6.69
CA ARG C 473 23.64 -18.49 -7.69
C ARG C 473 22.96 -17.13 -7.78
N ASP C 474 21.66 -17.10 -7.50
CA ASP C 474 20.90 -15.84 -7.56
C ASP C 474 21.41 -14.81 -6.56
N GLU C 475 22.68 -14.88 -6.16
CA GLU C 475 23.53 -13.72 -5.81
C GLU C 475 24.94 -14.01 -5.27
N VAL C 476 25.60 -15.03 -5.81
CA VAL C 476 27.03 -15.22 -5.48
C VAL C 476 27.88 -14.09 -6.11
N MET D 1 6.92 -13.47 -73.33
CA MET D 1 7.29 -12.04 -73.33
C MET D 1 6.24 -11.18 -72.62
N SER D 2 4.98 -11.42 -72.98
CA SER D 2 3.85 -10.64 -72.46
C SER D 2 3.76 -10.69 -70.93
N THR D 3 3.97 -11.87 -70.38
CA THR D 3 3.91 -12.08 -68.92
C THR D 3 4.99 -11.26 -68.21
N GLN D 4 6.20 -11.27 -68.77
CA GLN D 4 7.33 -10.53 -68.20
C GLN D 4 7.07 -9.02 -68.25
N SER D 5 6.56 -8.55 -69.39
CA SER D 5 6.28 -7.12 -69.60
C SER D 5 5.15 -6.63 -68.70
N ASN D 6 4.11 -7.45 -68.59
CA ASN D 6 2.96 -7.14 -67.73
C ASN D 6 3.41 -7.04 -66.26
N ARG D 7 4.19 -8.03 -65.84
CA ARG D 7 4.76 -8.06 -64.48
C ARG D 7 5.71 -6.88 -64.26
N ASN D 8 6.43 -6.52 -65.31
CA ASN D 8 7.38 -5.41 -65.28
C ASN D 8 6.61 -4.13 -64.96
N ALA D 9 5.53 -3.89 -65.70
CA ALA D 9 4.66 -2.73 -65.47
C ALA D 9 4.01 -2.79 -64.10
N LEU D 10 3.71 -4.02 -63.67
CA LEU D 10 3.02 -4.27 -62.41
C LEU D 10 3.83 -3.75 -61.22
N VAL D 11 5.14 -3.91 -61.21
CA VAL D 11 5.97 -3.49 -60.05
C VAL D 11 7.05 -2.44 -60.42
N VAL D 12 6.80 -1.71 -61.50
CA VAL D 12 7.64 -0.57 -61.87
C VAL D 12 6.72 0.49 -62.50
N ALA D 13 6.12 1.27 -61.61
CA ALA D 13 5.11 2.26 -62.02
C ALA D 13 5.67 3.32 -62.96
N GLN D 14 6.91 3.74 -62.70
CA GLN D 14 7.58 4.76 -63.53
C GLN D 14 7.73 4.28 -64.97
N LEU D 15 8.11 3.02 -65.10
CA LEU D 15 8.27 2.41 -66.43
C LEU D 15 6.94 2.29 -67.16
N LYS D 16 5.92 1.88 -66.42
CA LYS D 16 4.55 1.75 -66.96
C LYS D 16 4.04 3.13 -67.43
N GLY D 17 4.31 4.13 -66.58
CA GLY D 17 3.86 5.51 -66.82
C GLY D 17 4.57 6.15 -68.01
N ASP D 18 5.84 5.82 -68.17
CA ASP D 18 6.66 6.41 -69.25
C ASP D 18 6.44 5.73 -70.61
N PHE D 19 5.90 4.51 -70.57
CA PHE D 19 5.89 3.65 -71.76
C PHE D 19 4.48 3.49 -72.33
N VAL D 20 3.48 3.48 -71.46
CA VAL D 20 2.14 3.06 -71.86
C VAL D 20 1.05 4.11 -71.68
N ALA D 21 1.21 5.00 -70.71
CA ALA D 21 0.25 6.12 -70.49
C ALA D 21 0.43 7.15 -71.57
N PHE D 22 -0.66 7.49 -72.31
CA PHE D 22 -0.70 8.33 -73.53
C PHE D 22 -1.75 9.43 -73.44
N LEU D 23 -1.75 10.34 -74.40
CA LEU D 23 -2.69 11.49 -74.39
C LEU D 23 -3.49 11.70 -75.67
N PHE D 24 -2.98 11.21 -76.80
CA PHE D 24 -3.61 11.42 -78.11
C PHE D 24 -3.57 12.91 -78.48
N VAL D 25 -2.55 13.27 -79.25
CA VAL D 25 -2.38 14.65 -79.74
C VAL D 25 -2.96 14.76 -81.16
N LEU D 26 -3.41 15.97 -81.45
CA LEU D 26 -4.03 16.25 -82.76
C LEU D 26 -3.03 16.27 -83.92
N TRP D 27 -1.77 16.57 -83.62
CA TRP D 27 -0.74 16.70 -84.67
C TRP D 27 0.15 15.47 -84.80
N LYS D 28 0.33 14.76 -83.69
CA LYS D 28 1.25 13.61 -83.67
C LYS D 28 0.55 12.30 -83.28
N ALA D 29 -0.79 12.35 -83.19
CA ALA D 29 -1.61 11.19 -82.82
C ALA D 29 -1.31 10.76 -81.36
N LEU D 30 -1.48 9.48 -81.08
CA LEU D 30 -1.19 8.89 -79.78
C LEU D 30 0.30 8.98 -79.44
N ASN D 31 0.60 9.82 -78.46
CA ASN D 31 1.97 10.02 -77.98
C ASN D 31 2.08 9.69 -76.49
N LEU D 32 3.30 9.33 -76.09
CA LEU D 32 3.60 9.09 -74.67
C LEU D 32 3.52 10.42 -73.90
N PRO D 33 2.92 10.43 -72.72
CA PRO D 33 2.88 11.48 -71.72
C PRO D 33 4.31 11.62 -71.28
N VAL D 34 4.72 12.87 -71.28
CA VAL D 34 6.08 13.25 -70.86
C VAL D 34 6.03 13.61 -69.36
N PRO D 35 6.36 12.63 -68.52
CA PRO D 35 6.34 12.81 -67.07
C PRO D 35 7.37 13.86 -66.65
N THR D 36 7.05 14.54 -65.56
CA THR D 36 7.95 15.55 -64.98
C THR D 36 8.57 14.96 -63.72
N LYS D 37 9.70 15.53 -63.33
CA LYS D 37 10.46 15.04 -62.18
C LYS D 37 9.62 14.98 -60.90
N CYS D 38 8.74 15.94 -60.74
CA CYS D 38 7.86 15.97 -59.56
C CYS D 38 6.80 14.86 -59.62
N GLN D 39 6.29 14.63 -60.82
CA GLN D 39 5.31 13.56 -61.05
C GLN D 39 5.93 12.18 -60.85
N ILE D 40 7.15 12.03 -61.34
CA ILE D 40 7.91 10.78 -61.18
C ILE D 40 8.15 10.49 -59.70
N ASP D 41 8.53 11.52 -58.96
CA ASP D 41 8.77 11.42 -57.51
C ASP D 41 7.49 11.01 -56.79
N MET D 42 6.38 11.57 -57.26
CA MET D 42 5.07 11.31 -56.67
C MET D 42 4.60 9.87 -56.94
N ALA D 43 4.87 9.39 -58.13
CA ALA D 43 4.51 8.00 -58.49
C ALA D 43 5.24 7.00 -57.60
N LYS D 44 6.55 7.21 -57.43
CA LYS D 44 7.37 6.35 -56.57
C LYS D 44 6.83 6.33 -55.15
N VAL D 45 6.49 7.52 -54.66
CA VAL D 45 6.00 7.66 -53.29
C VAL D 45 4.68 6.94 -53.14
N LEU D 46 3.84 6.82 -54.11
CA LEU D 46 2.58 6.08 -53.99
C LEU D 46 2.77 4.71 -54.59
N ALA D 47 3.19 3.78 -53.75
CA ALA D 47 3.35 2.36 -54.16
C ALA D 47 3.35 1.47 -52.92
N ASN D 48 2.91 0.24 -53.10
CA ASN D 48 2.82 -0.73 -51.98
C ASN D 48 4.19 -0.99 -51.34
N GLY D 49 5.23 -0.87 -52.17
CA GLY D 49 6.61 -1.17 -51.79
C GLY D 49 7.04 -0.08 -50.81
N ASP D 50 6.55 1.12 -51.05
CA ASP D 50 6.83 2.28 -50.22
C ASP D 50 5.56 2.77 -49.53
N ASN D 51 5.59 2.68 -48.21
CA ASN D 51 4.51 3.12 -47.34
C ASN D 51 3.20 2.45 -47.74
N LYS D 52 2.20 3.29 -48.13
CA LYS D 52 0.77 3.00 -47.98
C LYS D 52 -0.11 4.25 -47.84
N LYS D 53 0.38 5.20 -47.06
CA LYS D 53 -0.27 6.49 -46.77
C LYS D 53 0.64 7.63 -47.22
N PHE D 54 0.16 8.42 -48.14
CA PHE D 54 0.94 9.56 -48.65
C PHE D 54 0.09 10.82 -48.72
N ILE D 55 0.73 11.95 -48.43
CA ILE D 55 0.08 13.27 -48.48
C ILE D 55 0.98 14.24 -49.24
N LEU D 56 0.40 14.88 -50.24
CA LEU D 56 1.12 15.86 -51.06
C LEU D 56 0.58 17.25 -50.80
N GLN D 57 1.52 18.12 -50.52
CA GLN D 57 1.21 19.54 -50.39
C GLN D 57 1.72 20.23 -51.65
N ALA D 58 0.92 20.29 -52.68
CA ALA D 58 1.34 20.84 -53.98
C ALA D 58 0.72 22.22 -54.19
N PHE D 59 1.30 22.96 -55.11
CA PHE D 59 0.74 24.26 -55.51
C PHE D 59 -0.31 24.00 -56.60
N ARG D 60 -0.95 25.07 -57.03
CA ARG D 60 -1.99 24.99 -58.08
C ARG D 60 -1.36 25.22 -59.45
N GLY D 61 -2.04 24.96 -60.54
CA GLY D 61 -1.42 25.07 -61.89
C GLY D 61 -0.24 24.09 -62.08
N ILE D 62 -0.23 23.00 -61.32
CA ILE D 62 0.63 21.85 -61.60
C ILE D 62 -0.31 20.74 -62.06
N GLY D 63 0.03 20.15 -63.21
CA GLY D 63 -0.80 19.10 -63.84
C GLY D 63 -0.83 17.81 -63.00
N LYS D 64 -1.08 17.95 -61.71
CA LYS D 64 -1.09 16.84 -60.75
C LYS D 64 -2.06 15.75 -61.22
N SER D 65 -3.20 16.12 -61.77
CA SER D 65 -4.24 15.17 -62.15
C SER D 65 -3.67 14.14 -63.13
N PHE D 66 -2.72 14.58 -63.94
CA PHE D 66 -2.06 13.74 -64.95
C PHE D 66 -1.34 12.58 -64.28
N ILE D 67 -0.75 12.85 -63.13
CA ILE D 67 -0.05 11.80 -62.39
C ILE D 67 -0.98 10.96 -61.55
N THR D 68 -1.92 11.66 -60.92
CA THR D 68 -2.90 11.00 -60.04
C THR D 68 -3.70 9.99 -60.86
N CYS D 69 -4.00 10.36 -62.10
CA CYS D 69 -4.74 9.49 -63.02
C CYS D 69 -3.89 8.26 -63.41
N ALA D 70 -2.63 8.49 -63.70
CA ALA D 70 -1.70 7.42 -64.07
C ALA D 70 -1.51 6.41 -62.92
N PHE D 71 -1.52 6.92 -61.69
CA PHE D 71 -1.36 6.05 -60.52
C PHE D 71 -2.61 5.20 -60.28
N VAL D 72 -3.76 5.87 -60.32
CA VAL D 72 -5.04 5.19 -60.10
C VAL D 72 -5.28 4.12 -61.18
N VAL D 73 -4.89 4.46 -62.41
CA VAL D 73 -4.96 3.50 -63.51
C VAL D 73 -4.07 2.32 -63.10
N TRP D 74 -2.80 2.59 -62.87
CA TRP D 74 -1.82 1.52 -62.61
C TRP D 74 -2.31 0.60 -61.47
N SER D 75 -2.99 1.20 -60.49
CA SER D 75 -3.50 0.44 -59.34
C SER D 75 -4.52 -0.60 -59.79
N LEU D 76 -5.58 -0.12 -60.43
CA LEU D 76 -6.68 -0.98 -60.90
C LEU D 76 -6.29 -1.99 -61.96
N TRP D 77 -5.39 -1.58 -62.83
CA TRP D 77 -4.94 -2.43 -63.94
C TRP D 77 -4.04 -3.59 -63.51
N ARG D 78 -3.37 -3.42 -62.37
CA ARG D 78 -2.42 -4.44 -61.89
C ARG D 78 -2.73 -4.97 -60.50
N ASP D 79 -3.99 -4.82 -60.10
CA ASP D 79 -4.44 -5.40 -58.84
C ASP D 79 -4.57 -6.91 -58.97
N PRO D 80 -4.28 -7.62 -57.87
CA PRO D 80 -4.37 -9.08 -57.83
C PRO D 80 -5.83 -9.49 -57.81
N GLN D 81 -6.51 -9.28 -58.94
CA GLN D 81 -7.93 -9.65 -59.16
C GLN D 81 -8.83 -9.01 -58.09
N LEU D 82 -8.42 -7.84 -57.63
CA LEU D 82 -9.12 -7.16 -56.54
C LEU D 82 -9.02 -5.66 -56.71
N LYS D 83 -9.93 -4.87 -56.14
CA LYS D 83 -9.70 -3.66 -55.36
C LYS D 83 -10.56 -2.53 -55.88
N ILE D 84 -11.23 -1.99 -54.81
CA ILE D 84 -12.11 -0.83 -54.94
C ILE D 84 -11.40 0.46 -54.59
N LEU D 85 -11.55 1.41 -55.48
CA LEU D 85 -10.95 2.73 -55.30
C LEU D 85 -12.06 3.77 -55.25
N ILE D 86 -11.98 4.59 -54.22
CA ILE D 86 -12.94 5.69 -54.01
C ILE D 86 -12.16 6.97 -53.71
N VAL D 87 -12.73 8.08 -54.13
CA VAL D 87 -12.17 9.41 -53.86
C VAL D 87 -13.19 10.26 -53.10
N SER D 88 -12.66 11.16 -52.29
CA SER D 88 -13.50 12.10 -51.55
C SER D 88 -13.28 13.50 -52.11
N ALA D 89 -14.38 14.12 -52.53
CA ALA D 89 -14.32 15.45 -53.17
C ALA D 89 -15.70 16.07 -53.20
N SER D 90 -15.83 17.37 -53.15
CA SER D 90 -17.14 18.07 -53.11
C SER D 90 -17.83 18.15 -54.48
N LYS D 91 -17.11 17.76 -55.51
CA LYS D 91 -17.64 17.88 -56.85
C LYS D 91 -17.64 16.52 -57.56
N GLU D 92 -18.43 16.45 -58.64
CA GLU D 92 -17.99 16.59 -60.06
C GLU D 92 -16.46 16.72 -60.26
N ARG D 93 -15.77 17.18 -59.23
CA ARG D 93 -14.32 17.34 -59.12
C ARG D 93 -13.73 15.95 -59.13
N ALA D 94 -14.29 15.03 -58.35
CA ALA D 94 -13.84 13.63 -58.31
C ALA D 94 -14.18 12.90 -59.61
N ASP D 95 -15.25 13.34 -60.26
CA ASP D 95 -15.65 12.80 -61.57
C ASP D 95 -14.62 13.18 -62.62
N ALA D 96 -14.07 14.39 -62.51
CA ALA D 96 -13.05 14.89 -63.43
C ALA D 96 -11.75 14.10 -63.28
N ASN D 97 -11.44 13.70 -62.05
CA ASN D 97 -10.23 12.92 -61.76
C ASN D 97 -10.27 11.56 -62.43
N SER D 98 -11.40 10.87 -62.25
CA SER D 98 -11.61 9.54 -62.83
C SER D 98 -11.73 9.60 -64.36
N ILE D 99 -12.19 10.73 -64.85
CA ILE D 99 -12.28 10.92 -66.30
C ILE D 99 -10.90 10.79 -66.90
N PHE D 100 -9.92 11.38 -66.22
CA PHE D 100 -8.52 11.42 -66.65
C PHE D 100 -7.91 10.05 -66.51
N ILE D 101 -8.34 9.35 -65.47
CA ILE D 101 -7.88 7.97 -65.24
C ILE D 101 -8.40 7.06 -66.35
N LYS D 102 -9.63 7.36 -66.79
CA LYS D 102 -10.27 6.67 -67.92
C LYS D 102 -9.55 7.02 -69.21
N ASN D 103 -9.12 8.28 -69.32
CA ASN D 103 -8.34 8.75 -70.48
C ASN D 103 -7.01 8.00 -70.58
N ILE D 104 -6.47 7.62 -69.43
CA ILE D 104 -5.24 6.83 -69.38
C ILE D 104 -5.52 5.37 -69.75
N ILE D 105 -6.54 4.81 -69.12
CA ILE D 105 -6.92 3.41 -69.32
C ILE D 105 -7.22 3.13 -70.80
N ASP D 106 -8.01 4.04 -71.39
CA ASP D 106 -8.51 3.85 -72.76
C ASP D 106 -7.39 3.79 -73.80
N LEU D 107 -6.22 4.31 -73.44
CA LEU D 107 -5.07 4.35 -74.35
C LEU D 107 -4.07 3.22 -74.17
N LEU D 108 -4.29 2.44 -73.11
CA LEU D 108 -3.49 1.23 -72.86
C LEU D 108 -3.70 0.19 -73.96
N PRO D 109 -2.65 -0.58 -74.24
CA PRO D 109 -2.69 -1.74 -75.14
C PRO D 109 -3.57 -2.82 -74.50
N PHE D 110 -4.03 -3.75 -75.33
CA PHE D 110 -4.92 -4.84 -74.90
C PHE D 110 -4.42 -5.63 -73.70
N LEU D 111 -3.14 -5.96 -73.76
CA LEU D 111 -2.53 -6.83 -72.73
C LEU D 111 -2.44 -6.19 -71.35
N SER D 112 -2.43 -4.86 -71.31
CA SER D 112 -2.37 -4.12 -70.04
C SER D 112 -3.74 -3.65 -69.63
N GLU D 113 -4.60 -3.55 -70.62
CA GLU D 113 -5.98 -3.23 -70.44
C GLU D 113 -6.86 -4.42 -69.97
N LEU D 114 -7.33 -4.44 -68.71
CA LEU D 114 -8.44 -5.29 -68.26
C LEU D 114 -9.74 -4.90 -68.96
N LYS D 115 -10.55 -5.92 -69.20
CA LYS D 115 -11.87 -5.73 -69.81
C LYS D 115 -12.74 -4.82 -68.93
N PRO D 116 -13.50 -3.94 -69.58
CA PRO D 116 -14.39 -2.99 -68.89
C PRO D 116 -15.80 -3.57 -68.70
N ARG D 117 -16.20 -3.68 -67.45
CA ARG D 117 -17.56 -4.13 -67.12
C ARG D 117 -18.52 -2.91 -67.15
N PRO D 118 -18.38 -1.97 -66.20
CA PRO D 118 -19.06 -0.67 -66.28
C PRO D 118 -18.04 0.42 -66.58
N GLY D 119 -18.58 1.49 -67.17
CA GLY D 119 -17.79 2.63 -67.61
C GLY D 119 -18.61 3.87 -67.79
N GLN D 120 -18.81 4.59 -66.68
CA GLN D 120 -19.64 5.80 -66.68
C GLN D 120 -21.10 5.49 -67.04
N ARG D 121 -21.53 4.28 -66.70
CA ARG D 121 -22.91 3.85 -66.97
C ARG D 121 -23.88 4.71 -66.17
N ASP D 122 -25.05 4.97 -66.76
CA ASP D 122 -26.11 5.79 -66.13
C ASP D 122 -25.61 7.21 -65.81
N SER D 123 -24.62 7.66 -66.60
CA SER D 123 -24.04 9.00 -66.44
C SER D 123 -23.58 9.26 -65.00
N VAL D 124 -22.75 8.31 -64.60
CA VAL D 124 -21.95 8.36 -63.40
C VAL D 124 -20.49 8.31 -63.86
N ILE D 125 -19.43 8.49 -63.07
CA ILE D 125 -19.31 8.51 -61.60
C ILE D 125 -18.75 7.15 -61.13
N SER D 126 -18.39 6.29 -62.06
CA SER D 126 -17.88 4.96 -61.70
C SER D 126 -17.43 4.15 -62.91
N PHE D 127 -16.39 3.35 -62.68
CA PHE D 127 -15.90 2.38 -63.67
C PHE D 127 -15.59 1.07 -62.95
N ASP D 128 -15.74 -0.04 -63.67
CA ASP D 128 -15.49 -1.37 -63.13
C ASP D 128 -16.25 -1.67 -61.82
N VAL D 129 -17.49 -1.27 -61.75
CA VAL D 129 -18.46 -1.55 -60.67
C VAL D 129 -18.72 -3.06 -60.62
N GLY D 130 -18.75 -3.51 -59.38
CA GLY D 130 -18.99 -4.93 -59.10
C GLY D 130 -17.74 -5.76 -59.42
N PRO D 131 -17.74 -7.01 -58.92
CA PRO D 131 -16.63 -7.96 -59.09
C PRO D 131 -16.21 -7.99 -60.56
N ALA D 132 -14.92 -8.11 -60.80
CA ALA D 132 -14.33 -7.94 -62.15
C ALA D 132 -12.80 -7.91 -62.20
N ASN D 133 -12.22 -7.27 -61.20
CA ASN D 133 -12.82 -6.88 -59.91
C ASN D 133 -12.64 -5.44 -59.44
N PRO D 134 -11.47 -4.90 -59.79
CA PRO D 134 -11.10 -3.55 -59.37
C PRO D 134 -12.09 -2.54 -59.92
N ASP D 135 -12.31 -1.47 -59.17
CA ASP D 135 -13.25 -0.39 -59.52
C ASP D 135 -12.74 0.97 -59.03
N HIS D 136 -13.24 2.01 -59.67
CA HIS D 136 -12.97 3.40 -59.25
C HIS D 136 -14.29 4.17 -59.18
N SER D 137 -14.55 4.73 -58.01
CA SER D 137 -15.81 5.48 -57.78
C SER D 137 -15.56 6.92 -57.34
N PRO D 138 -16.01 7.83 -58.19
CA PRO D 138 -16.06 9.27 -57.89
C PRO D 138 -17.17 9.59 -56.88
N SER D 139 -16.77 10.19 -55.76
CA SER D 139 -17.73 10.56 -54.70
C SER D 139 -17.45 11.95 -54.15
N VAL D 140 -18.54 12.61 -53.82
CA VAL D 140 -18.52 13.81 -53.00
C VAL D 140 -18.07 13.50 -51.57
N LYS D 141 -17.13 14.24 -51.00
CA LYS D 141 -16.67 13.99 -49.63
C LYS D 141 -17.64 14.62 -48.64
N SER D 142 -18.44 15.57 -49.10
CA SER D 142 -19.41 16.27 -48.24
C SER D 142 -20.48 15.30 -47.71
N VAL D 143 -20.85 14.32 -48.53
CA VAL D 143 -21.85 13.30 -48.14
C VAL D 143 -21.23 12.26 -47.19
N GLY D 144 -20.20 11.58 -47.71
CA GLY D 144 -19.34 10.67 -46.98
C GLY D 144 -18.75 11.58 -45.95
N ILE D 145 -18.82 11.42 -44.65
CA ILE D 145 -18.85 10.17 -43.85
C ILE D 145 -19.62 8.96 -44.37
N THR D 146 -20.71 9.21 -45.08
CA THR D 146 -21.52 8.15 -45.70
C THR D 146 -20.71 7.29 -46.69
N GLY D 147 -19.89 7.93 -47.52
CA GLY D 147 -19.11 7.27 -48.59
C GLY D 147 -18.06 6.31 -48.03
N GLN D 148 -17.42 6.72 -46.93
CA GLN D 148 -16.35 5.92 -46.31
C GLN D 148 -16.88 4.65 -45.65
N LEU D 149 -17.86 4.83 -44.75
CA LEU D 149 -18.46 3.71 -44.01
C LEU D 149 -19.18 2.70 -44.91
N THR D 150 -19.91 3.26 -45.86
CA THR D 150 -20.79 2.46 -46.74
C THR D 150 -20.01 1.54 -47.68
N GLY D 151 -18.79 1.96 -48.04
CA GLY D 151 -17.95 1.19 -48.98
C GLY D 151 -17.78 -0.26 -48.50
N SER D 152 -17.74 -1.16 -49.46
CA SER D 152 -17.59 -2.59 -49.17
C SER D 152 -16.25 -3.04 -49.73
N ARG D 153 -15.34 -3.40 -48.82
CA ARG D 153 -13.97 -3.87 -49.16
C ARG D 153 -13.21 -2.80 -49.93
N ALA D 154 -13.25 -1.57 -49.40
CA ALA D 154 -12.45 -0.45 -49.91
C ALA D 154 -10.99 -0.88 -49.95
N ASP D 155 -10.25 -0.44 -50.95
CA ASP D 155 -8.84 -0.79 -51.00
C ASP D 155 -8.00 0.45 -51.01
N ILE D 156 -8.43 1.50 -51.72
CA ILE D 156 -7.75 2.82 -51.82
C ILE D 156 -8.70 3.97 -51.73
N ILE D 157 -8.20 4.97 -51.04
CA ILE D 157 -8.94 6.23 -50.94
C ILE D 157 -8.02 7.36 -51.38
N ILE D 158 -8.42 8.03 -52.45
CA ILE D 158 -7.70 9.24 -52.90
C ILE D 158 -8.57 10.45 -52.55
N ALA D 159 -8.01 11.42 -51.87
CA ALA D 159 -8.76 12.62 -51.45
C ALA D 159 -8.27 13.86 -52.16
N ASP D 160 -9.07 14.28 -53.13
CA ASP D 160 -8.78 15.47 -53.94
C ASP D 160 -9.02 16.74 -53.11
N ASP D 161 -8.17 17.75 -53.34
CA ASP D 161 -8.22 19.10 -52.74
C ASP D 161 -8.72 19.03 -51.30
N VAL D 162 -8.09 18.15 -50.54
CA VAL D 162 -8.45 17.86 -49.13
C VAL D 162 -8.52 19.11 -48.24
N GLU D 163 -7.72 20.12 -48.55
CA GLU D 163 -7.72 21.34 -47.77
C GLU D 163 -8.97 22.21 -47.91
N ILE D 164 -9.61 22.11 -49.06
CA ILE D 164 -10.85 22.86 -49.35
C ILE D 164 -12.20 22.12 -49.11
N PRO D 165 -12.22 20.97 -48.45
CA PRO D 165 -13.42 20.24 -48.04
C PRO D 165 -13.84 20.71 -46.66
N SER D 166 -14.94 21.46 -46.63
CA SER D 166 -15.55 21.92 -45.37
C SER D 166 -16.16 20.75 -44.59
N ASN D 167 -16.18 20.91 -43.25
CA ASN D 167 -16.74 19.92 -42.31
C ASN D 167 -16.15 18.52 -42.57
N SER D 168 -14.83 18.52 -42.72
CA SER D 168 -14.06 17.31 -43.06
C SER D 168 -13.83 16.42 -41.82
N ALA D 169 -13.88 17.02 -40.64
CA ALA D 169 -13.55 16.32 -39.37
C ALA D 169 -14.28 14.99 -39.20
N THR D 170 -15.55 14.97 -39.59
CA THR D 170 -16.37 13.74 -39.48
C THR D 170 -15.96 12.74 -40.55
N MET D 171 -15.73 13.24 -41.76
CA MET D 171 -15.29 12.40 -42.88
C MET D 171 -13.89 11.84 -42.58
N GLY D 172 -13.06 12.64 -41.94
CA GLY D 172 -11.70 12.23 -41.55
C GLY D 172 -11.75 11.14 -40.49
N ALA D 173 -12.65 11.30 -39.53
CA ALA D 173 -12.85 10.34 -38.44
C ALA D 173 -13.33 8.99 -38.96
N ARG D 174 -14.16 9.06 -40.00
CA ARG D 174 -14.65 7.87 -40.69
C ARG D 174 -13.53 7.13 -41.37
N GLU D 175 -12.50 7.86 -41.79
CA GLU D 175 -11.34 7.33 -42.53
C GLU D 175 -10.40 6.56 -41.62
N LYS D 176 -10.31 7.01 -40.38
CA LYS D 176 -9.36 6.46 -39.40
C LYS D 176 -9.36 4.94 -39.34
N LEU D 177 -10.53 4.34 -39.14
CA LEU D 177 -10.63 2.88 -39.01
C LEU D 177 -10.22 2.13 -40.28
N TRP D 178 -10.51 2.76 -41.42
CA TRP D 178 -10.20 2.19 -42.73
C TRP D 178 -8.68 2.05 -42.96
N THR D 179 -7.91 2.88 -42.27
CA THR D 179 -6.44 2.89 -42.45
C THR D 179 -5.65 2.55 -41.18
N LEU D 180 -6.16 3.00 -40.05
CA LEU D 180 -5.42 2.97 -38.78
C LEU D 180 -5.93 1.86 -37.87
N VAL D 181 -5.15 0.82 -37.86
CA VAL D 181 -5.40 -0.40 -37.06
C VAL D 181 -6.82 -0.99 -36.99
N GLN D 182 -7.54 -1.20 -38.12
CA GLN D 182 -7.17 -0.99 -39.54
C GLN D 182 -7.37 -2.27 -40.33
N GLU D 183 -8.22 -2.14 -41.32
CA GLU D 183 -8.32 -3.19 -42.36
C GLU D 183 -7.12 -3.08 -43.30
N PHE D 184 -6.48 -1.91 -43.29
CA PHE D 184 -5.33 -1.60 -44.13
C PHE D 184 -4.19 -2.59 -43.90
N ALA D 185 -3.92 -2.91 -42.64
CA ALA D 185 -2.83 -3.85 -42.29
C ALA D 185 -3.12 -5.23 -42.87
N ALA D 186 -4.38 -5.62 -42.75
CA ALA D 186 -4.85 -6.89 -43.19
C ALA D 186 -4.79 -6.91 -44.67
N LEU D 187 -5.21 -5.91 -45.43
CA LEU D 187 -5.19 -5.84 -46.89
C LEU D 187 -3.76 -5.74 -47.40
N LEU D 188 -2.89 -5.05 -46.73
CA LEU D 188 -1.49 -4.95 -47.18
C LEU D 188 -0.75 -6.28 -47.15
N LYS D 189 -1.05 -7.09 -46.15
CA LYS D 189 -0.49 -8.46 -46.07
C LYS D 189 -0.92 -9.34 -47.28
N PRO D 190 -2.17 -9.27 -47.72
CA PRO D 190 -2.79 -9.90 -48.85
C PRO D 190 -2.13 -9.36 -50.11
N LEU D 191 -1.42 -8.21 -50.00
CA LEU D 191 -0.91 -7.45 -51.16
C LEU D 191 -1.91 -6.59 -51.96
N PRO D 192 -3.03 -6.36 -51.30
CA PRO D 192 -3.95 -5.37 -51.54
C PRO D 192 -3.51 -3.96 -51.67
N SER D 193 -3.16 -3.45 -52.87
CA SER D 193 -2.65 -2.08 -52.90
C SER D 193 -3.82 -1.21 -52.56
N SER D 194 -3.50 -0.35 -51.67
CA SER D 194 -4.44 0.55 -51.11
C SER D 194 -4.70 0.45 -49.65
N ARG D 195 -4.59 1.57 -48.91
CA ARG D 195 -3.84 2.82 -49.21
C ARG D 195 -4.74 4.04 -49.16
N VAL D 196 -4.06 5.14 -48.87
CA VAL D 196 -4.68 6.47 -48.85
C VAL D 196 -3.68 7.50 -49.40
N ILE D 197 -4.16 8.22 -50.41
CA ILE D 197 -3.35 9.27 -51.05
C ILE D 197 -4.14 10.56 -50.95
N TYR D 198 -3.52 11.55 -50.33
CA TYR D 198 -4.11 12.90 -50.27
C TYR D 198 -3.20 13.89 -50.98
N LEU D 199 -3.83 14.67 -51.84
CA LEU D 199 -3.12 15.74 -52.56
C LEU D 199 -4.02 16.98 -52.57
N GLY D 200 -3.38 18.14 -52.36
CA GLY D 200 -4.09 19.42 -52.41
C GLY D 200 -3.16 20.59 -52.06
N THR D 201 -3.60 21.74 -52.51
CA THR D 201 -2.98 23.02 -52.13
C THR D 201 -3.47 23.37 -50.71
N PRO D 202 -2.66 24.07 -49.93
CA PRO D 202 -2.97 24.43 -48.54
C PRO D 202 -4.06 25.47 -48.48
N GLN D 203 -4.71 25.53 -47.34
CA GLN D 203 -5.78 26.53 -47.10
C GLN D 203 -5.76 26.91 -45.62
N THR D 204 -4.83 27.79 -45.32
CA THR D 204 -4.67 28.31 -43.93
C THR D 204 -4.28 27.15 -42.97
N GLU D 205 -4.59 27.33 -41.70
CA GLU D 205 -4.26 26.44 -40.59
C GLU D 205 -5.43 25.53 -40.24
N MET D 206 -6.16 25.09 -41.28
CA MET D 206 -7.30 24.18 -41.07
C MET D 206 -6.85 22.77 -40.66
N THR D 207 -7.71 21.80 -40.96
CA THR D 207 -7.46 20.38 -40.63
C THR D 207 -6.25 19.83 -41.40
N LEU D 208 -6.03 20.36 -42.60
CA LEU D 208 -4.93 19.85 -43.42
C LEU D 208 -3.57 20.27 -42.86
N TYR D 209 -3.50 21.44 -42.27
CA TYR D 209 -2.24 21.86 -41.64
C TYR D 209 -1.83 20.85 -40.56
N LYS D 210 -2.83 20.31 -39.86
CA LYS D 210 -2.62 19.28 -38.84
C LYS D 210 -2.16 17.96 -39.45
N GLU D 211 -2.68 17.65 -40.63
CA GLU D 211 -2.31 16.40 -41.33
C GLU D 211 -0.87 16.49 -41.85
N LEU D 212 -0.56 17.62 -42.49
CA LEU D 212 0.74 17.87 -43.07
C LEU D 212 1.82 17.94 -41.99
N GLU D 213 1.48 18.61 -40.89
CA GLU D 213 2.41 18.77 -39.77
C GLU D 213 2.75 17.43 -39.12
N ASP D 214 1.72 16.60 -38.94
CA ASP D 214 1.88 15.27 -38.33
C ASP D 214 2.74 14.38 -39.24
N ASN D 215 2.55 14.54 -40.54
CA ASN D 215 3.32 13.78 -41.53
C ASN D 215 4.75 14.28 -41.60
N ARG D 216 4.91 15.59 -41.68
CA ARG D 216 6.23 16.25 -41.78
C ARG D 216 7.00 16.07 -40.48
N GLY D 217 6.31 15.99 -39.36
CA GLY D 217 6.93 15.76 -38.05
C GLY D 217 7.61 14.39 -37.98
N TYR D 218 7.20 13.51 -38.90
CA TYR D 218 7.69 12.13 -38.93
C TYR D 218 8.45 11.82 -40.23
N THR D 219 7.96 12.36 -41.34
CA THR D 219 8.53 12.17 -42.67
C THR D 219 8.56 13.49 -43.42
N THR D 220 9.17 13.44 -44.59
CA THR D 220 9.34 14.63 -45.43
C THR D 220 8.88 14.31 -46.85
N ILE D 221 7.60 14.04 -46.93
CA ILE D 221 6.90 13.83 -48.20
C ILE D 221 5.53 14.55 -48.14
N ILE D 222 5.00 15.00 -49.27
CA ILE D 222 5.74 15.40 -50.46
C ILE D 222 5.23 16.77 -50.90
N TRP D 223 6.07 17.55 -51.58
CA TRP D 223 5.69 18.89 -52.03
C TRP D 223 6.49 19.41 -53.20
N PRO D 224 5.73 19.69 -54.25
CA PRO D 224 6.26 20.43 -55.40
C PRO D 224 5.56 21.78 -55.54
N ALA D 225 6.33 22.76 -56.09
CA ALA D 225 5.98 24.16 -56.39
C ALA D 225 6.10 24.72 -57.80
N LEU D 226 5.64 25.88 -58.14
CA LEU D 226 5.66 26.34 -59.55
C LEU D 226 6.90 25.92 -60.35
N TYR D 227 8.06 25.94 -59.69
CA TYR D 227 9.35 25.63 -60.35
C TYR D 227 9.45 24.20 -60.97
N PRO D 228 8.70 23.22 -60.45
CA PRO D 228 8.55 21.86 -60.97
C PRO D 228 8.16 21.84 -62.44
N ARG D 229 7.43 22.85 -62.88
CA ARG D 229 7.15 23.01 -64.32
C ARG D 229 8.33 23.75 -64.95
N THR D 230 9.23 22.96 -65.53
CA THR D 230 10.53 23.47 -66.04
C THR D 230 10.40 24.43 -67.23
N ARG D 231 9.22 24.47 -67.83
CA ARG D 231 8.97 25.40 -68.94
C ARG D 231 9.05 26.86 -68.45
N GLU D 232 8.67 27.05 -67.20
CA GLU D 232 8.71 28.37 -66.54
C GLU D 232 10.14 28.87 -66.32
N GLU D 233 11.08 27.93 -66.34
CA GLU D 233 12.50 28.20 -66.15
C GLU D 233 13.24 28.86 -67.31
N ASN D 234 12.49 29.10 -68.38
CA ASN D 234 13.03 29.75 -69.57
C ASN D 234 12.21 30.98 -69.91
N LEU D 235 12.91 32.09 -70.10
CA LEU D 235 12.25 33.39 -70.34
C LEU D 235 11.72 33.53 -71.75
N TYR D 236 11.22 34.72 -72.03
CA TYR D 236 10.68 35.06 -73.36
C TYR D 236 11.70 34.86 -74.47
N TYR D 237 12.96 35.14 -74.17
CA TYR D 237 14.03 35.00 -75.16
C TYR D 237 14.50 33.53 -75.29
N SER D 238 13.81 32.62 -74.60
CA SER D 238 14.10 31.18 -74.62
C SER D 238 15.49 30.86 -74.05
N GLN D 239 15.88 31.56 -73.00
CA GLN D 239 17.16 31.35 -72.31
C GLN D 239 16.80 31.01 -70.86
N ARG D 240 17.54 30.06 -70.33
CA ARG D 240 17.35 29.63 -68.94
C ARG D 240 17.60 30.80 -68.00
N LEU D 241 16.63 31.05 -67.15
CA LEU D 241 16.83 32.07 -66.12
C LEU D 241 16.32 31.66 -64.78
N ALA D 242 16.14 30.36 -64.60
CA ALA D 242 15.73 29.83 -63.30
C ALA D 242 14.54 30.69 -62.79
N PRO D 243 13.38 30.39 -63.35
CA PRO D 243 12.09 31.09 -63.37
C PRO D 243 12.13 32.50 -62.80
N MET D 244 13.12 33.28 -63.24
CA MET D 244 13.22 34.66 -62.73
C MET D 244 12.18 35.60 -63.32
N LEU D 245 11.92 35.52 -64.62
CA LEU D 245 11.00 36.47 -65.26
C LEU D 245 9.56 35.97 -65.31
N ARG D 246 9.41 34.66 -65.49
CA ARG D 246 8.08 34.03 -65.44
C ARG D 246 7.41 34.37 -64.11
N ALA D 247 8.20 34.31 -63.04
CA ALA D 247 7.76 34.65 -61.68
C ALA D 247 7.42 36.14 -61.57
N GLU D 248 8.24 36.98 -62.18
CA GLU D 248 8.00 38.43 -62.19
C GLU D 248 6.72 38.76 -62.94
N TYR D 249 6.57 38.14 -64.11
CA TYR D 249 5.40 38.33 -64.97
C TYR D 249 4.12 37.79 -64.31
N ASP D 250 4.29 36.69 -63.59
CA ASP D 250 3.19 36.05 -62.90
C ASP D 250 2.88 36.87 -61.67
N GLU D 251 3.82 37.50 -60.99
CA GLU D 251 3.56 38.35 -59.83
C GLU D 251 2.78 39.58 -60.28
N ASN D 252 3.29 40.22 -61.32
CA ASN D 252 2.55 41.28 -61.99
C ASN D 252 1.31 40.59 -62.59
N PRO D 253 0.62 41.18 -63.57
CA PRO D 253 -0.76 40.82 -63.91
C PRO D 253 -1.54 40.03 -62.83
N GLU D 254 -1.20 40.24 -61.56
CA GLU D 254 -1.85 39.61 -60.40
C GLU D 254 -1.25 40.20 -59.11
N ALA D 255 -1.13 39.39 -58.06
CA ALA D 255 -0.63 39.86 -56.78
C ALA D 255 0.33 38.85 -56.14
N LEU D 256 1.21 39.39 -55.32
CA LEU D 256 2.11 38.58 -54.52
C LEU D 256 1.29 37.72 -53.62
N ALA D 257 0.23 38.19 -52.99
CA ALA D 257 -0.65 37.40 -52.10
C ALA D 257 -1.33 36.25 -52.86
N GLY D 258 -1.57 36.47 -54.14
CA GLY D 258 -2.17 35.46 -55.04
C GLY D 258 -1.16 34.42 -55.51
N THR D 259 0.06 34.87 -55.81
CA THR D 259 1.19 33.98 -56.17
C THR D 259 1.55 32.96 -55.03
N PRO D 260 1.54 33.24 -53.77
CA PRO D 260 1.79 32.32 -52.68
C PRO D 260 0.58 31.39 -52.57
N THR D 261 -0.60 31.94 -52.88
CA THR D 261 -1.87 31.22 -52.85
C THR D 261 -1.94 30.19 -53.97
N ASP D 262 -1.41 30.56 -55.12
CA ASP D 262 -1.59 29.75 -56.33
C ASP D 262 -0.34 28.85 -56.56
N PRO D 263 0.86 29.42 -56.59
CA PRO D 263 2.07 28.66 -56.90
C PRO D 263 3.10 28.35 -55.80
N VAL D 264 2.77 28.50 -54.53
CA VAL D 264 3.79 28.29 -53.48
C VAL D 264 3.47 27.21 -52.45
N ARG D 265 2.19 26.88 -52.27
CA ARG D 265 1.76 25.91 -51.27
C ARG D 265 2.22 26.26 -49.83
N PHE D 266 2.22 27.55 -49.56
CA PHE D 266 2.53 28.03 -48.20
C PHE D 266 1.22 28.22 -47.44
N ASP D 267 1.27 27.90 -46.14
CA ASP D 267 0.10 28.11 -45.27
C ASP D 267 -0.05 29.59 -44.93
N ARG D 268 -1.29 30.04 -44.90
CA ARG D 268 -1.62 31.46 -44.68
C ARG D 268 -1.13 32.00 -43.33
N ASP D 269 -1.82 31.59 -42.26
CA ASP D 269 -1.64 32.15 -40.92
C ASP D 269 -0.37 31.68 -40.20
N ASP D 270 0.77 31.68 -40.89
CA ASP D 270 2.05 31.31 -40.25
C ASP D 270 3.20 31.46 -41.23
N LEU D 271 4.37 31.81 -40.71
CA LEU D 271 5.66 31.72 -41.39
C LEU D 271 6.12 30.24 -41.46
N ARG D 272 7.17 30.00 -42.23
CA ARG D 272 7.72 28.64 -42.36
C ARG D 272 8.37 28.10 -41.08
N GLU D 273 8.90 28.99 -40.26
CA GLU D 273 9.77 28.62 -39.14
C GLU D 273 9.24 27.46 -38.30
N ARG D 274 10.15 26.59 -37.91
CA ARG D 274 9.83 25.45 -37.03
C ARG D 274 9.26 25.95 -35.69
N GLU D 275 9.98 26.90 -35.10
CA GLU D 275 9.56 27.56 -33.87
C GLU D 275 8.69 28.75 -34.25
N LEU D 276 7.51 28.82 -33.68
CA LEU D 276 6.57 29.91 -33.96
C LEU D 276 7.19 31.24 -33.52
N GLU D 277 6.90 32.28 -34.29
CA GLU D 277 7.41 33.64 -34.02
C GLU D 277 6.84 34.12 -32.69
N TYR D 278 5.67 33.60 -32.37
CA TYR D 278 5.02 33.87 -31.07
C TYR D 278 5.93 33.48 -29.91
N GLY D 279 6.79 32.48 -30.15
CA GLY D 279 7.77 32.02 -29.16
C GLY D 279 9.13 32.67 -29.36
N LYS D 280 9.50 32.88 -30.62
CA LYS D 280 10.78 33.52 -30.97
C LYS D 280 10.88 34.97 -30.52
N ALA D 281 9.73 35.55 -30.19
CA ALA D 281 9.65 36.95 -29.75
C ALA D 281 9.92 37.09 -28.25
N GLY D 282 9.52 36.04 -27.50
CA GLY D 282 9.67 36.00 -26.04
C GLY D 282 11.08 35.62 -25.61
N PHE D 283 11.79 34.91 -26.49
CA PHE D 283 13.13 34.38 -26.21
C PHE D 283 14.16 35.47 -25.97
N THR D 284 14.66 35.50 -24.74
CA THR D 284 15.75 36.41 -24.34
C THR D 284 17.07 35.65 -24.38
N LEU D 285 18.15 36.39 -24.55
CA LEU D 285 19.50 35.83 -24.60
C LEU D 285 20.40 36.38 -23.50
N GLN D 286 21.53 35.71 -23.32
CA GLN D 286 22.58 36.17 -22.40
C GLN D 286 23.86 36.44 -23.19
N PHE D 287 24.17 37.73 -23.32
CA PHE D 287 25.37 38.18 -24.05
C PHE D 287 26.64 37.84 -23.28
N MET D 288 27.57 37.18 -23.96
CA MET D 288 28.87 36.79 -23.38
C MET D 288 30.00 36.93 -24.40
N LEU D 289 31.20 37.13 -23.87
CA LEU D 289 32.43 37.19 -24.68
C LEU D 289 33.08 35.80 -24.73
N ASN D 290 33.13 35.26 -25.94
CA ASN D 290 33.70 33.92 -26.20
C ASN D 290 35.24 33.88 -25.97
N PRO D 291 35.83 32.70 -25.80
CA PRO D 291 37.24 32.36 -25.59
C PRO D 291 37.99 32.66 -26.88
N ASN D 292 39.22 32.16 -26.88
CA ASN D 292 40.06 32.17 -28.06
C ASN D 292 39.44 31.24 -29.11
N LEU D 293 38.94 30.12 -28.62
CA LEU D 293 38.09 29.27 -29.43
C LEU D 293 36.69 29.89 -29.48
N SER D 294 35.74 29.14 -29.97
CA SER D 294 34.40 29.69 -30.13
C SER D 294 33.41 29.40 -29.01
N ASP D 295 33.96 29.29 -27.81
CA ASP D 295 33.15 28.91 -26.63
C ASP D 295 32.38 30.08 -26.01
N ALA D 296 31.10 29.98 -25.88
CA ALA D 296 30.34 30.94 -25.08
C ALA D 296 29.84 30.26 -23.81
N GLU D 297 30.30 30.75 -22.68
CA GLU D 297 29.91 30.23 -21.36
C GLU D 297 28.77 31.08 -20.78
N LYS D 298 27.60 30.48 -20.72
CA LYS D 298 26.40 31.16 -20.19
C LYS D 298 26.31 31.02 -18.66
N TYR D 299 26.40 29.77 -18.22
CA TYR D 299 26.48 29.44 -16.79
C TYR D 299 27.60 28.43 -16.58
N PRO D 300 28.48 28.73 -15.63
CA PRO D 300 29.64 27.88 -15.31
C PRO D 300 29.17 26.52 -14.77
N LEU D 301 30.05 25.53 -14.95
CA LEU D 301 29.79 24.18 -14.44
C LEU D 301 29.67 24.22 -12.91
N ARG D 302 28.77 23.38 -12.40
CA ARG D 302 28.58 23.24 -10.94
C ARG D 302 28.72 21.77 -10.57
N LEU D 303 29.30 21.53 -9.40
CA LEU D 303 29.48 20.16 -8.91
C LEU D 303 28.12 19.50 -8.69
N ARG D 304 28.04 18.24 -9.11
CA ARG D 304 26.81 17.42 -8.98
C ARG D 304 25.70 17.81 -9.94
N ASP D 305 26.05 18.54 -11.00
CA ASP D 305 25.10 18.86 -12.07
C ASP D 305 25.40 18.03 -13.30
N ALA D 306 24.37 17.45 -13.88
CA ALA D 306 24.51 16.64 -15.09
C ALA D 306 24.35 17.50 -16.33
N ILE D 307 25.27 17.29 -17.26
CA ILE D 307 25.29 18.04 -18.52
C ILE D 307 25.20 17.05 -19.69
N VAL D 308 24.75 17.56 -20.82
CA VAL D 308 24.72 16.82 -22.09
C VAL D 308 25.27 17.71 -23.20
N ALA D 309 26.04 17.11 -24.10
CA ALA D 309 26.61 17.87 -25.23
C ALA D 309 26.25 17.24 -26.56
N ALA D 310 25.92 18.11 -27.49
CA ALA D 310 25.68 17.69 -28.88
C ALA D 310 26.63 18.44 -29.80
N LEU D 311 27.11 17.77 -30.83
CA LEU D 311 28.11 18.33 -31.73
C LEU D 311 27.74 18.07 -33.19
N ASP D 312 27.49 19.16 -33.91
CA ASP D 312 27.30 19.08 -35.36
C ASP D 312 28.50 19.71 -36.07
N LEU D 313 29.39 18.81 -36.47
CA LEU D 313 30.63 19.20 -37.15
C LEU D 313 30.35 19.80 -38.53
N GLU D 314 31.27 20.66 -38.96
CA GLU D 314 31.15 21.35 -40.25
C GLU D 314 31.93 20.57 -41.33
N LYS D 315 31.18 20.09 -42.31
CA LYS D 315 31.77 19.33 -43.42
C LYS D 315 32.72 20.17 -44.28
N ALA D 316 32.48 21.47 -44.36
CA ALA D 316 33.32 22.31 -45.22
C ALA D 316 33.04 23.78 -44.98
N PRO D 317 33.96 24.68 -45.41
CA PRO D 317 33.84 26.15 -45.36
C PRO D 317 32.40 26.50 -45.09
N MET D 318 31.59 26.97 -46.04
CA MET D 318 30.13 26.76 -45.98
C MET D 318 29.59 27.13 -44.59
N HIS D 319 29.72 26.20 -43.66
CA HIS D 319 29.30 26.41 -42.30
C HIS D 319 30.28 26.16 -41.14
N TYR D 320 29.70 26.08 -39.95
CA TYR D 320 30.40 26.09 -38.66
C TYR D 320 30.28 24.78 -37.88
N GLN D 321 31.20 24.60 -36.95
CA GLN D 321 31.11 23.53 -35.94
C GLN D 321 30.28 24.08 -34.76
N TRP D 322 29.27 23.30 -34.37
CA TRP D 322 28.36 23.73 -33.30
C TRP D 322 28.25 22.68 -32.17
N LEU D 323 28.72 23.10 -31.00
CA LEU D 323 28.68 22.28 -29.77
C LEU D 323 27.85 22.98 -28.68
N PRO D 324 26.64 22.51 -28.41
CA PRO D 324 25.82 22.93 -27.28
C PRO D 324 26.09 22.01 -26.10
N ASN D 325 26.09 22.62 -24.94
CA ASN D 325 26.13 21.91 -23.65
C ASN D 325 24.88 22.30 -22.86
N ARG D 326 24.12 21.29 -22.47
CA ARG D 326 22.81 21.47 -21.84
C ARG D 326 22.81 20.89 -20.42
N GLN D 327 22.49 21.75 -19.46
CA GLN D 327 22.28 21.37 -18.06
C GLN D 327 21.01 20.52 -17.96
N ASN D 328 21.21 19.24 -17.70
CA ASN D 328 20.13 18.28 -17.65
C ASN D 328 19.54 17.95 -16.28
N ILE D 329 20.19 18.50 -15.27
CA ILE D 329 19.86 18.19 -13.87
C ILE D 329 18.35 18.27 -13.60
N ILE D 330 17.83 19.49 -13.62
CA ILE D 330 16.46 19.80 -13.19
C ILE D 330 15.45 19.29 -14.22
N GLU D 331 14.20 19.68 -13.99
CA GLU D 331 13.08 19.36 -14.87
C GLU D 331 13.13 20.22 -16.15
N ASP D 332 13.71 21.41 -16.01
CA ASP D 332 13.88 22.33 -17.14
C ASP D 332 15.35 22.36 -17.57
N LEU D 333 15.62 21.85 -18.75
CA LEU D 333 16.97 21.81 -19.34
C LEU D 333 17.42 23.17 -19.88
N PRO D 334 18.53 23.69 -19.34
CA PRO D 334 19.12 24.95 -19.84
C PRO D 334 20.42 24.72 -20.61
N ASN D 335 20.62 25.53 -21.64
CA ASN D 335 21.85 25.58 -22.46
C ASN D 335 22.83 26.45 -21.70
N VAL D 336 23.93 25.84 -21.30
CA VAL D 336 24.91 26.53 -20.45
C VAL D 336 26.20 26.93 -21.18
N GLY D 337 26.40 26.36 -22.38
CA GLY D 337 27.63 26.67 -23.13
C GLY D 337 27.60 26.17 -24.57
N LEU D 338 28.13 27.01 -25.46
CA LEU D 338 28.13 26.75 -26.91
C LEU D 338 29.50 27.05 -27.51
N LYS D 339 29.96 26.13 -28.34
CA LYS D 339 31.15 26.32 -29.16
C LYS D 339 30.70 26.47 -30.61
N GLY D 340 31.00 27.63 -31.16
CA GLY D 340 30.62 27.97 -32.55
C GLY D 340 31.82 28.54 -33.33
N ASP D 341 32.35 27.77 -34.26
CA ASP D 341 33.59 28.16 -34.97
C ASP D 341 33.61 27.61 -36.40
N ASP D 342 34.17 28.41 -37.27
CA ASP D 342 34.47 27.95 -38.65
C ASP D 342 35.98 28.10 -38.91
N LEU D 343 36.73 28.32 -37.83
CA LEU D 343 38.18 28.53 -37.89
C LEU D 343 38.95 27.20 -37.91
N HIS D 344 38.22 26.11 -37.70
CA HIS D 344 38.81 24.77 -37.71
C HIS D 344 39.16 24.33 -39.13
N THR D 345 40.33 24.79 -39.58
CA THR D 345 40.84 24.37 -40.89
C THR D 345 41.37 22.93 -40.81
N TYR D 346 41.75 22.54 -39.60
CA TYR D 346 42.30 21.21 -39.33
C TYR D 346 41.08 20.38 -39.01
N HIS D 347 41.01 19.23 -39.67
CA HIS D 347 40.02 18.17 -39.37
C HIS D 347 40.29 17.60 -37.95
N ASP D 348 41.14 18.28 -37.21
CA ASP D 348 42.17 17.57 -36.45
C ASP D 348 42.42 18.08 -35.02
N CYS D 349 42.16 19.35 -34.75
CA CYS D 349 42.45 19.90 -33.41
C CYS D 349 41.17 20.13 -32.58
N SER D 350 40.04 19.82 -33.20
CA SER D 350 38.74 20.05 -32.57
C SER D 350 38.47 19.09 -31.40
N ASN D 351 38.78 17.82 -31.58
CA ASN D 351 38.51 16.83 -30.52
C ASN D 351 39.08 17.22 -29.16
N ASN D 352 40.33 17.69 -29.16
CA ASN D 352 40.96 18.15 -27.92
C ASN D 352 40.25 19.37 -27.35
N SER D 353 39.99 20.35 -28.20
CA SER D 353 39.33 21.60 -27.79
C SER D 353 37.95 21.36 -27.18
N GLY D 354 37.19 20.48 -27.84
CA GLY D 354 35.85 20.09 -27.38
C GLY D 354 35.93 19.34 -26.05
N GLN D 355 36.96 18.50 -25.94
CA GLN D 355 37.15 17.64 -24.75
C GLN D 355 37.30 18.45 -23.46
N TYR D 356 38.07 19.53 -23.53
CA TYR D 356 38.33 20.36 -22.34
C TYR D 356 37.03 21.00 -21.86
N GLN D 357 36.09 21.28 -22.73
CA GLN D 357 34.77 21.82 -22.34
C GLN D 357 33.86 20.72 -21.77
N GLN D 358 33.96 19.53 -22.37
CA GLN D 358 33.24 18.35 -21.89
C GLN D 358 33.74 17.95 -20.50
N LYS D 359 35.06 18.02 -20.31
CA LYS D 359 35.69 17.71 -19.03
C LYS D 359 35.41 18.81 -18.00
N ILE D 360 35.34 20.04 -18.50
CA ILE D 360 35.05 21.21 -17.68
C ILE D 360 33.68 21.08 -17.07
N LEU D 361 32.74 20.46 -17.79
CA LEU D 361 31.35 20.26 -17.40
C LEU D 361 31.10 18.87 -16.84
N VAL D 362 31.90 18.47 -15.85
CA VAL D 362 31.72 17.23 -15.07
C VAL D 362 31.68 16.02 -16.01
N ILE D 363 32.75 15.85 -16.79
CA ILE D 363 32.85 14.70 -17.72
C ILE D 363 31.55 14.57 -18.55
N ASP D 364 31.24 15.63 -19.25
CA ASP D 364 30.01 15.75 -20.02
C ASP D 364 30.00 14.75 -21.20
N PRO D 365 29.04 13.84 -21.20
CA PRO D 365 28.80 12.94 -22.33
C PRO D 365 28.37 13.75 -23.56
N SER D 366 28.79 13.29 -24.73
CA SER D 366 28.57 14.02 -25.98
C SER D 366 27.97 13.11 -27.05
N GLY D 367 26.99 13.66 -27.77
CA GLY D 367 26.32 12.96 -28.88
C GLY D 367 26.68 13.71 -30.16
N ARG D 368 27.55 13.13 -30.95
CA ARG D 368 28.06 13.76 -32.19
C ARG D 368 27.30 13.29 -33.44
N GLY D 369 26.95 14.24 -34.28
CA GLY D 369 26.32 13.94 -35.58
C GLY D 369 27.34 13.22 -36.45
N LYS D 370 27.01 12.00 -36.85
CA LYS D 370 27.93 11.20 -37.70
C LYS D 370 27.83 11.65 -39.15
N ASP D 371 28.47 12.76 -39.44
CA ASP D 371 28.71 13.18 -40.83
C ASP D 371 30.19 12.94 -41.12
N GLU D 372 30.63 13.12 -42.35
CA GLU D 372 32.04 12.82 -42.72
C GLU D 372 33.06 13.28 -41.66
N THR D 373 32.89 14.54 -41.21
CA THR D 373 33.77 15.12 -40.19
C THR D 373 33.48 14.53 -38.80
N GLY D 374 32.20 14.30 -38.53
CA GLY D 374 31.59 13.73 -37.31
C GLY D 374 32.22 12.43 -36.93
N TYR D 375 32.01 11.46 -37.80
CA TYR D 375 32.51 10.09 -37.63
C TYR D 375 33.95 10.14 -37.19
N ALA D 376 34.55 11.04 -37.92
CA ALA D 376 35.79 11.53 -37.61
C ALA D 376 35.98 11.93 -36.11
N VAL D 377 35.66 13.12 -35.83
CA VAL D 377 35.82 13.63 -34.45
C VAL D 377 35.41 12.59 -33.39
N LEU D 378 34.46 11.76 -33.76
CA LEU D 378 34.12 10.59 -32.99
C LEU D 378 35.24 9.69 -32.52
N TYR D 379 35.98 9.30 -33.52
CA TYR D 379 37.11 8.42 -33.34
C TYR D 379 38.11 9.09 -32.39
N THR D 380 38.54 10.29 -32.65
CA THR D 380 39.61 10.90 -31.83
C THR D 380 39.21 11.02 -30.35
N LEU D 381 37.95 11.36 -30.11
CA LEU D 381 37.47 11.51 -28.73
C LEU D 381 36.77 10.21 -28.27
N ASN D 382 36.96 9.15 -29.00
CA ASN D 382 36.41 7.86 -28.59
C ASN D 382 37.21 7.37 -27.38
N GLY D 383 36.51 6.63 -26.53
CA GLY D 383 37.10 5.92 -25.37
C GLY D 383 38.22 4.94 -25.78
N TYR D 384 38.24 4.56 -27.06
CA TYR D 384 39.20 3.58 -27.58
C TYR D 384 40.11 4.20 -28.64
N ILE D 385 39.58 5.19 -29.35
CA ILE D 385 40.34 5.72 -30.47
C ILE D 385 41.59 6.51 -30.09
N TYR D 386 41.48 7.77 -29.62
CA TYR D 386 42.70 8.57 -29.41
C TYR D 386 42.81 9.26 -28.05
N LEU D 387 41.81 10.05 -27.72
CA LEU D 387 41.78 10.83 -26.47
C LEU D 387 41.22 10.03 -25.30
N MET D 388 40.66 8.86 -25.62
CA MET D 388 40.16 7.89 -24.62
C MET D 388 39.03 8.47 -23.75
N GLU D 389 38.29 9.43 -24.30
CA GLU D 389 37.14 10.01 -23.58
C GLU D 389 36.03 8.96 -23.54
N ALA D 390 35.64 8.60 -22.32
CA ALA D 390 34.68 7.50 -22.09
C ALA D 390 33.21 7.93 -22.13
N GLY D 391 32.97 9.21 -22.38
CA GLY D 391 31.60 9.77 -22.37
C GLY D 391 31.19 10.32 -23.76
N GLY D 392 31.29 9.42 -24.74
CA GLY D 392 30.82 9.69 -26.11
C GLY D 392 29.64 8.77 -26.42
N PHE D 393 28.46 9.38 -26.56
CA PHE D 393 27.21 8.63 -26.81
C PHE D 393 27.19 8.06 -28.24
N ARG D 394 26.74 6.82 -28.33
CA ARG D 394 26.64 6.11 -29.61
C ARG D 394 25.36 5.26 -29.64
N ASP D 395 24.71 5.22 -30.78
CA ASP D 395 23.53 4.34 -30.98
C ASP D 395 23.93 2.90 -31.31
N GLY D 396 25.19 2.74 -31.74
CA GLY D 396 25.76 1.41 -32.04
C GLY D 396 27.26 1.42 -31.76
N TYR D 397 27.89 0.28 -31.99
CA TYR D 397 29.35 0.15 -31.83
C TYR D 397 30.12 0.52 -33.10
N SER D 398 29.42 0.43 -34.23
CA SER D 398 29.98 0.86 -35.52
C SER D 398 29.82 2.38 -35.69
N ASP D 399 28.73 2.89 -35.09
CA ASP D 399 28.35 4.29 -35.16
C ASP D 399 28.49 4.99 -33.81
N LYS D 400 29.60 5.69 -33.66
CA LYS D 400 29.95 6.31 -32.38
C LYS D 400 29.29 7.66 -32.26
N THR D 401 27.96 7.72 -32.40
CA THR D 401 27.11 8.90 -32.26
C THR D 401 25.78 8.80 -32.96
N LEU D 402 25.24 9.92 -33.45
CA LEU D 402 23.91 9.95 -34.06
C LEU D 402 24.02 9.71 -35.57
N GLU D 403 23.62 8.51 -35.95
CA GLU D 403 23.52 8.13 -37.38
C GLU D 403 22.44 9.01 -38.01
N LEU D 404 22.81 9.68 -39.09
CA LEU D 404 21.89 10.60 -39.78
C LEU D 404 21.18 9.85 -40.94
N LEU D 405 21.43 8.55 -41.03
CA LEU D 405 20.76 7.75 -42.06
C LEU D 405 19.26 7.71 -41.72
N ALA D 406 18.46 7.93 -42.76
CA ALA D 406 17.00 7.79 -42.73
C ALA D 406 16.30 8.93 -42.01
N LYS D 407 16.51 10.18 -42.50
CA LYS D 407 15.45 11.21 -42.58
C LYS D 407 14.59 11.41 -41.31
N LYS D 408 14.15 10.31 -40.72
CA LYS D 408 13.31 10.21 -39.52
C LYS D 408 13.97 10.86 -38.30
N ALA D 409 15.26 10.64 -38.10
CA ALA D 409 15.97 11.19 -36.95
C ALA D 409 15.91 12.72 -36.95
N LYS D 410 16.15 13.30 -38.12
CA LYS D 410 16.08 14.75 -38.30
C LYS D 410 14.64 15.24 -38.10
N GLN D 411 13.71 14.50 -38.69
CA GLN D 411 12.28 14.83 -38.63
C GLN D 411 11.77 14.95 -37.19
N TRP D 412 11.86 13.83 -36.48
CA TRP D 412 11.40 13.77 -35.09
C TRP D 412 12.30 14.63 -34.18
N GLY D 413 13.57 14.76 -34.57
CA GLY D 413 14.52 15.61 -33.83
C GLY D 413 14.04 17.06 -33.88
N VAL D 414 13.59 17.50 -35.03
CA VAL D 414 12.98 18.82 -35.21
C VAL D 414 11.64 18.91 -34.43
N GLN D 415 10.87 17.85 -34.53
CA GLN D 415 9.56 17.79 -33.87
C GLN D 415 9.74 17.89 -32.36
N THR D 416 10.71 17.20 -31.81
CA THR D 416 10.97 17.23 -30.37
C THR D 416 11.58 18.56 -29.96
N VAL D 417 12.38 19.12 -30.87
CA VAL D 417 12.93 20.48 -30.69
C VAL D 417 11.97 21.57 -30.46
N VAL D 418 11.00 21.46 -31.32
CA VAL D 418 9.91 22.42 -31.30
C VAL D 418 9.21 22.34 -29.95
N TYR D 419 8.89 21.14 -29.54
CA TYR D 419 8.20 20.91 -28.27
C TYR D 419 9.01 21.42 -27.08
N GLU D 420 10.27 21.00 -27.04
CA GLU D 420 11.17 21.35 -25.93
C GLU D 420 11.28 22.87 -25.76
N SER D 421 11.49 23.55 -26.89
CA SER D 421 11.66 25.02 -26.89
C SER D 421 10.36 25.77 -26.56
N ASN D 422 9.23 25.26 -27.08
CA ASN D 422 7.94 25.95 -26.93
C ASN D 422 7.29 25.72 -25.57
N PHE D 423 7.45 24.52 -25.04
CA PHE D 423 6.86 24.16 -23.74
C PHE D 423 7.78 24.62 -22.62
N GLY D 424 8.88 25.26 -23.04
CA GLY D 424 9.88 25.86 -22.14
C GLY D 424 10.60 24.81 -21.29
N ASP D 425 10.74 23.59 -21.82
CA ASP D 425 11.51 22.55 -21.13
C ASP D 425 13.01 22.80 -21.38
N GLY D 426 13.32 23.30 -22.56
CA GLY D 426 14.70 23.65 -22.93
C GLY D 426 14.80 25.18 -23.05
N MET D 427 15.79 25.73 -22.36
CA MET D 427 16.01 27.19 -22.37
C MET D 427 17.29 27.52 -23.14
N PHE D 428 17.15 28.40 -24.12
CA PHE D 428 18.28 28.78 -25.00
C PHE D 428 18.72 30.17 -24.57
N GLY D 429 20.03 30.31 -24.44
CA GLY D 429 20.63 31.59 -23.98
C GLY D 429 21.46 32.26 -25.06
N LYS D 430 21.89 31.48 -26.04
CA LYS D 430 22.83 31.99 -27.05
C LYS D 430 22.09 32.83 -28.04
N VAL D 431 22.52 34.04 -28.31
CA VAL D 431 21.96 34.97 -29.28
C VAL D 431 21.85 34.51 -30.71
N PHE D 432 22.91 33.84 -31.06
CA PHE D 432 23.09 33.36 -32.42
C PHE D 432 22.25 32.13 -32.60
N SER D 433 22.03 31.41 -31.53
CA SER D 433 21.09 30.29 -31.46
C SER D 433 19.67 30.53 -31.95
N PRO D 434 19.01 31.47 -31.34
CA PRO D 434 17.67 31.94 -31.52
C PRO D 434 17.61 32.68 -32.85
N ILE D 435 18.69 33.36 -33.24
CA ILE D 435 18.71 34.06 -34.54
C ILE D 435 18.68 33.05 -35.69
N LEU D 436 19.28 31.88 -35.46
CA LEU D 436 19.24 30.80 -36.46
C LEU D 436 17.88 30.15 -36.54
N LEU D 437 17.21 30.09 -35.39
CA LEU D 437 15.82 29.60 -35.33
C LEU D 437 14.93 30.53 -36.15
N LYS D 438 15.35 31.81 -36.23
CA LYS D 438 14.58 32.87 -36.91
C LYS D 438 14.40 32.60 -38.37
N HIS D 439 15.40 31.88 -38.83
CA HIS D 439 15.44 31.50 -40.21
C HIS D 439 15.51 30.06 -40.59
N HIS D 440 15.34 29.28 -39.57
CA HIS D 440 15.26 27.83 -39.73
C HIS D 440 13.79 27.50 -39.97
N ASN D 441 13.41 27.54 -41.24
CA ASN D 441 12.00 27.39 -41.62
C ASN D 441 11.76 26.26 -42.62
N CYS D 442 10.49 26.13 -43.00
CA CYS D 442 10.02 25.14 -43.98
C CYS D 442 10.90 25.08 -45.22
N ALA D 443 11.44 23.89 -45.43
CA ALA D 443 12.13 23.52 -46.68
C ALA D 443 11.52 22.19 -47.10
N MET D 444 10.22 22.25 -47.39
CA MET D 444 9.41 21.06 -47.61
C MET D 444 10.20 19.97 -48.36
N GLU D 445 10.18 18.77 -47.81
CA GLU D 445 9.32 18.45 -46.67
C GLU D 445 9.97 18.44 -45.32
N GLU D 446 11.05 19.20 -45.24
CA GLU D 446 11.79 19.31 -43.97
C GLU D 446 11.92 20.78 -43.59
N ILE D 447 12.94 21.07 -42.78
CA ILE D 447 13.31 22.44 -42.42
C ILE D 447 14.81 22.61 -42.63
N ARG D 448 15.17 23.82 -43.01
CA ARG D 448 16.57 24.21 -43.22
C ARG D 448 16.69 25.72 -42.98
N ALA D 449 17.80 26.31 -43.38
CA ALA D 449 18.09 27.74 -43.26
C ALA D 449 17.88 28.30 -44.66
N ARG D 450 17.11 29.38 -44.69
CA ARG D 450 16.85 30.07 -45.96
C ARG D 450 18.16 30.67 -46.50
N GLY D 451 18.07 31.18 -47.72
CA GLY D 451 19.24 31.68 -48.45
C GLY D 451 20.08 32.64 -47.60
N MET D 452 21.39 32.34 -47.57
CA MET D 452 22.40 33.19 -46.89
C MET D 452 22.40 33.06 -45.35
N LYS D 453 21.76 32.02 -44.84
CA LYS D 453 21.79 31.77 -43.40
C LYS D 453 22.36 30.39 -43.07
N GLU D 454 22.82 30.27 -41.84
CA GLU D 454 23.39 29.03 -41.30
C GLU D 454 22.39 28.33 -40.40
N MET D 455 22.44 27.02 -40.32
CA MET D 455 21.55 26.27 -39.42
C MET D 455 22.36 25.33 -38.51
N ARG D 456 23.66 25.56 -38.45
CA ARG D 456 24.57 24.70 -37.69
C ARG D 456 24.20 24.58 -36.21
N ILE D 457 23.82 25.71 -35.64
CA ILE D 457 23.46 25.76 -34.22
C ILE D 457 22.14 25.02 -33.94
N CYS D 458 21.22 25.22 -34.89
CA CYS D 458 19.88 24.66 -34.76
C CYS D 458 19.93 23.16 -35.01
N ASP D 459 20.72 22.79 -36.01
CA ASP D 459 20.87 21.40 -36.41
C ASP D 459 21.52 20.63 -35.32
N THR D 460 22.43 21.21 -34.54
CA THR D 460 23.01 20.45 -33.44
C THR D 460 22.10 20.37 -32.20
N LEU D 461 21.15 21.27 -32.11
CA LEU D 461 20.07 21.13 -31.13
C LEU D 461 19.04 20.09 -31.54
N GLU D 462 18.88 19.91 -32.86
CA GLU D 462 18.04 18.82 -33.41
C GLU D 462 18.54 17.43 -32.94
N PRO D 463 19.84 17.18 -32.84
CA PRO D 463 20.55 16.01 -32.36
C PRO D 463 20.15 15.84 -30.91
N VAL D 464 20.17 16.92 -30.14
CA VAL D 464 19.72 16.89 -28.74
C VAL D 464 18.25 16.50 -28.66
N MET D 465 17.48 17.02 -29.57
CA MET D 465 16.04 16.71 -29.57
C MET D 465 15.78 15.24 -29.83
N GLN D 466 16.49 14.70 -30.81
CA GLN D 466 16.41 13.27 -31.11
C GLN D 466 16.93 12.43 -29.95
N THR D 467 18.02 12.90 -29.35
CA THR D 467 18.61 12.24 -28.17
C THR D 467 17.63 12.26 -27.02
N HIS D 468 16.85 13.34 -26.93
CA HIS D 468 15.83 13.57 -25.91
C HIS D 468 14.79 12.46 -25.85
N ARG D 469 14.54 11.89 -27.02
CA ARG D 469 13.57 10.77 -27.12
C ARG D 469 14.13 9.46 -26.59
N LEU D 470 15.44 9.32 -26.75
CA LEU D 470 16.11 8.07 -26.43
C LEU D 470 16.00 7.75 -24.95
N VAL D 471 15.83 6.46 -24.69
CA VAL D 471 15.68 5.92 -23.33
C VAL D 471 16.98 6.12 -22.55
N ILE D 472 18.13 5.98 -23.17
CA ILE D 472 19.42 6.11 -22.47
C ILE D 472 19.59 7.52 -21.92
N ARG D 473 19.03 8.47 -22.66
CA ARG D 473 19.10 9.89 -22.30
C ARG D 473 18.35 10.17 -21.01
N ASP D 474 17.31 9.38 -20.75
CA ASP D 474 16.51 9.56 -19.53
C ASP D 474 17.33 9.34 -18.24
N GLU D 475 18.65 9.54 -18.30
CA GLU D 475 19.48 10.03 -17.19
C GLU D 475 20.99 10.11 -17.41
N VAL D 476 21.44 10.46 -18.60
CA VAL D 476 22.87 10.75 -18.82
C VAL D 476 23.26 12.05 -18.08
N MET E 1 -25.23 58.39 -39.50
CA MET E 1 -25.01 59.08 -38.21
C MET E 1 -25.71 58.35 -37.05
N SER E 2 -26.97 58.00 -37.28
CA SER E 2 -27.80 57.36 -36.26
C SER E 2 -27.21 56.06 -35.75
N THR E 3 -26.68 55.25 -36.67
CA THR E 3 -26.07 53.96 -36.33
C THR E 3 -24.85 54.14 -35.42
N GLN E 4 -24.03 55.12 -35.75
CA GLN E 4 -22.81 55.42 -34.97
C GLN E 4 -23.17 55.91 -33.56
N SER E 5 -24.17 56.79 -33.49
CA SER E 5 -24.62 57.37 -32.21
C SER E 5 -25.27 56.31 -31.32
N ASN E 6 -26.09 55.46 -31.94
CA ASN E 6 -26.76 54.36 -31.22
C ASN E 6 -25.72 53.40 -30.65
N ARG E 7 -24.76 53.03 -31.50
CA ARG E 7 -23.65 52.15 -31.10
C ARG E 7 -22.79 52.81 -30.02
N ASN E 8 -22.63 54.13 -30.14
CA ASN E 8 -21.85 54.92 -29.18
C ASN E 8 -22.50 54.79 -27.81
N ALA E 9 -23.80 55.02 -27.74
CA ALA E 9 -24.56 54.87 -26.49
C ALA E 9 -24.54 53.43 -25.98
N LEU E 10 -24.52 52.50 -26.94
CA LEU E 10 -24.56 51.07 -26.66
C LEU E 10 -23.36 50.64 -25.83
N VAL E 11 -22.16 51.14 -26.11
CA VAL E 11 -20.95 50.71 -25.37
C VAL E 11 -20.23 51.86 -24.66
N VAL E 12 -20.98 52.90 -24.34
CA VAL E 12 -20.47 54.00 -23.49
C VAL E 12 -21.65 54.50 -22.64
N ALA E 13 -21.86 53.79 -21.54
CA ALA E 13 -23.01 54.04 -20.68
C ALA E 13 -22.99 55.46 -20.08
N GLN E 14 -21.80 55.94 -19.72
CA GLN E 14 -21.65 57.28 -19.13
C GLN E 14 -22.11 58.36 -20.11
N LEU E 15 -21.75 58.17 -21.37
CA LEU E 15 -22.14 59.11 -22.43
C LEU E 15 -23.65 59.09 -22.66
N LYS E 16 -24.20 57.88 -22.68
CA LYS E 16 -25.65 57.68 -22.85
C LYS E 16 -26.42 58.34 -21.69
N GLY E 17 -25.88 58.13 -20.49
CA GLY E 17 -26.48 58.63 -19.25
C GLY E 17 -26.43 60.16 -19.15
N ASP E 18 -25.33 60.73 -19.64
CA ASP E 18 -25.13 62.18 -19.57
C ASP E 18 -25.87 62.96 -20.66
N PHE E 19 -26.25 62.25 -21.73
CA PHE E 19 -26.72 62.90 -22.96
C PHE E 19 -28.21 62.70 -23.16
N VAL E 20 -28.72 61.55 -22.76
CA VAL E 20 -30.07 61.13 -23.17
C VAL E 20 -31.05 60.90 -22.01
N ALA E 21 -30.55 60.49 -20.85
CA ALA E 21 -31.38 60.30 -19.64
C ALA E 21 -31.77 61.65 -19.09
N PHE E 22 -33.10 61.89 -18.92
CA PHE E 22 -33.73 63.19 -18.57
C PHE E 22 -34.71 63.06 -17.41
N LEU E 23 -35.22 64.19 -16.92
CA LEU E 23 -36.12 64.17 -15.75
C LEU E 23 -37.43 64.96 -15.94
N PHE E 24 -37.42 65.93 -16.85
CA PHE E 24 -38.59 66.82 -17.06
C PHE E 24 -38.83 67.68 -15.82
N VAL E 25 -38.29 68.89 -15.86
CA VAL E 25 -38.44 69.87 -14.77
C VAL E 25 -39.61 70.82 -15.11
N LEU E 26 -40.23 71.32 -14.06
CA LEU E 26 -41.38 72.21 -14.20
C LEU E 26 -40.99 73.61 -14.70
N TRP E 27 -39.77 74.03 -14.44
CA TRP E 27 -39.31 75.39 -14.80
C TRP E 27 -38.48 75.44 -16.08
N LYS E 28 -37.78 74.35 -16.35
CA LYS E 28 -36.87 74.31 -17.51
C LYS E 28 -37.22 73.21 -18.51
N ALA E 29 -38.38 72.56 -18.30
CA ALA E 29 -38.86 71.47 -19.17
C ALA E 29 -37.92 70.26 -19.08
N LEU E 30 -37.85 69.49 -20.15
CA LEU E 30 -36.99 68.32 -20.25
C LEU E 30 -35.51 68.73 -20.19
N ASN E 31 -34.87 68.35 -19.09
CA ASN E 31 -33.44 68.64 -18.88
C ASN E 31 -32.66 67.35 -18.66
N LEU E 32 -31.37 67.41 -18.97
CA LEU E 32 -30.45 66.29 -18.72
C LEU E 32 -30.28 66.10 -17.20
N PRO E 33 -30.29 64.87 -16.72
CA PRO E 33 -29.97 64.42 -15.37
C PRO E 33 -28.51 64.74 -15.22
N VAL E 34 -28.23 65.37 -14.11
CA VAL E 34 -26.86 65.76 -13.74
C VAL E 34 -26.26 64.64 -12.87
N PRO E 35 -25.53 63.74 -13.51
CA PRO E 35 -24.92 62.58 -12.82
C PRO E 35 -23.89 63.08 -11.79
N THR E 36 -23.75 62.29 -10.74
CA THR E 36 -22.76 62.58 -9.69
C THR E 36 -21.60 61.60 -9.84
N LYS E 37 -20.46 61.98 -9.30
CA LYS E 37 -19.24 61.18 -9.40
C LYS E 37 -19.41 59.74 -8.92
N CYS E 38 -20.21 59.58 -7.87
CA CYS E 38 -20.47 58.24 -7.34
C CYS E 38 -21.35 57.41 -8.29
N GLN E 39 -22.33 58.08 -8.88
CA GLN E 39 -23.24 57.47 -9.85
C GLN E 39 -22.49 57.06 -11.13
N ILE E 40 -21.60 57.95 -11.56
CA ILE E 40 -20.76 57.70 -12.75
C ILE E 40 -19.87 56.47 -12.51
N ASP E 41 -19.28 56.41 -11.31
CA ASP E 41 -18.41 55.28 -10.92
C ASP E 41 -19.22 53.98 -10.92
N MET E 42 -20.45 54.09 -10.45
CA MET E 42 -21.34 52.93 -10.34
C MET E 42 -21.77 52.44 -11.73
N ALA E 43 -22.03 53.35 -12.64
CA ALA E 43 -22.41 52.98 -14.01
C ALA E 43 -21.29 52.20 -14.71
N LYS E 44 -20.06 52.71 -14.58
CA LYS E 44 -18.88 52.04 -15.15
C LYS E 44 -18.73 50.63 -14.59
N VAL E 45 -18.91 50.52 -13.29
CA VAL E 45 -18.75 49.24 -12.62
C VAL E 45 -19.81 48.26 -13.10
N LEU E 46 -20.98 48.66 -13.47
CA LEU E 46 -22.00 47.74 -13.98
C LEU E 46 -21.99 47.82 -15.49
N ALA E 47 -21.18 46.96 -16.10
CA ALA E 47 -21.11 46.86 -17.57
C ALA E 47 -20.50 45.51 -17.96
N ASN E 48 -20.88 45.01 -19.12
CA ASN E 48 -20.41 43.70 -19.61
C ASN E 48 -18.87 43.68 -19.75
N GLY E 49 -18.32 44.87 -20.04
CA GLY E 49 -16.89 45.04 -20.33
C GLY E 49 -16.15 44.81 -19.02
N ASP E 50 -16.80 45.24 -17.94
CA ASP E 50 -16.25 45.10 -16.59
C ASP E 50 -17.12 44.16 -15.76
N ASN E 51 -16.51 43.06 -15.38
CA ASN E 51 -17.12 42.03 -14.54
C ASN E 51 -18.43 41.54 -15.17
N LYS E 52 -19.55 41.73 -14.44
CA LYS E 52 -20.74 40.88 -14.51
C LYS E 52 -21.55 40.84 -13.21
N LYS E 53 -20.84 40.75 -12.09
CA LYS E 53 -21.38 40.71 -10.73
C LYS E 53 -20.85 41.88 -9.92
N PHE E 54 -21.75 42.73 -9.47
CA PHE E 54 -21.36 43.90 -8.67
C PHE E 54 -22.25 44.04 -7.45
N ILE E 55 -21.64 44.50 -6.36
CA ILE E 55 -22.33 44.74 -5.08
C ILE E 55 -21.94 46.11 -4.55
N LEU E 56 -22.94 46.91 -4.26
CA LEU E 56 -22.73 48.26 -3.71
C LEU E 56 -23.21 48.31 -2.27
N GLN E 57 -22.31 48.82 -1.46
CA GLN E 57 -22.62 49.09 -0.07
C GLN E 57 -22.78 50.61 0.07
N ALA E 58 -23.95 51.12 -0.16
CA ALA E 58 -24.20 52.57 -0.16
C ALA E 58 -24.94 52.98 1.11
N PHE E 59 -24.88 54.26 1.42
CA PHE E 59 -25.67 54.82 2.52
C PHE E 59 -27.07 55.16 2.00
N ARG E 60 -27.91 55.63 2.90
CA ARG E 60 -29.28 56.01 2.56
C ARG E 60 -29.34 57.50 2.22
N GLY E 61 -30.42 58.00 1.64
CA GLY E 61 -30.47 59.42 1.20
C GLY E 61 -29.42 59.74 0.11
N ILE E 62 -29.00 58.72 -0.63
CA ILE E 62 -28.28 58.90 -1.88
C ILE E 62 -29.23 58.46 -2.99
N GLY E 63 -29.40 59.34 -3.98
CA GLY E 63 -30.33 59.12 -5.10
C GLY E 63 -29.90 57.95 -5.99
N LYS E 64 -29.55 56.82 -5.37
CA LYS E 64 -29.07 55.62 -6.06
C LYS E 64 -30.05 55.20 -7.14
N SER E 65 -31.34 55.29 -6.87
CA SER E 65 -32.37 54.79 -7.80
C SER E 65 -32.23 55.47 -9.17
N PHE E 66 -31.77 56.71 -9.14
CA PHE E 66 -31.57 57.52 -10.35
C PHE E 66 -30.53 56.86 -11.25
N ILE E 67 -29.53 56.28 -10.64
CA ILE E 67 -28.48 55.58 -11.43
C ILE E 67 -28.88 54.19 -11.81
N THR E 68 -29.49 53.50 -10.85
CA THR E 68 -29.94 52.12 -11.04
C THR E 68 -30.94 52.06 -12.19
N CYS E 69 -31.79 53.10 -12.26
CA CYS E 69 -32.78 53.21 -13.34
C CYS E 69 -32.11 53.44 -14.69
N ALA E 70 -31.12 54.33 -14.71
CA ALA E 70 -30.37 54.65 -15.94
C ALA E 70 -29.63 53.41 -16.47
N PHE E 71 -29.14 52.59 -15.56
CA PHE E 71 -28.41 51.37 -15.97
C PHE E 71 -29.36 50.32 -16.53
N VAL E 72 -30.45 50.10 -15.80
CA VAL E 72 -31.46 49.10 -16.23
C VAL E 72 -32.06 49.50 -17.58
N VAL E 73 -32.29 50.80 -17.76
CA VAL E 73 -32.76 51.33 -19.03
C VAL E 73 -31.70 50.94 -20.08
N TRP E 74 -30.48 51.42 -19.87
CA TRP E 74 -29.41 51.23 -20.86
C TRP E 74 -29.27 49.76 -21.26
N SER E 75 -29.49 48.87 -20.30
CA SER E 75 -29.38 47.43 -20.52
C SER E 75 -30.42 46.98 -21.55
N LEU E 76 -31.69 47.20 -21.23
CA LEU E 76 -32.81 46.79 -22.08
C LEU E 76 -32.86 47.47 -23.45
N TRP E 77 -32.48 48.74 -23.46
CA TRP E 77 -32.50 49.53 -24.70
C TRP E 77 -31.41 49.13 -25.70
N ARG E 78 -30.33 48.55 -25.22
CA ARG E 78 -29.18 48.21 -26.07
C ARG E 78 -28.82 46.73 -26.03
N ASP E 79 -29.78 45.92 -25.64
CA ASP E 79 -29.58 44.47 -25.66
C ASP E 79 -29.64 43.96 -27.11
N PRO E 80 -28.84 42.93 -27.40
CA PRO E 80 -28.79 42.32 -28.73
C PRO E 80 -30.06 41.51 -28.97
N GLN E 81 -31.19 42.23 -29.11
CA GLN E 81 -32.52 41.64 -29.38
C GLN E 81 -32.90 40.62 -28.31
N LEU E 82 -32.42 40.85 -27.10
CA LEU E 82 -32.61 39.89 -26.01
C LEU E 82 -32.72 40.62 -24.70
N LYS E 83 -33.33 40.04 -23.67
CA LYS E 83 -32.87 39.95 -22.28
C LYS E 83 -33.95 40.41 -21.32
N ILE E 84 -34.12 39.44 -20.39
CA ILE E 84 -35.05 39.59 -19.26
C ILE E 84 -34.35 40.08 -18.01
N LEU E 85 -34.95 41.09 -17.43
CA LEU E 85 -34.43 41.68 -16.20
C LEU E 85 -35.47 41.54 -15.12
N ILE E 86 -35.01 41.02 -13.98
CA ILE E 86 -35.86 40.84 -12.80
C ILE E 86 -35.12 41.39 -11.58
N VAL E 87 -35.90 41.89 -10.63
CA VAL E 87 -35.37 42.41 -9.37
C VAL E 87 -36.01 41.65 -8.20
N SER E 88 -35.25 41.54 -7.13
CA SER E 88 -35.75 40.91 -5.90
C SER E 88 -35.90 41.98 -4.82
N ALA E 89 -37.11 42.06 -4.29
CA ALA E 89 -37.43 43.10 -3.29
C ALA E 89 -38.73 42.76 -2.58
N SER E 90 -38.93 43.14 -1.36
CA SER E 90 -40.13 42.78 -0.56
C SER E 90 -41.35 43.64 -0.89
N LYS E 91 -41.13 44.66 -1.71
CA LYS E 91 -42.21 45.57 -2.02
C LYS E 91 -42.42 45.66 -3.55
N GLU E 92 -43.60 46.18 -3.91
CA GLU E 92 -43.84 47.58 -4.33
C GLU E 92 -42.58 48.46 -4.45
N ARG E 93 -41.54 48.09 -3.72
CA ARG E 93 -40.21 48.68 -3.68
C ARG E 93 -39.58 48.45 -5.03
N ALA E 94 -39.67 47.22 -5.53
CA ALA E 94 -39.15 46.88 -6.86
C ALA E 94 -39.97 47.54 -7.99
N ASP E 95 -41.25 47.76 -7.69
CA ASP E 95 -42.14 48.46 -8.62
C ASP E 95 -41.72 49.92 -8.76
N ALA E 96 -41.27 50.50 -7.65
CA ALA E 96 -40.80 51.89 -7.62
C ALA E 96 -39.50 52.05 -8.43
N ASN E 97 -38.65 51.03 -8.39
CA ASN E 97 -37.39 51.04 -9.14
C ASN E 97 -37.63 51.07 -10.65
N SER E 98 -38.50 50.17 -11.10
CA SER E 98 -38.85 50.07 -12.52
C SER E 98 -39.64 51.30 -12.99
N ILE E 99 -40.34 51.92 -12.08
CA ILE E 99 -41.09 53.13 -12.41
C ILE E 99 -40.10 54.19 -12.89
N PHE E 100 -38.98 54.27 -12.19
CA PHE E 100 -37.91 55.25 -12.45
C PHE E 100 -37.20 54.90 -13.74
N ILE E 101 -37.09 53.61 -13.97
CA ILE E 101 -36.46 53.10 -15.22
C ILE E 101 -37.36 53.47 -16.41
N LYS E 102 -38.66 53.41 -16.16
CA LYS E 102 -39.69 53.78 -17.14
C LYS E 102 -39.65 55.30 -17.34
N ASN E 103 -39.40 56.04 -16.27
CA ASN E 103 -39.25 57.50 -16.32
C ASN E 103 -38.06 57.89 -17.19
N ILE E 104 -37.03 57.04 -17.18
CA ILE E 104 -35.84 57.24 -18.03
C ILE E 104 -36.15 56.90 -19.48
N ILE E 105 -36.74 55.73 -19.67
CA ILE E 105 -37.08 55.21 -21.00
C ILE E 105 -37.97 56.20 -21.76
N ASP E 106 -39.00 56.68 -21.06
CA ASP E 106 -40.04 57.50 -21.66
C ASP E 106 -39.50 58.84 -22.22
N LEU E 107 -38.34 59.23 -21.72
CA LEU E 107 -37.70 60.50 -22.12
C LEU E 107 -36.65 60.37 -23.22
N LEU E 108 -36.32 59.12 -23.54
CA LEU E 108 -35.42 58.83 -24.63
C LEU E 108 -36.00 59.26 -25.99
N PRO E 109 -35.13 59.66 -26.91
CA PRO E 109 -35.48 59.96 -28.30
C PRO E 109 -35.90 58.66 -28.99
N PHE E 110 -36.61 58.81 -30.09
CA PHE E 110 -37.14 57.67 -30.86
C PHE E 110 -36.10 56.61 -31.22
N LEU E 111 -34.96 57.10 -31.67
CA LEU E 111 -33.91 56.21 -32.18
C LEU E 111 -33.26 55.33 -31.09
N SER E 112 -33.33 55.79 -29.85
CA SER E 112 -32.76 55.05 -28.71
C SER E 112 -33.85 54.28 -27.98
N GLU E 113 -35.06 54.77 -28.17
CA GLU E 113 -36.25 54.13 -27.66
C GLU E 113 -36.72 52.91 -28.51
N LEU E 114 -36.59 51.66 -28.03
CA LEU E 114 -37.33 50.51 -28.55
C LEU E 114 -38.83 50.66 -28.31
N LYS E 115 -39.57 50.12 -29.26
CA LYS E 115 -41.04 50.14 -29.17
C LYS E 115 -41.50 49.35 -27.92
N PRO E 116 -42.53 49.87 -27.26
CA PRO E 116 -43.09 49.26 -26.04
C PRO E 116 -44.23 48.29 -26.37
N ARG E 117 -44.02 47.03 -25.98
CA ARG E 117 -45.07 46.01 -26.14
C ARG E 117 -46.01 46.06 -24.92
N PRO E 118 -45.54 45.69 -23.73
CA PRO E 118 -46.28 45.93 -22.48
C PRO E 118 -45.58 47.02 -21.67
N GLY E 119 -46.40 47.65 -20.84
CA GLY E 119 -45.98 48.78 -20.02
C GLY E 119 -46.88 49.03 -18.84
N GLN E 120 -46.62 48.28 -17.77
CA GLN E 120 -47.45 48.36 -16.55
C GLN E 120 -48.89 47.91 -16.82
N ARG E 121 -49.04 47.02 -17.78
CA ARG E 121 -50.36 46.47 -18.14
C ARG E 121 -50.95 45.70 -16.96
N ASP E 122 -52.26 45.77 -16.81
CA ASP E 122 -53.00 45.08 -15.72
C ASP E 122 -52.52 45.57 -14.35
N SER E 123 -52.01 46.80 -14.30
CA SER E 123 -51.52 47.42 -13.06
C SER E 123 -50.49 46.53 -12.35
N VAL E 124 -49.51 46.22 -13.17
CA VAL E 124 -48.27 45.59 -12.77
C VAL E 124 -47.15 46.59 -13.14
N ILE E 125 -45.87 46.48 -12.79
CA ILE E 125 -45.11 45.32 -12.25
C ILE E 125 -44.30 44.69 -13.40
N SER E 126 -44.33 45.29 -14.58
CA SER E 126 -43.62 44.72 -15.74
C SER E 126 -43.69 45.64 -16.96
N PHE E 127 -42.60 45.61 -17.72
CA PHE E 127 -42.53 46.27 -19.03
C PHE E 127 -41.84 45.34 -20.02
N ASP E 128 -42.21 45.47 -21.29
CA ASP E 128 -41.65 44.63 -22.37
C ASP E 128 -41.72 43.12 -22.09
N VAL E 129 -42.84 42.66 -21.57
CA VAL E 129 -43.19 41.25 -21.35
C VAL E 129 -43.30 40.55 -22.70
N GLY E 130 -42.74 39.35 -22.67
CA GLY E 130 -42.73 38.50 -23.86
C GLY E 130 -41.69 39.00 -24.88
N PRO E 131 -41.38 38.14 -25.85
CA PRO E 131 -40.39 38.42 -26.90
C PRO E 131 -40.67 39.80 -27.50
N ALA E 132 -39.61 40.52 -27.83
CA ALA E 132 -39.69 41.95 -28.22
C ALA E 132 -38.35 42.66 -28.36
N ASN E 133 -37.44 42.32 -27.47
CA ASN E 133 -37.43 41.14 -26.58
C ASN E 133 -37.17 41.37 -25.10
N PRO E 134 -36.32 42.36 -24.84
CA PRO E 134 -35.90 42.67 -23.49
C PRO E 134 -37.10 43.06 -22.63
N ASP E 135 -37.04 42.73 -21.35
CA ASP E 135 -38.12 43.01 -20.38
C ASP E 135 -37.55 43.33 -18.99
N HIS E 136 -38.35 44.01 -18.20
CA HIS E 136 -38.03 44.29 -16.79
C HIS E 136 -39.23 43.94 -15.91
N SER E 137 -39.00 43.06 -14.95
CA SER E 137 -40.07 42.61 -14.05
C SER E 137 -39.76 42.87 -12.58
N PRO E 138 -40.61 43.71 -11.99
CA PRO E 138 -40.62 43.97 -10.54
C PRO E 138 -41.19 42.77 -9.77
N SER E 139 -40.39 42.25 -8.87
CA SER E 139 -40.81 41.09 -8.04
C SER E 139 -40.41 41.27 -6.58
N VAL E 140 -41.29 40.77 -5.73
CA VAL E 140 -41.00 40.54 -4.32
C VAL E 140 -39.95 39.44 -4.15
N LYS E 141 -38.90 39.66 -3.35
CA LYS E 141 -37.87 38.64 -3.14
C LYS E 141 -38.35 37.63 -2.10
N SER E 142 -39.33 38.01 -1.31
CA SER E 142 -39.88 37.13 -0.26
C SER E 142 -40.52 35.88 -0.85
N VAL E 143 -41.14 36.03 -2.02
CA VAL E 143 -41.79 34.90 -2.73
C VAL E 143 -40.74 34.01 -3.41
N GLY E 144 -39.99 34.64 -4.33
CA GLY E 144 -38.84 34.08 -4.99
C GLY E 144 -37.93 33.83 -3.85
N ILE E 145 -37.40 32.66 -3.53
CA ILE E 145 -36.97 31.54 -4.38
C ILE E 145 -37.81 31.19 -5.63
N THR E 146 -39.12 31.39 -5.53
CA THR E 146 -40.04 31.16 -6.67
C THR E 146 -39.68 32.01 -7.89
N GLY E 147 -39.37 33.28 -7.69
CA GLY E 147 -39.10 34.25 -8.76
C GLY E 147 -37.83 33.91 -9.55
N GLN E 148 -36.81 33.43 -8.85
CA GLN E 148 -35.53 33.10 -9.47
C GLN E 148 -35.61 31.86 -10.35
N LEU E 149 -36.10 30.77 -9.78
CA LEU E 149 -36.22 29.48 -10.48
C LEU E 149 -37.19 29.54 -11.66
N THR E 150 -38.31 30.20 -11.42
CA THR E 150 -39.42 30.26 -12.39
C THR E 150 -39.08 31.03 -13.67
N GLY E 151 -38.18 32.02 -13.52
CA GLY E 151 -37.78 32.88 -14.66
C GLY E 151 -37.31 32.02 -15.84
N SER E 152 -37.64 32.50 -17.03
CA SER E 152 -37.26 31.80 -18.27
C SER E 152 -36.28 32.68 -19.02
N ARG E 153 -35.04 32.20 -19.12
CA ARG E 153 -33.94 32.90 -19.82
C ARG E 153 -33.68 34.26 -19.18
N ALA E 154 -33.56 34.26 -17.84
CA ALA E 154 -33.15 35.44 -17.07
C ALA E 154 -31.83 35.95 -17.62
N ASP E 155 -31.65 37.26 -17.66
CA ASP E 155 -30.38 37.79 -18.15
C ASP E 155 -29.73 38.61 -17.07
N ILE E 156 -30.50 39.40 -16.31
CA ILE E 156 -30.05 40.25 -15.19
C ILE E 156 -30.93 40.19 -14.00
N ILE E 157 -30.25 40.21 -12.88
CA ILE E 157 -30.97 40.25 -11.60
C ILE E 157 -30.42 41.44 -10.79
N ILE E 158 -31.30 42.38 -10.51
CA ILE E 158 -30.95 43.50 -9.63
C ILE E 158 -31.65 43.29 -8.29
N ALA E 159 -30.92 43.32 -7.20
CA ALA E 159 -31.50 43.08 -5.87
C ALA E 159 -31.46 44.35 -5.01
N ASP E 160 -32.64 44.94 -4.90
CA ASP E 160 -32.82 46.17 -4.10
C ASP E 160 -32.78 45.84 -2.60
N ASP E 161 -32.18 46.77 -1.84
CA ASP E 161 -32.06 46.75 -0.36
C ASP E 161 -31.86 45.32 0.13
N VAL E 162 -30.91 44.65 -0.47
CA VAL E 162 -30.58 43.23 -0.19
C VAL E 162 -30.35 42.93 1.30
N GLU E 163 -29.85 43.89 2.03
CA GLU E 163 -29.58 43.70 3.45
C GLU E 163 -30.83 43.59 4.33
N ILE E 164 -31.90 44.22 3.89
CA ILE E 164 -33.19 44.19 4.61
C ILE E 164 -34.25 43.13 4.14
N PRO E 165 -33.88 42.16 3.31
CA PRO E 165 -34.73 41.04 2.91
C PRO E 165 -34.52 39.88 3.87
N SER E 166 -35.54 39.66 4.69
CA SER E 166 -35.57 38.52 5.63
C SER E 166 -35.68 37.18 4.89
N ASN E 167 -35.13 36.14 5.52
CA ASN E 167 -35.14 34.76 5.00
C ASN E 167 -34.61 34.73 3.55
N SER E 168 -33.50 35.42 3.35
CA SER E 168 -32.88 35.58 2.03
C SER E 168 -32.06 34.35 1.63
N ALA E 169 -31.63 33.56 2.61
CA ALA E 169 -30.72 32.42 2.39
C ALA E 169 -31.21 31.48 1.29
N THR E 170 -32.51 31.22 1.25
CA THR E 170 -33.09 30.33 0.25
C THR E 170 -33.13 31.02 -1.12
N MET E 171 -33.49 32.30 -1.11
CA MET E 171 -33.53 33.12 -2.33
C MET E 171 -32.11 33.27 -2.88
N GLY E 172 -31.14 33.40 -2.00
CA GLY E 172 -29.73 33.53 -2.38
C GLY E 172 -29.21 32.23 -3.00
N ALA E 173 -29.62 31.11 -2.42
CA ALA E 173 -29.23 29.77 -2.90
C ALA E 173 -29.80 29.50 -4.30
N ARG E 174 -31.00 30.02 -4.52
CA ARG E 174 -31.67 29.93 -5.81
C ARG E 174 -30.91 30.72 -6.86
N GLU E 175 -30.22 31.78 -6.44
CA GLU E 175 -29.47 32.70 -7.31
C GLU E 175 -28.17 32.08 -7.80
N LYS E 176 -27.58 31.26 -6.95
CA LYS E 176 -26.26 30.67 -7.19
C LYS E 176 -26.12 30.05 -8.58
N LEU E 177 -27.03 29.17 -8.95
CA LEU E 177 -26.95 28.48 -10.25
C LEU E 177 -27.09 29.43 -11.44
N TRP E 178 -27.90 30.47 -11.23
CA TRP E 178 -28.16 31.48 -12.27
C TRP E 178 -26.91 32.28 -12.63
N THR E 179 -25.97 32.35 -11.70
CA THR E 179 -24.73 33.14 -11.90
C THR E 179 -23.45 32.32 -11.84
N LEU E 180 -23.43 31.33 -10.96
CA LEU E 180 -22.20 30.61 -10.62
C LEU E 180 -22.17 29.23 -11.26
N VAL E 181 -21.40 29.18 -12.31
CA VAL E 181 -21.17 27.96 -13.11
C VAL E 181 -22.37 27.08 -13.50
N GLN E 182 -23.49 27.61 -14.03
CA GLN E 182 -23.82 29.02 -14.38
C GLN E 182 -24.25 29.11 -15.82
N GLU E 183 -25.46 29.61 -15.99
CA GLU E 183 -25.94 30.03 -17.31
C GLU E 183 -25.28 31.37 -17.67
N PHE E 184 -24.79 32.05 -16.64
CA PHE E 184 -24.16 33.37 -16.79
C PHE E 184 -22.95 33.32 -17.73
N ALA E 185 -22.13 32.29 -17.59
CA ALA E 185 -20.95 32.13 -18.47
C ALA E 185 -21.35 31.98 -19.92
N ALA E 186 -22.39 31.18 -20.11
CA ALA E 186 -22.92 30.87 -21.40
C ALA E 186 -23.51 32.11 -21.96
N LEU E 187 -24.31 32.91 -21.26
CA LEU E 187 -24.93 34.15 -21.73
C LEU E 187 -23.88 35.23 -21.95
N LEU E 188 -22.86 35.32 -21.16
CA LEU E 188 -21.82 36.33 -21.36
C LEU E 188 -21.05 36.15 -22.66
N LYS E 189 -20.81 34.89 -23.03
CA LYS E 189 -20.17 34.58 -24.33
C LYS E 189 -21.02 35.06 -25.54
N PRO E 190 -22.34 34.91 -25.51
CA PRO E 190 -23.36 35.32 -26.44
C PRO E 190 -23.36 36.85 -26.45
N LEU E 191 -22.76 37.49 -25.41
CA LEU E 191 -22.88 38.95 -25.17
C LEU E 191 -24.18 39.48 -24.56
N PRO E 192 -24.92 38.53 -24.00
CA PRO E 192 -25.91 38.69 -23.07
C PRO E 192 -25.68 39.50 -21.86
N SER E 193 -25.94 40.82 -21.84
CA SER E 193 -25.59 41.57 -20.64
C SER E 193 -26.55 41.10 -19.59
N SER E 194 -25.94 40.83 -18.51
CA SER E 194 -26.61 40.28 -17.38
C SER E 194 -26.17 38.94 -16.92
N ARG E 195 -25.84 38.78 -15.64
CA ARG E 195 -25.39 39.82 -14.65
C ARG E 195 -26.25 39.83 -13.41
N VAL E 196 -25.61 40.29 -12.35
CA VAL E 196 -26.25 40.49 -11.05
C VAL E 196 -25.68 41.74 -10.40
N ILE E 197 -26.59 42.63 -10.04
CA ILE E 197 -26.24 43.90 -9.38
C ILE E 197 -26.99 43.94 -8.05
N TYR E 198 -26.23 44.06 -6.98
CA TYR E 198 -26.83 44.25 -5.64
C TYR E 198 -26.41 45.58 -5.07
N LEU E 199 -27.41 46.31 -4.59
CA LEU E 199 -27.18 47.60 -3.93
C LEU E 199 -28.07 47.67 -2.69
N GLY E 200 -27.49 48.20 -1.62
CA GLY E 200 -28.25 48.40 -0.36
C GLY E 200 -27.36 48.94 0.75
N THR E 201 -28.03 49.54 1.71
CA THR E 201 -27.40 49.97 2.96
C THR E 201 -27.25 48.72 3.84
N PRO E 202 -26.22 48.67 4.69
CA PRO E 202 -25.90 47.53 5.56
C PRO E 202 -26.94 47.40 6.65
N GLN E 203 -27.02 46.19 7.18
CA GLN E 203 -27.94 45.89 8.30
C GLN E 203 -27.29 44.83 9.18
N THR E 204 -26.39 45.30 10.02
CA THR E 204 -25.67 44.42 10.98
C THR E 204 -24.83 43.38 10.21
N GLU E 205 -24.55 42.26 10.87
CA GLU E 205 -23.70 41.17 10.40
C GLU E 205 -24.53 40.03 9.80
N MET E 206 -25.59 40.41 9.10
CA MET E 206 -26.46 39.41 8.45
C MET E 206 -25.78 38.76 7.23
N THR E 207 -26.60 38.28 6.31
CA THR E 207 -26.14 37.60 5.09
C THR E 207 -25.34 38.54 4.18
N LEU E 208 -25.72 39.82 4.21
CA LEU E 208 -25.05 40.80 3.34
C LEU E 208 -23.63 41.08 3.79
N TYR E 209 -23.39 41.06 5.09
CA TYR E 209 -22.02 41.24 5.58
C TYR E 209 -21.09 40.16 4.99
N LYS E 210 -21.64 38.97 4.84
CA LYS E 210 -20.93 37.84 4.23
C LYS E 210 -20.69 38.05 2.73
N GLU E 211 -21.65 38.68 2.07
CA GLU E 211 -21.53 38.96 0.63
C GLU E 211 -20.49 40.06 0.38
N LEU E 212 -20.59 41.12 1.17
CA LEU E 212 -19.68 42.27 1.06
C LEU E 212 -18.26 41.87 1.40
N GLU E 213 -18.12 41.06 2.44
CA GLU E 213 -16.80 40.60 2.91
C GLU E 213 -16.12 39.73 1.86
N ASP E 214 -16.89 38.83 1.26
CA ASP E 214 -16.38 37.91 0.23
C ASP E 214 -15.96 38.71 -1.01
N ASN E 215 -16.71 39.75 -1.31
CA ASN E 215 -16.41 40.64 -2.45
C ASN E 215 -15.19 41.50 -2.15
N ARG E 216 -15.17 42.10 -0.98
CA ARG E 216 -14.10 43.00 -0.53
C ARG E 216 -12.81 42.21 -0.31
N GLY E 217 -12.93 40.96 0.09
CA GLY E 217 -11.78 40.07 0.29
C GLY E 217 -11.05 39.81 -1.04
N TYR E 218 -11.74 40.06 -2.14
CA TYR E 218 -11.22 39.79 -3.49
C TYR E 218 -11.10 41.08 -4.32
N THR E 219 -12.06 41.98 -4.16
CA THR E 219 -12.13 43.25 -4.88
C THR E 219 -12.53 44.37 -3.92
N THR E 220 -12.50 45.57 -4.45
CA THR E 220 -12.81 46.77 -3.67
C THR E 220 -13.81 47.62 -4.43
N ILE E 221 -14.98 47.04 -4.57
CA ILE E 221 -16.15 47.70 -5.15
C ILE E 221 -17.40 47.32 -4.33
N ILE E 222 -18.41 48.17 -4.26
CA ILE E 222 -18.31 49.62 -4.40
C ILE E 222 -19.05 50.25 -3.22
N TRP E 223 -18.67 51.47 -2.83
CA TRP E 223 -19.30 52.15 -1.71
C TRP E 223 -19.13 53.67 -1.73
N PRO E 224 -20.31 54.30 -1.78
CA PRO E 224 -20.40 55.74 -1.56
C PRO E 224 -21.18 56.05 -0.27
N ALA E 225 -20.81 57.18 0.36
CA ALA E 225 -21.36 57.79 1.60
C ALA E 225 -21.91 59.21 1.59
N LEU E 226 -22.57 59.71 2.60
CA LEU E 226 -23.19 61.04 2.52
C LEU E 226 -22.41 62.10 1.70
N TYR E 227 -21.09 62.07 1.85
CA TYR E 227 -20.20 63.05 1.19
C TYR E 227 -20.27 63.10 -0.36
N PRO E 228 -20.64 61.99 -1.01
CA PRO E 228 -20.92 61.85 -2.46
C PRO E 228 -21.91 62.88 -2.96
N ARG E 229 -22.83 63.29 -2.10
CA ARG E 229 -23.73 64.41 -2.44
C ARG E 229 -23.01 65.71 -2.11
N THR E 230 -22.40 66.29 -3.14
CA THR E 230 -21.50 67.46 -2.98
C THR E 230 -22.21 68.73 -2.50
N ARG E 231 -23.54 68.73 -2.55
CA ARG E 231 -24.33 69.88 -2.06
C ARG E 231 -24.15 70.04 -0.55
N GLU E 232 -23.93 68.91 0.12
CA GLU E 232 -23.72 68.87 1.58
C GLU E 232 -22.38 69.50 1.97
N GLU E 233 -21.47 69.58 1.00
CA GLU E 233 -20.13 70.15 1.18
C GLU E 233 -20.04 71.67 1.30
N ASN E 234 -21.19 72.30 1.21
CA ASN E 234 -21.28 73.76 1.34
C ASN E 234 -22.26 74.13 2.44
N LEU E 235 -21.80 74.98 3.34
CA LEU E 235 -22.59 75.38 4.52
C LEU E 235 -23.70 76.35 4.19
N TYR E 236 -24.35 76.80 5.24
CA TYR E 236 -25.45 77.78 5.14
C TYR E 236 -25.02 79.07 4.44
N TYR E 237 -23.77 79.47 4.70
CA TYR E 237 -23.24 80.71 4.10
C TYR E 237 -22.77 80.49 2.64
N SER E 238 -23.03 79.28 2.13
CA SER E 238 -22.67 78.90 0.74
C SER E 238 -21.15 78.92 0.51
N GLN E 239 -20.39 78.48 1.49
CA GLN E 239 -18.93 78.39 1.42
C GLN E 239 -18.59 76.93 1.66
N ARG E 240 -17.61 76.46 0.89
CA ARG E 240 -17.14 75.08 1.01
C ARG E 240 -16.58 74.84 2.41
N LEU E 241 -17.10 73.81 3.04
CA LEU E 241 -16.55 73.42 4.35
C LEU E 241 -16.37 71.94 4.50
N ALA E 242 -16.35 71.25 3.37
CA ALA E 242 -16.11 69.80 3.39
C ALA E 242 -17.02 69.18 4.48
N PRO E 243 -18.28 69.03 4.13
CA PRO E 243 -19.49 68.73 4.90
C PRO E 243 -19.30 68.81 6.41
N MET E 244 -18.67 69.88 6.87
CA MET E 244 -18.46 70.01 8.32
C MET E 244 -19.71 70.38 9.10
N LEU E 245 -20.52 71.30 8.58
CA LEU E 245 -21.70 71.77 9.33
C LEU E 245 -22.96 71.00 8.99
N ARG E 246 -23.09 70.61 7.72
CA ARG E 246 -24.21 69.76 7.29
C ARG E 246 -24.24 68.50 8.15
N ALA E 247 -23.05 67.95 8.39
CA ALA E 247 -22.88 66.76 9.24
C ALA E 247 -23.24 67.06 10.70
N GLU E 248 -22.84 68.23 11.17
CA GLU E 248 -23.15 68.66 12.55
C GLU E 248 -24.67 68.84 12.71
N TYR E 249 -25.28 69.51 11.73
CA TYR E 249 -26.72 69.77 11.72
C TYR E 249 -27.52 68.48 11.59
N ASP E 250 -26.97 67.56 10.80
CA ASP E 250 -27.61 66.27 10.57
C ASP E 250 -27.39 65.43 11.81
N GLU E 251 -26.30 65.51 12.53
CA GLU E 251 -26.08 64.75 13.76
C GLU E 251 -27.07 65.23 14.83
N ASN E 252 -27.11 66.55 15.00
CA ASN E 252 -28.16 67.16 15.81
C ASN E 252 -29.48 66.86 15.09
N PRO E 253 -30.57 67.59 15.35
CA PRO E 253 -31.93 67.11 15.03
C PRO E 253 -32.10 65.61 14.76
N GLU E 254 -31.24 64.79 15.37
CA GLU E 254 -31.27 63.32 15.27
C GLU E 254 -30.20 62.74 16.23
N ALA E 255 -29.57 61.64 15.83
CA ALA E 255 -28.59 60.97 16.68
C ALA E 255 -27.38 60.49 15.88
N LEU E 256 -26.26 60.40 16.59
CA LEU E 256 -25.05 59.83 16.03
C LEU E 256 -25.32 58.42 15.63
N ALA E 257 -26.04 57.62 16.40
CA ALA E 257 -26.37 56.21 16.08
C ALA E 257 -27.22 56.12 14.82
N GLY E 258 -28.03 57.16 14.58
CA GLY E 258 -28.88 57.26 13.39
C GLY E 258 -28.09 57.70 12.15
N THR E 259 -27.18 58.64 12.34
CA THR E 259 -26.27 59.11 11.26
C THR E 259 -25.37 57.96 10.69
N PRO E 260 -24.84 57.02 11.41
CA PRO E 260 -24.05 55.89 10.91
C PRO E 260 -25.03 54.94 10.22
N THR E 261 -26.26 54.88 10.73
CA THR E 261 -27.33 54.03 10.20
C THR E 261 -27.82 54.56 8.85
N ASP E 262 -27.88 55.87 8.73
CA ASP E 262 -28.50 56.49 7.56
C ASP E 262 -27.43 56.90 6.52
N PRO E 263 -26.40 57.65 6.92
CA PRO E 263 -25.40 58.16 5.96
C PRO E 263 -23.98 57.60 5.98
N VAL E 264 -23.73 56.44 6.61
CA VAL E 264 -22.33 55.95 6.68
C VAL E 264 -22.07 54.57 6.08
N ARG E 265 -23.12 53.76 5.98
CA ARG E 265 -22.99 52.38 5.47
C ARG E 265 -21.97 51.54 6.28
N PHE E 266 -21.95 51.79 7.57
CA PHE E 266 -21.11 50.98 8.46
C PHE E 266 -21.95 49.84 9.05
N ASP E 267 -21.32 48.68 9.21
CA ASP E 267 -21.99 47.53 9.83
C ASP E 267 -22.08 47.72 11.35
N ARG E 268 -23.21 47.33 11.91
CA ARG E 268 -23.51 47.52 13.33
C ARG E 268 -22.52 46.82 14.26
N ASP E 269 -22.64 45.49 14.33
CA ASP E 269 -21.91 44.67 15.33
C ASP E 269 -20.43 44.47 15.02
N ASP E 270 -19.72 45.52 14.66
CA ASP E 270 -18.27 45.42 14.40
C ASP E 270 -17.68 46.78 14.09
N LEU E 271 -16.43 47.00 14.48
CA LEU E 271 -15.57 48.09 14.01
C LEU E 271 -15.09 47.81 12.57
N ARG E 272 -14.46 48.80 11.96
CA ARG E 272 -13.94 48.66 10.60
C ARG E 272 -12.75 47.70 10.50
N GLU E 273 -11.97 47.58 11.57
CA GLU E 273 -10.67 46.90 11.53
C GLU E 273 -10.70 45.54 10.81
N ARG E 274 -9.64 45.31 10.05
CA ARG E 274 -9.46 44.03 9.33
C ARG E 274 -9.41 42.87 10.34
N GLU E 275 -8.57 43.04 11.36
CA GLU E 275 -8.45 42.08 12.47
C GLU E 275 -9.48 42.46 13.51
N LEU E 276 -10.30 41.50 13.91
CA LEU E 276 -11.34 41.71 14.92
C LEU E 276 -10.68 42.12 16.24
N GLU E 277 -11.36 43.00 16.96
CA GLU E 277 -10.90 43.50 18.27
C GLU E 277 -10.84 42.32 19.24
N TYR E 278 -11.72 41.36 18.99
CA TYR E 278 -11.75 40.11 19.78
C TYR E 278 -10.38 39.41 19.74
N GLY E 279 -9.65 39.62 18.64
CA GLY E 279 -8.31 39.07 18.46
C GLY E 279 -7.21 40.06 18.86
N LYS E 280 -7.46 41.33 18.57
CA LYS E 280 -6.52 42.41 18.91
C LYS E 280 -6.34 42.62 20.41
N ALA E 281 -7.27 42.06 21.19
CA ALA E 281 -7.24 42.17 22.65
C ALA E 281 -6.35 41.10 23.29
N GLY E 282 -6.31 39.94 22.62
CA GLY E 282 -5.52 38.78 23.10
C GLY E 282 -4.03 38.90 22.75
N PHE E 283 -3.74 39.68 21.71
CA PHE E 283 -2.38 39.83 21.18
C PHE E 283 -1.43 40.49 22.17
N THR E 284 -0.45 39.70 22.59
CA THR E 284 0.63 40.19 23.47
C THR E 284 1.87 40.52 22.61
N LEU E 285 2.70 41.40 23.13
CA LEU E 285 3.93 41.82 22.46
C LEU E 285 5.18 41.51 23.28
N GLN E 286 6.31 41.61 22.61
CA GLN E 286 7.63 41.49 23.26
C GLN E 286 8.40 42.80 23.09
N PHE E 287 8.53 43.51 24.21
CA PHE E 287 9.23 44.79 24.25
C PHE E 287 10.75 44.59 24.08
N MET E 288 11.32 45.31 23.13
CA MET E 288 12.77 45.26 22.85
C MET E 288 13.32 46.64 22.49
N LEU E 289 14.61 46.82 22.75
CA LEU E 289 15.34 48.03 22.38
C LEU E 289 16.00 47.85 21.01
N ASN E 290 15.56 48.67 20.08
CA ASN E 290 16.05 48.64 18.69
C ASN E 290 17.53 49.11 18.57
N PRO E 291 18.23 48.80 17.48
CA PRO E 291 19.59 49.11 17.09
C PRO E 291 19.68 50.61 16.84
N ASN E 292 20.82 50.96 16.25
CA ASN E 292 21.04 52.32 15.75
C ASN E 292 20.10 52.57 14.57
N LEU E 293 19.95 51.53 13.75
CA LEU E 293 18.89 51.51 12.75
C LEU E 293 17.57 51.18 13.46
N SER E 294 16.56 50.89 12.69
CA SER E 294 15.25 50.64 13.28
C SER E 294 14.89 49.18 13.51
N ASP E 295 15.91 48.39 13.78
CA ASP E 295 15.73 46.93 13.94
C ASP E 295 15.23 46.51 15.32
N ALA E 296 14.16 45.81 15.40
CA ALA E 296 13.76 45.17 16.66
C ALA E 296 13.92 43.65 16.53
N GLU E 297 14.80 43.10 17.35
CA GLU E 297 15.07 41.66 17.37
C GLU E 297 14.25 40.99 18.48
N LYS E 298 13.26 40.21 18.07
CA LYS E 298 12.37 39.50 19.01
C LYS E 298 12.98 38.16 19.43
N TYR E 299 13.35 37.38 18.43
CA TYR E 299 14.08 36.13 18.63
C TYR E 299 15.25 36.06 17.65
N PRO E 300 16.43 35.77 18.18
CA PRO E 300 17.67 35.70 17.39
C PRO E 300 17.61 34.56 16.37
N LEU E 301 18.37 34.73 15.30
CA LEU E 301 18.48 33.71 14.26
C LEU E 301 19.03 32.41 14.85
N ARG E 302 18.52 31.30 14.35
CA ARG E 302 19.00 29.96 14.76
C ARG E 302 19.39 29.18 13.52
N LEU E 303 20.46 28.39 13.64
CA LEU E 303 20.93 27.55 12.54
C LEU E 303 19.87 26.55 12.14
N ARG E 304 19.69 26.40 10.83
CA ARG E 304 18.72 25.44 10.24
C ARG E 304 17.26 25.90 10.37
N ASP E 305 17.06 27.20 10.64
CA ASP E 305 15.72 27.76 10.65
C ASP E 305 15.50 28.62 9.40
N ALA E 306 14.37 28.42 8.75
CA ALA E 306 14.02 29.18 7.55
C ALA E 306 13.27 30.46 7.93
N ILE E 307 13.69 31.54 7.30
CA ILE E 307 13.10 32.86 7.54
C ILE E 307 12.58 33.41 6.22
N VAL E 308 11.63 34.33 6.33
CA VAL E 308 11.10 35.09 5.20
C VAL E 308 11.04 36.58 5.56
N ALA E 309 11.37 37.44 4.61
CA ALA E 309 11.32 38.88 4.84
C ALA E 309 10.47 39.59 3.82
N ALA E 310 9.69 40.53 4.33
CA ALA E 310 8.88 41.42 3.47
C ALA E 310 9.28 42.87 3.74
N LEU E 311 9.30 43.67 2.70
CA LEU E 311 9.75 45.06 2.79
C LEU E 311 8.80 46.00 2.07
N ASP E 312 8.18 46.88 2.84
CA ASP E 312 7.37 47.96 2.26
C ASP E 312 8.09 49.29 2.48
N LEU E 313 8.77 49.68 1.40
CA LEU E 313 9.55 50.93 1.40
C LEU E 313 8.65 52.16 1.49
N GLU E 314 9.21 53.23 2.04
CA GLU E 314 8.48 54.49 2.23
C GLU E 314 8.76 55.44 1.05
N LYS E 315 7.70 55.74 0.32
CA LYS E 315 7.79 56.64 -0.84
C LYS E 315 8.19 58.06 -0.47
N ALA E 316 7.84 58.50 0.73
CA ALA E 316 8.16 59.89 1.13
C ALA E 316 7.91 60.09 2.60
N PRO E 317 8.47 61.18 3.19
CA PRO E 317 8.28 61.63 4.59
C PRO E 317 7.09 60.89 5.15
N MET E 318 5.91 61.49 5.32
CA MET E 318 4.64 60.73 5.30
C MET E 318 4.75 59.49 6.20
N HIS E 319 5.35 58.44 5.65
CA HIS E 319 5.56 57.21 6.39
C HIS E 319 6.96 56.60 6.46
N TYR E 320 6.98 55.33 6.87
CA TYR E 320 8.18 54.58 7.28
C TYR E 320 8.50 53.41 6.35
N GLN E 321 9.75 52.99 6.42
CA GLN E 321 10.20 51.72 5.82
C GLN E 321 9.93 50.60 6.82
N TRP E 322 9.26 49.55 6.34
CA TRP E 322 8.89 48.43 7.21
C TRP E 322 9.37 47.07 6.66
N LEU E 323 10.26 46.46 7.42
CA LEU E 323 10.83 45.14 7.10
C LEU E 323 10.53 44.13 8.23
N PRO E 324 9.60 43.22 8.01
CA PRO E 324 9.33 42.07 8.89
C PRO E 324 10.17 40.89 8.42
N ASN E 325 10.64 40.15 9.42
CA ASN E 325 11.30 38.85 9.22
C ASN E 325 10.50 37.81 9.98
N ARG E 326 10.07 36.79 9.26
CA ARG E 326 9.17 35.75 9.80
C ARG E 326 9.83 34.38 9.76
N GLN E 327 9.90 33.77 10.93
CA GLN E 327 10.36 32.39 11.10
C GLN E 327 9.34 31.43 10.49
N ASN E 328 9.71 30.85 9.37
CA ASN E 328 8.84 29.97 8.60
C ASN E 328 8.95 28.47 8.85
N ILE E 329 9.94 28.13 9.65
CA ILE E 329 10.28 26.72 9.91
C ILE E 329 9.05 25.87 10.23
N ILE E 330 8.48 26.10 11.41
CA ILE E 330 7.42 25.26 11.98
C ILE E 330 6.10 25.49 11.24
N GLU E 331 5.07 24.89 11.80
CA GLU E 331 3.70 25.01 11.30
C GLU E 331 3.12 26.39 11.65
N ASP E 332 3.60 26.97 12.74
CA ASP E 332 3.19 28.31 13.17
C ASP E 332 4.31 29.31 12.89
N LEU E 333 4.07 30.22 11.97
CA LEU E 333 5.01 31.28 11.59
C LEU E 333 5.08 32.41 12.63
N PRO E 334 6.26 32.64 13.18
CA PRO E 334 6.48 33.76 14.10
C PRO E 334 7.33 34.89 13.48
N ASN E 335 6.99 36.12 13.85
CA ASN E 335 7.73 37.35 13.48
C ASN E 335 8.87 37.47 14.45
N VAL E 336 10.07 37.40 13.93
CA VAL E 336 11.28 37.38 14.77
C VAL E 336 12.07 38.69 14.75
N GLY E 337 11.77 39.55 13.78
CA GLY E 337 12.51 40.82 13.66
C GLY E 337 11.89 41.81 12.68
N LEU E 338 11.90 43.07 13.10
CA LEU E 338 11.29 44.19 12.34
C LEU E 338 12.22 45.37 12.25
N LYS E 339 12.33 45.92 11.06
CA LYS E 339 13.03 47.19 10.82
C LYS E 339 11.96 48.24 10.48
N GLY E 340 11.91 49.25 11.35
CA GLY E 340 10.93 50.35 11.20
C GLY E 340 11.61 51.71 11.32
N ASP E 341 11.74 52.43 10.22
CA ASP E 341 12.50 53.70 10.19
C ASP E 341 11.93 54.69 9.18
N ASP E 342 11.98 55.95 9.54
CA ASP E 342 11.68 57.04 8.61
C ASP E 342 12.90 57.96 8.49
N LEU E 343 14.03 57.48 9.00
CA LEU E 343 15.29 58.24 9.02
C LEU E 343 16.07 58.10 7.72
N HIS E 344 15.58 57.22 6.85
CA HIS E 344 16.20 56.99 5.54
C HIS E 344 15.93 58.16 4.59
N THR E 345 16.73 59.20 4.74
CA THR E 345 16.64 60.35 3.83
C THR E 345 17.25 59.99 2.46
N TYR E 346 18.17 59.02 2.51
CA TYR E 346 18.87 58.55 1.31
C TYR E 346 17.98 57.44 0.77
N HIS E 347 17.71 57.54 -0.52
CA HIS E 347 17.04 56.47 -1.29
C HIS E 347 17.94 55.22 -1.35
N ASP E 348 18.99 55.23 -0.54
CA ASP E 348 20.30 54.79 -1.03
C ASP E 348 21.12 53.91 -0.07
N CYS E 349 20.91 54.05 1.24
CA CYS E 349 21.72 53.27 2.20
C CYS E 349 20.93 52.12 2.84
N SER E 350 19.66 52.02 2.45
CA SER E 350 18.76 51.01 3.01
C SER E 350 19.11 49.59 2.57
N ASN E 351 19.40 49.41 1.30
CA ASN E 351 19.69 48.06 0.78
C ASN E 351 20.78 47.32 1.57
N ASN E 352 21.85 48.03 1.89
CA ASN E 352 22.94 47.46 2.70
C ASN E 352 22.48 47.13 4.11
N SER E 353 21.78 48.08 4.73
CA SER E 353 21.29 47.91 6.12
C SER E 353 20.34 46.71 6.23
N GLY E 354 19.42 46.61 5.26
CA GLY E 354 18.46 45.50 5.20
C GLY E 354 19.18 44.17 4.97
N GLN E 355 20.21 44.21 4.14
CA GLN E 355 20.98 43.02 3.75
C GLN E 355 21.62 42.32 4.94
N TYR E 356 22.20 43.10 5.85
CA TYR E 356 22.88 42.54 7.02
C TYR E 356 21.90 41.81 7.91
N GLN E 357 20.64 42.22 7.95
CA GLN E 357 19.60 41.52 8.73
C GLN E 357 19.13 40.25 8.01
N GLN E 358 19.03 40.36 6.69
CA GLN E 358 18.69 39.20 5.83
C GLN E 358 19.78 38.14 5.90
N LYS E 359 21.03 38.59 5.91
CA LYS E 359 22.20 37.70 6.01
C LYS E 359 22.32 37.13 7.43
N ILE E 360 21.93 37.96 8.39
CA ILE E 360 21.96 37.58 9.80
C ILE E 360 21.01 36.44 10.04
N LEU E 361 19.91 36.39 9.30
CA LEU E 361 18.85 35.39 9.41
C LEU E 361 18.97 34.31 8.33
N VAL E 362 20.16 33.70 8.23
CA VAL E 362 20.42 32.53 7.37
C VAL E 362 20.07 32.85 5.93
N ILE E 363 20.69 33.89 5.38
CA ILE E 363 20.46 34.28 3.98
C ILE E 363 18.94 34.34 3.69
N ASP E 364 18.27 35.19 4.45
CA ASP E 364 16.81 35.30 4.40
C ASP E 364 16.37 35.92 3.06
N PRO E 365 15.57 35.17 2.31
CA PRO E 365 14.93 35.67 1.08
C PRO E 365 13.94 36.78 1.45
N SER E 366 13.84 37.75 0.56
CA SER E 366 13.02 38.95 0.81
C SER E 366 12.09 39.24 -0.36
N GLY E 367 10.85 39.60 -0.01
CA GLY E 367 9.81 39.97 -0.98
C GLY E 367 9.51 41.46 -0.79
N ARG E 368 9.98 42.27 -1.70
CA ARG E 368 9.84 43.73 -1.60
C ARG E 368 8.65 44.27 -2.41
N GLY E 369 7.89 45.15 -1.80
CA GLY E 369 6.77 45.83 -2.48
C GLY E 369 7.36 46.74 -3.56
N LYS E 370 6.98 46.48 -4.82
CA LYS E 370 7.47 47.27 -5.94
C LYS E 370 6.71 48.59 -6.04
N ASP E 371 7.08 49.53 -5.19
CA ASP E 371 6.64 50.92 -5.30
C ASP E 371 7.86 51.71 -5.78
N GLU E 372 7.70 52.99 -6.11
CA GLU E 372 8.82 53.79 -6.67
C GLU E 372 10.17 53.53 -5.95
N THR E 373 10.12 53.55 -4.62
CA THR E 373 11.32 53.32 -3.79
C THR E 373 11.71 51.83 -3.81
N GLY E 374 10.70 50.96 -3.80
CA GLY E 374 10.75 49.49 -3.83
C GLY E 374 11.58 48.96 -4.96
N TYR E 375 11.05 49.24 -6.15
CA TYR E 375 11.69 48.82 -7.41
C TYR E 375 13.17 49.09 -7.35
N ALA E 376 13.32 50.30 -6.84
CA ALA E 376 14.53 50.76 -6.40
C ALA E 376 15.33 49.75 -5.52
N VAL E 377 15.07 49.83 -4.27
CA VAL E 377 15.80 48.95 -3.33
C VAL E 377 15.98 47.50 -3.86
N LEU E 378 15.02 47.10 -4.68
CA LEU E 378 15.14 45.89 -5.45
C LEU E 378 16.42 45.66 -6.22
N TYR E 379 16.67 46.67 -7.02
CA TYR E 379 17.83 46.69 -7.89
C TYR E 379 19.09 46.58 -7.02
N THR E 380 19.27 47.42 -6.05
CA THR E 380 20.53 47.44 -5.29
C THR E 380 20.82 46.10 -4.61
N LEU E 381 19.78 45.47 -4.08
CA LEU E 381 19.95 44.18 -3.40
C LEU E 381 19.63 43.02 -4.37
N ASN E 382 19.55 43.33 -5.64
CA ASN E 382 19.34 42.28 -6.64
C ASN E 382 20.63 41.45 -6.74
N GLY E 383 20.42 40.17 -7.05
CA GLY E 383 21.51 39.22 -7.35
C GLY E 383 22.41 39.69 -8.52
N TYR E 384 21.89 40.61 -9.33
CA TYR E 384 22.59 41.10 -10.52
C TYR E 384 22.89 42.59 -10.42
N ILE E 385 22.04 43.31 -9.70
CA ILE E 385 22.18 44.75 -9.69
C ILE E 385 23.40 45.26 -8.94
N TYR E 386 23.43 45.30 -7.61
CA TYR E 386 24.55 45.95 -6.90
C TYR E 386 25.20 45.14 -5.79
N LEU E 387 24.38 44.71 -4.83
CA LEU E 387 24.86 43.95 -3.66
C LEU E 387 24.93 42.46 -3.92
N MET E 388 24.38 42.05 -5.07
CA MET E 388 24.44 40.66 -5.55
C MET E 388 23.78 39.66 -4.60
N GLU E 389 22.79 40.13 -3.82
CA GLU E 389 22.04 39.26 -2.92
C GLU E 389 21.15 38.35 -3.77
N ALA E 390 21.37 37.05 -3.62
CA ALA E 390 20.69 36.04 -4.46
C ALA E 390 19.32 35.59 -3.93
N GLY E 391 18.91 36.16 -2.80
CA GLY E 391 17.64 35.76 -2.14
C GLY E 391 16.63 36.92 -2.10
N GLY E 392 16.34 37.44 -3.28
CA GLY E 392 15.31 38.47 -3.49
C GLY E 392 14.17 37.86 -4.33
N PHE E 393 13.02 37.68 -3.70
CA PHE E 393 11.84 37.08 -4.35
C PHE E 393 11.23 38.03 -5.39
N ARG E 394 10.87 37.45 -6.52
CA ARG E 394 10.27 38.21 -7.65
C ARG E 394 9.18 37.36 -8.31
N ASP E 395 8.10 38.01 -8.70
CA ASP E 395 7.03 37.33 -9.45
C ASP E 395 7.35 37.25 -10.96
N GLY E 396 8.29 38.09 -11.39
CA GLY E 396 8.77 38.10 -12.78
C GLY E 396 10.23 38.53 -12.82
N TYR E 397 10.77 38.58 -14.02
CA TYR E 397 12.16 39.04 -14.23
C TYR E 397 12.26 40.55 -14.43
N SER E 398 11.14 41.14 -14.85
CA SER E 398 11.04 42.60 -14.96
C SER E 398 10.71 43.23 -13.59
N ASP E 399 9.97 42.45 -12.81
CA ASP E 399 9.49 42.86 -11.50
C ASP E 399 10.16 42.06 -10.38
N LYS E 400 11.17 42.68 -9.78
CA LYS E 400 12.00 42.01 -8.78
C LYS E 400 11.36 42.11 -7.42
N THR E 401 10.11 41.66 -7.28
CA THR E 401 9.33 41.61 -6.05
C THR E 401 7.83 41.56 -6.26
N LEU E 402 7.05 42.15 -5.34
CA LEU E 402 5.59 42.07 -5.40
C LEU E 402 5.04 43.28 -6.17
N GLU E 403 4.60 42.98 -7.38
CA GLU E 403 3.92 43.97 -8.23
C GLU E 403 2.59 44.33 -7.54
N LEU E 404 2.41 45.63 -7.34
CA LEU E 404 1.20 46.14 -6.65
C LEU E 404 0.12 46.50 -7.68
N LEU E 405 0.39 46.22 -8.94
CA LEU E 405 -0.60 46.47 -9.98
C LEU E 405 -1.78 45.52 -9.76
N ALA E 406 -2.97 46.11 -9.85
CA ALA E 406 -4.26 45.40 -9.82
C ALA E 406 -4.66 44.93 -8.43
N LYS E 407 -4.78 45.86 -7.48
CA LYS E 407 -5.83 45.85 -6.43
C LYS E 407 -6.06 44.50 -5.71
N LYS E 408 -6.10 43.43 -6.46
CA LYS E 408 -6.32 42.03 -6.04
C LYS E 408 -5.24 41.55 -5.07
N ALA E 409 -3.97 41.87 -5.34
CA ALA E 409 -2.87 41.44 -4.48
C ALA E 409 -3.04 41.97 -3.05
N LYS E 410 -3.39 43.24 -2.96
CA LYS E 410 -3.64 43.90 -1.67
C LYS E 410 -4.88 43.29 -1.01
N GLN E 411 -5.91 43.10 -1.80
CA GLN E 411 -7.19 42.54 -1.33
C GLN E 411 -7.01 41.18 -0.65
N TRP E 412 -6.54 40.23 -1.45
CA TRP E 412 -6.32 38.86 -0.96
C TRP E 412 -5.19 38.81 0.06
N GLY E 413 -4.24 39.74 -0.06
CA GLY E 413 -3.13 39.85 0.89
C GLY E 413 -3.67 40.21 2.27
N VAL E 414 -4.63 41.12 2.30
CA VAL E 414 -5.34 41.48 3.53
C VAL E 414 -6.20 40.30 4.01
N GLN E 415 -6.86 39.66 3.08
CA GLN E 415 -7.74 38.53 3.40
C GLN E 415 -6.91 37.39 4.02
N THR E 416 -5.75 37.12 3.46
CA THR E 416 -4.88 36.05 3.99
C THR E 416 -4.26 36.47 5.31
N VAL E 417 -3.98 37.77 5.43
CA VAL E 417 -3.52 38.37 6.69
C VAL E 417 -4.35 38.14 7.88
N VAL E 418 -5.59 38.40 7.57
CA VAL E 418 -6.62 38.25 8.58
C VAL E 418 -6.65 36.80 9.06
N TYR E 419 -6.67 35.89 8.12
CA TYR E 419 -6.70 34.46 8.45
C TYR E 419 -5.49 34.03 9.25
N GLU E 420 -4.31 34.39 8.75
CA GLU E 420 -3.05 33.99 9.39
C GLU E 420 -2.99 34.46 10.84
N SER E 421 -3.34 35.73 11.05
CA SER E 421 -3.31 36.33 12.39
C SER E 421 -4.38 35.77 13.33
N ASN E 422 -5.57 35.53 12.80
CA ASN E 422 -6.71 35.10 13.62
C ASN E 422 -6.68 33.60 13.96
N PHE E 423 -6.21 32.79 13.02
CA PHE E 423 -6.13 31.34 13.22
C PHE E 423 -4.85 30.99 13.96
N GLY E 424 -4.10 32.05 14.28
CA GLY E 424 -2.85 31.97 15.05
C GLY E 424 -1.76 31.19 14.32
N ASP E 425 -1.79 31.24 12.98
CA ASP E 425 -0.72 30.64 12.19
C ASP E 425 0.50 31.58 12.18
N GLY E 426 0.22 32.88 12.19
CA GLY E 426 1.26 33.91 12.24
C GLY E 426 1.20 34.61 13.60
N MET E 427 2.33 34.69 14.27
CA MET E 427 2.43 35.31 15.59
C MET E 427 3.19 36.62 15.49
N PHE E 428 2.58 37.70 15.97
CA PHE E 428 3.17 39.04 15.89
C PHE E 428 3.65 39.39 17.30
N GLY E 429 4.87 39.91 17.34
CA GLY E 429 5.51 40.26 18.62
C GLY E 429 5.74 41.76 18.78
N LYS E 430 5.74 42.47 17.66
CA LYS E 430 6.09 43.89 17.68
C LYS E 430 4.94 44.69 18.18
N VAL E 431 5.12 45.53 19.17
CA VAL E 431 4.11 46.43 19.74
C VAL E 431 3.41 47.40 18.79
N PHE E 432 4.25 47.89 17.94
CA PHE E 432 3.86 48.93 17.00
C PHE E 432 3.12 48.26 15.88
N SER E 433 3.44 47.01 15.62
CA SER E 433 2.72 46.14 14.70
C SER E 433 1.21 46.01 14.87
N PRO E 434 0.84 45.56 16.05
CA PRO E 434 -0.48 45.30 16.55
C PRO E 434 -1.18 46.63 16.77
N ILE E 435 -0.45 47.68 17.15
CA ILE E 435 -1.04 49.01 17.32
C ILE E 435 -1.50 49.57 15.98
N LEU E 436 -0.79 49.21 14.92
CA LEU E 436 -1.18 49.62 13.56
C LEU E 436 -2.39 48.85 13.08
N LEU E 437 -2.46 47.59 13.49
CA LEU E 437 -3.65 46.77 13.20
C LEU E 437 -4.89 47.39 13.86
N LYS E 438 -4.64 48.11 14.97
CA LYS E 438 -5.70 48.72 15.79
C LYS E 438 -6.49 49.73 15.03
N HIS E 439 -5.75 50.29 14.10
CA HIS E 439 -6.28 51.31 13.25
C HIS E 439 -6.29 51.13 11.77
N HIS E 440 -5.93 49.92 11.43
CA HIS E 440 -5.96 49.49 10.04
C HIS E 440 -7.36 48.92 9.79
N ASN E 441 -8.27 49.82 9.41
CA ASN E 441 -9.68 49.45 9.28
C ASN E 441 -10.27 49.76 7.90
N CYS E 442 -11.55 49.48 7.77
CA CYS E 442 -12.32 49.72 6.54
C CYS E 442 -12.08 51.10 5.95
N ALA E 443 -11.61 51.07 4.72
CA ALA E 443 -11.53 52.27 3.86
C ALA E 443 -12.15 51.86 2.53
N MET E 444 -13.44 51.55 2.62
CA MET E 444 -14.17 50.95 1.51
C MET E 444 -13.72 51.51 0.15
N GLU E 445 -13.40 50.60 -0.76
CA GLU E 445 -13.66 49.18 -0.56
C GLU E 445 -12.47 48.35 -0.15
N GLU E 446 -11.53 49.03 0.47
CA GLU E 446 -10.31 48.35 0.96
C GLU E 446 -10.14 48.64 2.44
N ILE E 447 -8.89 48.52 2.90
CA ILE E 447 -8.50 48.88 4.26
C ILE E 447 -7.27 49.77 4.20
N ARG E 448 -7.19 50.68 5.15
CA ARG E 448 -6.07 51.61 5.30
C ARG E 448 -5.97 52.01 6.77
N ALA E 449 -5.20 53.04 7.06
CA ALA E 449 -4.99 53.60 8.39
C ALA E 449 -5.83 54.86 8.44
N ARG E 450 -6.61 54.94 9.51
CA ARG E 450 -7.46 56.13 9.73
C ARG E 450 -6.58 57.36 9.95
N GLY E 451 -7.23 58.51 10.00
CA GLY E 451 -6.54 59.81 10.08
C GLY E 451 -5.48 59.82 11.19
N MET E 452 -4.29 60.26 10.79
CA MET E 452 -3.14 60.45 11.71
C MET E 452 -2.46 59.14 12.15
N LYS E 453 -2.72 58.07 11.43
CA LYS E 453 -2.05 56.79 11.72
C LYS E 453 -1.29 56.27 10.50
N GLU E 454 -0.32 55.42 10.78
CA GLU E 454 0.52 54.78 9.75
C GLU E 454 0.08 53.34 9.54
N MET E 455 0.25 52.82 8.35
CA MET E 455 -0.09 51.41 8.06
C MET E 455 1.11 50.68 7.43
N ARG E 456 2.28 51.28 7.55
CA ARG E 456 3.50 50.73 6.92
C ARG E 456 3.82 49.32 7.38
N ILE E 457 3.65 49.09 8.68
CA ILE E 457 3.95 47.78 9.26
C ILE E 457 2.95 46.71 8.81
N CYS E 458 1.70 47.15 8.75
CA CYS E 458 0.58 46.26 8.41
C CYS E 458 0.64 45.95 6.92
N ASP E 459 0.93 46.97 6.13
CA ASP E 459 0.99 46.86 4.69
C ASP E 459 2.11 45.97 4.30
N THR E 460 3.21 45.93 5.03
CA THR E 460 4.29 45.01 4.66
C THR E 460 4.03 43.56 5.12
N LEU E 461 3.16 43.40 6.09
CA LEU E 461 2.62 42.07 6.42
C LEU E 461 1.60 41.59 5.40
N GLU E 462 0.89 42.52 4.79
CA GLU E 462 -0.02 42.22 3.66
C GLU E 462 0.73 41.54 2.49
N PRO E 463 1.96 41.94 2.16
CA PRO E 463 2.90 41.43 1.17
C PRO E 463 3.19 40.00 1.58
N VAL E 464 3.45 39.77 2.86
CA VAL E 464 3.69 38.41 3.37
C VAL E 464 2.44 37.56 3.18
N MET E 465 1.30 38.16 3.43
CA MET E 465 0.04 37.42 3.28
C MET E 465 -0.20 36.97 1.85
N GLN E 466 0.04 37.90 0.92
CA GLN E 466 -0.05 37.60 -0.51
C GLN E 466 0.99 36.55 -0.92
N THR E 467 2.18 36.70 -0.37
CA THR E 467 3.29 35.77 -0.62
C THR E 467 2.92 34.38 -0.09
N HIS E 468 2.19 34.37 1.02
CA HIS E 468 1.71 33.17 1.70
C HIS E 468 0.88 32.26 0.80
N ARG E 469 0.17 32.89 -0.13
CA ARG E 469 -0.65 32.15 -1.11
C ARG E 469 0.19 31.49 -2.18
N LEU E 470 1.29 32.15 -2.50
CA LEU E 470 2.13 31.72 -3.62
C LEU E 470 2.71 30.33 -3.38
N VAL E 471 2.76 29.56 -4.46
CA VAL E 471 3.27 28.19 -4.45
C VAL E 471 4.77 28.18 -4.12
N ILE E 472 5.53 29.15 -4.60
CA ILE E 472 6.98 29.17 -4.35
C ILE E 472 7.27 29.32 -2.86
N ARG E 473 6.37 30.03 -2.19
CA ARG E 473 6.49 30.28 -0.75
C ARG E 473 6.37 29.00 0.06
N ASP E 474 5.62 28.04 -0.48
CA ASP E 474 5.43 26.75 0.20
C ASP E 474 6.74 25.98 0.37
N GLU E 475 7.88 26.68 0.40
CA GLU E 475 9.08 26.30 1.18
C GLU E 475 10.32 27.16 1.01
N VAL E 476 10.16 28.48 0.87
CA VAL E 476 11.34 29.38 0.92
C VAL E 476 11.92 29.42 2.35
#